data_7MEY
#
_entry.id   7MEY
#
_cell.length_a   1.00
_cell.length_b   1.00
_cell.length_c   1.00
_cell.angle_alpha   90.00
_cell.angle_beta   90.00
_cell.angle_gamma   90.00
#
_symmetry.space_group_name_H-M   'P 1'
#
loop_
_entity.id
_entity.type
_entity.pdbx_description
1 polymer 'E3 ubiquitin-protein ligase UBR1'
2 polymer Ubiquitin
3 polymer 'Ubiquitin-conjugating enzyme E2 2'
4 polymer Ubiquitin
5 polymer 'Monoubiquitinated N-degron'
6 non-polymer 'ZINC ION'
7 non-polymer 2-(ethylamino)ethane-1-thiol
#
loop_
_entity_poly.entity_id
_entity_poly.type
_entity_poly.pdbx_seq_one_letter_code
_entity_poly.pdbx_strand_id
1 'polypeptide(L)'
;MSVADDDLGSLQGHIRRTLRSIHNLPYFRYTRGPTERADMSRALKEFIYRYLYFVISNSGENLPTLFNAHPKQKLSNPEL
TVFPDSLEDAVDIDKITSQQTIPFYKIDESRIGDVHKHTGRNCGRKFKIGEPLYRCHECGCDDTCVLCIHCFNPKDHVNH
HVCTDICTEFTSGICDCGDEEAWNSPLHCKAEEQENDISEDPATNADIKEEDVWNDSVNIALVELVLAEVFDYFIDVFNQ
NIEPLPTIQKDITIKLREMTQQGKMYERAQFLNDLKYENDYMFDGTTTAKTSPSNSPEASPSLAKIDPENYTVIIYNDEY
HNYSQATTALRQGVPDNVHIDLLTSRIDGEGRAMLKCSQDLSSVLGGFFAVQTNGLSATLTSWSEYLHQETCKYIILWIT
HCLNIPNSSFQTTFRNMMGKTLCSEYLNATECRDMTPVVEKYFSNKFDKNDPYRYIDLSILADGNQIPLGHHKILPESST
HSLSPLINDVETPTSRTYSNTRLQHILYFDNRYWKRLRKDIQNVIIPTLASSNLYKPIFCQQVVEIFNHITRSVAYMDRE
PQLTAIRECVVQLFTCPTNAKNIFENQSFLDIVWSIIDIFKEFCKVEGGVLIWQRVQKSNLTKSYSISFKQGLYTVETLL
SKVHDPNIPLRPKEIISLLTLCKLFNGAWKIKRKEGEHVLHEDQNFISYLEYTTSIYSIIQTAEKVSEKSKDSIDSKLFL
NAIRIISSFLGNRSLTYKLIYDSHEVIKFSVSHERVAFMNPLQTMLSFLIEKVSLKDAYEALEDCSDFLKISDFSLRSVV
LCSQIDVGFWVRNGMSVLHQASYYKNNPELGSYSRDIHLNQLAILWERDDIPRIIYNILDRWELLDWFTGEVDYQHTVYE
DKISFIIQQFIAFIYQILTERQYFKTFSSLKDRRMDQIKNSIIYNLYMKPLSYSKLLRSVPDYLTEDTTEFDEALEEVSV
FVEPKGLADNGVFKLKASLYAKVDPLKLLNLENEFESSATIIKSHLAKDKDEIAKVVLIPQVSIKQLDKDALNLGAFTRN
TVFAKVVYKLLQVCLDMEDSTFLNELLHLVHGIFRDDELINGKDSIPEAYLSKPICNLLLSIANAKSDVFSESIVRKADY
LLEKMIMKKPNELFESLIASFGNQYVNDYKDKKLRQGVNLQETEKERKRRLAKKHQARLLAKFNNQQTKFMKEHESEFDE
QDNDVDMVGEKVYESEDFTCALCQDSSSTDFFVIPAYHDHSPIFRPGNIFNPNEFMPMWDGFYNDDEKQAYIDDDVLEAL
KENGSCGSRKVFVSCNHHIHHNCFKRYVQKKRFSSNAFICPLCQTFSNCTLPLCQTSKANTGLSLDMFLESELSLDTLSR
LFKPFTEENYRTINSIFSLMISQCQGFDKAVRKRANFSHKDVSLILSVHWANTISMLEIASRLEKPYSISFFRSREQKYK
TLKNILVCIMLFTFVIGKPSMEFEPYPQQPDTVWNQNQLFQYIVRSALFSPVSLRQTVTEALTTFSRQFLRDFLQGLSDA
EQVTKLYAKASKIGDVLKVSEQMLFALRTISDVRMEGLDSESIIYDLAYTFLLKSLLPTIRRCLVFIKVLHELVKDSENE
TLVINGHEVEEELEFEDTAEFVNKALKMITEKESLVDLLTTQESIVSHPYLENIPYEYCGIIKLIDLSKYLNTYVTQSKE
IKLREERSQHMKNADNRLDFKICLTCGVKVHLRADRHEMTKHLNKNCFKPFGAFLMPNSSEVCLHLTQPPSNIFISAPYL
NSHGEVGRNAMRRGDLTTLNLKRYEHLNRLWINNEIPGYISRVMGDEFRVTILSNGFLFAFNREPRPRRIPPTDEDDEDM
EEGEDGFFTEGNDEMDVDDETGQAANLFGVGAEGIAGGGVRDFFQFFENFRNTLQPQGNGDDDAPQNPPPILQFLGPQFD
GATIIRNTNPRNLDEDDSDDNDDSDEREIW
;
A
2 'polypeptide(L)' MQIFVKTLTGKTITLEVEPSDTIENVKAKIQDKEGIPPDQQRLIFAGCQLEDGRTLSDYNIQKESTLHLVLRLRG C
3 'polypeptide(L)'
;MSTPARRRLMRDFKRMKEDAPPGVSASPLPDNVMVWNAMIIGPADTPYEDGTFRLLLEFDEEYPNKPPHVKFLSEMFHPN
VYANGEICLDILQNRWTPTYDVASILTSIQSLFNDPNPASPANVEAATLFKDHKSQYVKRVKETVEKSWEDDMDDMDDDD
DDDDDDDDDEAD
;
B
4 'polypeptide(L)' MQIFVKTLTGKTITLEVEPSDTIENVKAKIQDKEGIPPDQQRLIFAGKQLEDGRTLSDYNIQKESTLHLVLRLRG D
5 'polypeptide(L)' RHGSGSGAWLLPVSLVKRKTTLAPNTQTASPPSYRALADSLMQ F
#
loop_
_chem_comp.id
_chem_comp.type
_chem_comp.name
_chem_comp.formula
Z3V non-polymer 2-(ethylamino)ethane-1-thiol 'C4 H11 N S'
ZN non-polymer 'ZINC ION' 'Zn 2'
#
# COMPACT_ATOMS: atom_id res chain seq x y z
N GLY A 9 26.20 -54.74 -17.29
CA GLY A 9 26.00 -56.11 -17.68
C GLY A 9 24.68 -56.67 -17.20
N SER A 10 24.72 -57.54 -16.19
CA SER A 10 23.51 -58.12 -15.63
C SER A 10 22.72 -57.12 -14.79
N LEU A 11 23.30 -55.96 -14.49
CA LEU A 11 22.60 -54.98 -13.66
C LEU A 11 21.34 -54.48 -14.35
N GLN A 12 21.42 -54.20 -15.66
CA GLN A 12 20.25 -53.74 -16.38
C GLN A 12 19.14 -54.78 -16.37
N GLY A 13 19.49 -56.03 -16.67
CA GLY A 13 18.49 -57.09 -16.67
C GLY A 13 17.89 -57.31 -15.30
N HIS A 14 18.73 -57.25 -14.26
CA HIS A 14 18.22 -57.41 -12.90
C HIS A 14 17.25 -56.28 -12.55
N ILE A 15 17.60 -55.04 -12.90
CA ILE A 15 16.73 -53.91 -12.62
C ILE A 15 15.41 -54.07 -13.34
N ARG A 16 15.46 -54.46 -14.61
CA ARG A 16 14.22 -54.64 -15.38
C ARG A 16 13.36 -55.75 -14.77
N ARG A 17 13.97 -56.87 -14.41
CA ARG A 17 13.22 -57.98 -13.84
C ARG A 17 12.58 -57.59 -12.51
N THR A 18 13.32 -56.88 -11.65
CA THR A 18 12.78 -56.46 -10.38
C THR A 18 11.63 -55.46 -10.55
N LEU A 19 11.84 -54.44 -11.40
CA LEU A 19 10.83 -53.40 -11.54
C LEU A 19 9.58 -53.91 -12.23
N ARG A 20 9.73 -54.80 -13.21
CA ARG A 20 8.60 -55.32 -13.96
C ARG A 20 7.95 -56.51 -13.27
N SER A 21 8.10 -56.64 -11.96
CA SER A 21 7.50 -57.73 -11.22
C SER A 21 6.93 -57.29 -9.87
N ILE A 22 6.62 -56.01 -9.71
CA ILE A 22 6.11 -55.52 -8.43
C ILE A 22 4.76 -56.18 -8.12
N HIS A 23 3.87 -56.23 -9.12
CA HIS A 23 2.59 -56.88 -8.92
C HIS A 23 2.73 -58.39 -8.79
N ASN A 24 3.85 -58.95 -9.26
CA ASN A 24 4.06 -60.39 -9.18
C ASN A 24 4.26 -60.85 -7.74
N LEU A 25 4.67 -59.95 -6.85
CA LEU A 25 4.83 -60.32 -5.45
C LEU A 25 3.47 -60.64 -4.82
N PRO A 26 3.43 -61.55 -3.85
CA PRO A 26 2.14 -61.89 -3.24
C PRO A 26 1.63 -60.84 -2.27
N TYR A 27 2.51 -59.96 -1.77
CA TYR A 27 2.05 -58.91 -0.87
C TYR A 27 1.12 -57.94 -1.56
N PHE A 28 1.44 -57.56 -2.80
CA PHE A 28 0.67 -56.59 -3.55
C PHE A 28 -0.42 -57.21 -4.41
N ARG A 29 -0.50 -58.54 -4.48
CA ARG A 29 -1.32 -59.19 -5.50
C ARG A 29 -2.79 -58.87 -5.33
N TYR A 30 -3.29 -58.86 -4.10
CA TYR A 30 -4.70 -58.68 -3.83
C TYR A 30 -5.01 -57.23 -3.48
N THR A 31 -6.17 -56.75 -3.95
CA THR A 31 -6.61 -55.40 -3.64
C THR A 31 -6.94 -55.28 -2.16
N ARG A 32 -6.76 -54.08 -1.62
CA ARG A 32 -6.93 -53.83 -0.19
C ARG A 32 -7.71 -52.55 0.01
N GLY A 33 -8.16 -52.35 1.25
CA GLY A 33 -8.96 -51.19 1.61
C GLY A 33 -8.14 -49.93 1.73
N PRO A 34 -8.82 -48.78 1.81
CA PRO A 34 -8.11 -47.49 1.80
C PRO A 34 -7.06 -47.34 2.89
N THR A 35 -7.33 -47.85 4.09
CA THR A 35 -6.33 -47.77 5.15
C THR A 35 -5.12 -48.63 4.87
N GLU A 36 -5.28 -49.69 4.07
CA GLU A 36 -4.16 -50.53 3.68
C GLU A 36 -3.44 -50.02 2.44
N ARG A 37 -3.95 -48.96 1.81
CA ARG A 37 -3.13 -48.27 0.81
C ARG A 37 -1.97 -47.53 1.45
N ALA A 38 -2.16 -46.98 2.65
CA ALA A 38 -1.13 -46.12 3.23
C ALA A 38 0.13 -46.92 3.58
N ASP A 39 -0.02 -48.04 4.29
CA ASP A 39 1.14 -48.82 4.66
C ASP A 39 1.77 -49.49 3.45
N MET A 40 0.95 -49.91 2.48
CA MET A 40 1.48 -50.45 1.24
C MET A 40 2.29 -49.41 0.49
N SER A 41 1.80 -48.17 0.46
CA SER A 41 2.54 -47.09 -0.20
C SER A 41 3.84 -46.78 0.52
N ARG A 42 3.82 -46.79 1.85
CA ARG A 42 5.06 -46.60 2.60
C ARG A 42 6.05 -47.72 2.31
N ALA A 43 5.56 -48.96 2.23
CA ALA A 43 6.41 -50.09 1.90
C ALA A 43 7.00 -49.95 0.50
N LEU A 44 6.17 -49.53 -0.47
CA LEU A 44 6.67 -49.32 -1.82
C LEU A 44 7.73 -48.23 -1.85
N LYS A 45 7.49 -47.13 -1.14
CA LYS A 45 8.47 -46.05 -1.10
C LYS A 45 9.79 -46.52 -0.51
N GLU A 46 9.73 -47.21 0.63
CA GLU A 46 10.95 -47.69 1.26
C GLU A 46 11.66 -48.71 0.37
N PHE A 47 10.90 -49.61 -0.25
CA PHE A 47 11.51 -50.64 -1.09
C PHE A 47 12.19 -50.02 -2.31
N ILE A 48 11.50 -49.10 -2.98
CA ILE A 48 12.08 -48.45 -4.16
C ILE A 48 13.31 -47.64 -3.76
N TYR A 49 13.21 -46.85 -2.69
CA TYR A 49 14.34 -46.05 -2.24
C TYR A 49 15.54 -46.94 -1.92
N ARG A 50 15.31 -48.01 -1.14
CA ARG A 50 16.39 -48.89 -0.72
C ARG A 50 17.03 -49.57 -1.93
N TYR A 51 16.20 -50.10 -2.83
CA TYR A 51 16.73 -50.84 -3.97
C TYR A 51 17.52 -49.93 -4.90
N LEU A 52 16.96 -48.76 -5.21
CA LEU A 52 17.64 -47.86 -6.13
C LEU A 52 18.89 -47.26 -5.52
N TYR A 53 18.89 -46.96 -4.21
CA TYR A 53 20.10 -46.47 -3.57
C TYR A 53 21.17 -47.55 -3.48
N PHE A 54 20.76 -48.80 -3.26
CA PHE A 54 21.73 -49.89 -3.28
C PHE A 54 22.34 -50.06 -4.66
N VAL A 55 21.52 -50.03 -5.71
CA VAL A 55 22.03 -50.27 -7.05
C VAL A 55 22.88 -49.10 -7.52
N ILE A 56 22.45 -47.87 -7.26
CA ILE A 56 23.16 -46.70 -7.75
C ILE A 56 24.58 -46.64 -7.19
N SER A 57 24.78 -47.16 -5.98
CA SER A 57 26.12 -47.34 -5.45
C SER A 57 26.75 -48.58 -6.05
N ASN A 58 28.07 -48.55 -6.19
CA ASN A 58 28.80 -49.64 -6.84
C ASN A 58 28.63 -50.91 -6.00
N SER A 59 27.82 -51.83 -6.49
CA SER A 59 27.50 -53.10 -5.82
C SER A 59 26.85 -52.91 -4.46
N GLY A 60 26.50 -51.68 -4.09
CA GLY A 60 25.87 -51.44 -2.82
C GLY A 60 26.79 -51.29 -1.64
N GLU A 61 28.02 -50.83 -1.84
CA GLU A 61 28.95 -50.57 -0.75
C GLU A 61 29.32 -49.11 -0.61
N ASN A 62 28.98 -48.26 -1.58
CA ASN A 62 29.38 -46.86 -1.58
C ASN A 62 28.41 -45.97 -0.81
N LEU A 63 27.38 -46.56 -0.21
CA LEU A 63 26.42 -45.76 0.56
C LEU A 63 27.03 -44.93 1.68
N PRO A 64 27.97 -45.42 2.49
CA PRO A 64 28.47 -44.59 3.60
C PRO A 64 29.09 -43.28 3.15
N THR A 65 29.60 -43.21 1.92
CA THR A 65 30.13 -41.94 1.43
C THR A 65 29.03 -40.90 1.25
N LEU A 66 27.78 -41.35 1.13
CA LEU A 66 26.64 -40.46 0.94
C LEU A 66 25.87 -40.21 2.24
N PHE A 67 25.42 -41.26 2.89
CA PHE A 67 24.59 -41.14 4.10
C PHE A 67 25.41 -41.44 5.34
N ASN A 68 24.86 -41.04 6.48
CA ASN A 68 25.55 -41.23 7.75
C ASN A 68 25.65 -42.71 8.08
N ALA A 69 26.85 -43.17 8.44
CA ALA A 69 27.08 -44.58 8.70
C ALA A 69 26.31 -45.06 9.91
N HIS A 70 26.28 -44.26 10.98
CA HIS A 70 25.64 -44.65 12.25
C HIS A 70 24.64 -43.58 12.64
N PRO A 71 23.45 -43.59 12.06
CA PRO A 71 22.42 -42.63 12.44
C PRO A 71 21.84 -42.97 13.81
N LYS A 72 20.83 -42.20 14.20
CA LYS A 72 20.07 -42.51 15.40
C LYS A 72 19.22 -43.76 15.17
N GLN A 73 18.54 -44.20 16.23
CA GLN A 73 17.64 -45.35 16.18
C GLN A 73 18.39 -46.61 15.77
N LYS A 74 19.69 -46.66 16.05
CA LYS A 74 20.52 -47.76 15.58
C LYS A 74 20.10 -49.09 16.21
N LEU A 75 19.80 -49.09 17.51
CA LEU A 75 19.40 -50.30 18.20
C LEU A 75 18.43 -50.00 19.34
N LEU A 80 18.59 -55.50 11.10
CA LEU A 80 18.55 -54.17 11.68
C LEU A 80 19.80 -53.38 11.32
N THR A 81 20.46 -53.76 10.25
CA THR A 81 21.64 -53.04 9.79
C THR A 81 21.23 -51.73 9.12
N VAL A 82 22.16 -50.77 9.13
CA VAL A 82 21.89 -49.47 8.53
C VAL A 82 21.69 -49.62 7.02
N PHE A 83 22.56 -50.37 6.37
CA PHE A 83 22.54 -50.53 4.92
C PHE A 83 22.18 -51.96 4.53
N PRO A 84 21.58 -52.14 3.35
CA PRO A 84 21.23 -53.50 2.92
C PRO A 84 22.46 -54.39 2.77
N ASP A 85 22.28 -55.67 3.09
CA ASP A 85 23.39 -56.62 2.98
C ASP A 85 23.76 -56.87 1.52
N SER A 86 22.77 -57.14 0.68
CA SER A 86 23.00 -57.45 -0.72
C SER A 86 21.76 -57.08 -1.53
N LEU A 87 21.73 -57.51 -2.79
CA LEU A 87 20.59 -57.20 -3.65
C LEU A 87 19.31 -57.83 -3.11
N GLU A 88 19.38 -59.08 -2.65
CA GLU A 88 18.20 -59.73 -2.10
C GLU A 88 17.80 -59.11 -0.78
N ASP A 89 18.76 -58.58 -0.01
CA ASP A 89 18.45 -57.93 1.25
C ASP A 89 17.70 -56.63 1.07
N ALA A 90 17.80 -56.00 -0.10
CA ALA A 90 17.10 -54.76 -0.37
C ALA A 90 15.78 -54.96 -1.10
N VAL A 91 15.58 -56.12 -1.74
CA VAL A 91 14.36 -56.36 -2.50
C VAL A 91 13.27 -57.04 -1.68
N ASP A 92 13.62 -57.68 -0.57
CA ASP A 92 12.64 -58.40 0.22
C ASP A 92 11.63 -57.45 0.86
N ILE A 93 10.42 -57.96 1.09
CA ILE A 93 9.37 -57.18 1.74
C ILE A 93 9.04 -57.68 3.13
N ASP A 94 9.48 -58.88 3.50
CA ASP A 94 9.23 -59.37 4.85
C ASP A 94 9.89 -58.47 5.89
N LYS A 95 11.14 -58.07 5.65
CA LYS A 95 11.81 -57.15 6.55
C LYS A 95 11.13 -55.78 6.56
N ILE A 96 10.75 -55.28 5.38
CA ILE A 96 10.18 -53.93 5.30
C ILE A 96 8.84 -53.86 6.02
N THR A 97 7.97 -54.85 5.81
CA THR A 97 6.67 -54.83 6.46
C THR A 97 6.75 -55.19 7.94
N SER A 98 7.84 -55.79 8.38
CA SER A 98 8.04 -56.08 9.80
C SER A 98 8.63 -54.90 10.57
N GLN A 99 8.89 -53.78 9.89
CA GLN A 99 9.46 -52.58 10.52
C GLN A 99 10.81 -52.88 11.16
N GLN A 100 11.59 -53.77 10.54
CA GLN A 100 12.92 -54.09 11.02
C GLN A 100 13.98 -53.17 10.44
N THR A 101 13.88 -52.87 9.14
CA THR A 101 14.87 -52.01 8.50
C THR A 101 14.68 -50.57 8.97
N ILE A 102 15.70 -49.75 8.70
CA ILE A 102 15.72 -48.37 9.15
C ILE A 102 15.85 -47.44 7.95
N PRO A 103 15.17 -46.30 7.93
CA PRO A 103 15.33 -45.35 6.82
C PRO A 103 16.68 -44.66 6.85
N PHE A 104 17.72 -45.34 6.35
CA PHE A 104 19.05 -44.77 6.35
C PHE A 104 19.16 -43.54 5.46
N TYR A 105 18.35 -43.47 4.40
CA TYR A 105 18.48 -42.39 3.43
C TYR A 105 18.13 -41.03 3.99
N LYS A 106 17.29 -40.98 5.03
CA LYS A 106 16.86 -39.70 5.58
C LYS A 106 18.05 -38.89 6.07
N ILE A 107 18.11 -37.63 5.68
CA ILE A 107 19.20 -36.75 6.07
C ILE A 107 18.64 -35.49 6.72
N ASP A 108 17.49 -35.63 7.38
CA ASP A 108 16.85 -34.50 8.06
C ASP A 108 17.50 -34.30 9.43
N GLU A 109 18.65 -33.63 9.41
CA GLU A 109 19.34 -33.25 10.65
C GLU A 109 19.59 -31.76 10.69
N SER A 110 20.37 -31.31 11.66
CA SER A 110 20.78 -29.90 11.76
C SER A 110 22.12 -29.65 11.08
N ARG A 111 22.79 -30.67 10.56
CA ARG A 111 24.08 -30.51 9.90
C ARG A 111 23.94 -30.10 8.44
N ILE A 112 22.72 -30.07 7.90
CA ILE A 112 22.51 -29.73 6.50
C ILE A 112 22.56 -28.22 6.34
N GLY A 113 23.73 -27.70 5.96
CA GLY A 113 23.89 -26.28 5.74
C GLY A 113 23.86 -25.89 4.28
N ASP A 114 23.33 -26.79 3.45
CA ASP A 114 23.24 -26.65 1.99
C ASP A 114 24.52 -26.06 1.39
N VAL A 115 25.67 -26.49 1.92
CA VAL A 115 26.95 -25.96 1.45
C VAL A 115 27.20 -26.48 0.04
N HIS A 116 27.06 -25.59 -0.95
CA HIS A 116 27.26 -25.93 -2.35
C HIS A 116 28.30 -24.98 -2.92
N LYS A 117 29.36 -25.54 -3.48
CA LYS A 117 30.42 -24.77 -4.11
C LYS A 117 30.34 -24.95 -5.61
N HIS A 118 30.15 -23.86 -6.34
CA HIS A 118 30.02 -23.88 -7.78
C HIS A 118 30.92 -22.81 -8.40
N THR A 119 31.42 -23.12 -9.61
CA THR A 119 32.30 -22.21 -10.33
C THR A 119 31.82 -22.18 -11.78
N GLY A 120 31.10 -21.13 -12.15
CA GLY A 120 30.54 -20.98 -13.49
C GLY A 120 29.18 -21.63 -13.65
N ARG A 121 29.02 -22.86 -13.18
CA ARG A 121 27.74 -23.55 -13.26
C ARG A 121 26.70 -22.85 -12.41
N ASN A 122 25.47 -22.81 -12.89
CA ASN A 122 24.40 -22.13 -12.19
C ASN A 122 24.10 -22.81 -10.86
N CYS A 123 23.73 -22.00 -9.86
CA CYS A 123 23.41 -22.53 -8.54
C CYS A 123 22.22 -23.48 -8.61
N GLY A 124 21.18 -23.10 -9.33
CA GLY A 124 20.04 -23.98 -9.55
C GLY A 124 19.34 -24.42 -8.30
N ARG A 125 19.47 -23.68 -7.20
CA ARG A 125 18.89 -24.08 -5.93
C ARG A 125 17.42 -23.65 -5.89
N LYS A 126 16.52 -24.61 -5.86
CA LYS A 126 15.10 -24.30 -5.79
C LYS A 126 14.78 -23.60 -4.47
N PHE A 127 13.78 -22.72 -4.51
CA PHE A 127 13.43 -21.87 -3.38
C PHE A 127 12.31 -22.49 -2.57
N LYS A 128 12.58 -22.75 -1.30
CA LYS A 128 11.56 -23.16 -0.36
C LYS A 128 10.72 -21.96 0.05
N ILE A 129 9.57 -22.22 0.67
CA ILE A 129 8.70 -21.15 1.12
C ILE A 129 9.40 -20.35 2.21
N GLY A 130 9.29 -19.02 2.11
CA GLY A 130 9.88 -18.12 3.09
C GLY A 130 11.29 -17.68 2.80
N GLU A 131 11.93 -18.22 1.76
CA GLU A 131 13.28 -17.80 1.44
C GLU A 131 13.25 -16.48 0.66
N PRO A 132 14.20 -15.58 0.92
CA PRO A 132 14.23 -14.32 0.20
C PRO A 132 14.73 -14.48 -1.22
N LEU A 133 14.29 -13.56 -2.09
CA LEU A 133 14.82 -13.43 -3.44
C LEU A 133 15.38 -12.02 -3.59
N TYR A 134 16.63 -11.93 -4.01
CA TYR A 134 17.34 -10.64 -4.08
C TYR A 134 17.39 -10.22 -5.54
N ARG A 135 16.32 -9.57 -6.00
CA ARG A 135 16.23 -9.08 -7.37
C ARG A 135 16.84 -7.69 -7.42
N CYS A 136 18.14 -7.62 -7.72
CA CYS A 136 18.79 -6.33 -7.91
C CYS A 136 18.24 -5.67 -9.15
N HIS A 137 17.84 -4.41 -9.02
CA HIS A 137 17.19 -3.69 -10.12
C HIS A 137 18.19 -3.06 -11.07
N GLU A 138 19.49 -3.20 -10.83
CA GLU A 138 20.50 -2.60 -11.69
C GLU A 138 21.49 -3.60 -12.26
N CYS A 139 21.90 -4.60 -11.47
CA CYS A 139 22.82 -5.62 -11.98
C CYS A 139 22.10 -6.62 -12.88
N GLY A 140 20.86 -6.98 -12.53
CA GLY A 140 20.14 -7.97 -13.29
C GLY A 140 19.85 -7.49 -14.71
N CYS A 141 20.16 -8.33 -15.70
CA CYS A 141 19.90 -7.98 -17.09
C CYS A 141 18.40 -7.94 -17.38
N ASP A 142 17.57 -8.56 -16.56
CA ASP A 142 16.13 -8.54 -16.74
C ASP A 142 15.49 -8.47 -15.35
N ASP A 143 14.18 -8.68 -15.31
CA ASP A 143 13.45 -8.68 -14.05
C ASP A 143 13.26 -10.07 -13.47
N THR A 144 13.79 -11.11 -14.14
CA THR A 144 13.62 -12.47 -13.65
C THR A 144 14.85 -12.99 -12.92
N CYS A 145 16.04 -12.44 -13.18
CA CYS A 145 17.25 -12.92 -12.55
C CYS A 145 17.23 -12.64 -11.05
N VAL A 146 17.19 -13.70 -10.24
CA VAL A 146 17.16 -13.58 -8.80
C VAL A 146 18.47 -14.13 -8.23
N LEU A 147 18.61 -14.07 -6.91
CA LEU A 147 19.77 -14.64 -6.24
C LEU A 147 19.32 -15.28 -4.93
N CYS A 148 20.01 -16.34 -4.53
CA CYS A 148 19.70 -17.01 -3.27
C CYS A 148 20.60 -16.49 -2.15
N ILE A 149 20.31 -16.94 -0.93
CA ILE A 149 20.96 -16.38 0.25
C ILE A 149 22.45 -16.63 0.21
N HIS A 150 22.86 -17.87 -0.07
CA HIS A 150 24.28 -18.21 -0.04
C HIS A 150 25.04 -17.63 -1.23
N CYS A 151 24.34 -17.20 -2.27
CA CYS A 151 24.97 -16.66 -3.46
C CYS A 151 24.93 -15.13 -3.52
N PHE A 152 24.40 -14.48 -2.50
CA PHE A 152 24.22 -13.03 -2.50
C PHE A 152 25.35 -12.36 -1.73
N ASN A 153 26.07 -11.46 -2.40
CA ASN A 153 27.18 -10.72 -1.79
C ASN A 153 26.81 -9.25 -1.69
N PRO A 154 26.46 -8.75 -0.50
CA PRO A 154 26.03 -7.35 -0.40
C PRO A 154 27.11 -6.34 -0.77
N LYS A 155 28.38 -6.73 -0.73
CA LYS A 155 29.45 -5.80 -1.08
C LYS A 155 29.37 -5.38 -2.55
N ASP A 156 28.78 -6.21 -3.40
CA ASP A 156 28.77 -5.93 -4.83
C ASP A 156 27.89 -4.73 -5.18
N HIS A 157 26.86 -4.46 -4.37
CA HIS A 157 25.85 -3.47 -4.71
C HIS A 157 25.65 -2.47 -3.59
N VAL A 158 26.74 -1.85 -3.13
CA VAL A 158 26.60 -0.63 -2.37
C VAL A 158 25.85 0.39 -3.24
N ASN A 159 24.79 0.97 -2.68
CA ASN A 159 23.96 1.95 -3.37
C ASN A 159 23.32 1.37 -4.63
N HIS A 160 22.58 0.28 -4.46
CA HIS A 160 21.70 -0.24 -5.49
C HIS A 160 20.28 -0.34 -4.97
N HIS A 161 19.36 -0.60 -5.89
CA HIS A 161 17.95 -0.85 -5.56
C HIS A 161 17.76 -2.37 -5.53
N VAL A 162 17.79 -2.95 -4.34
CA VAL A 162 17.69 -4.39 -4.20
C VAL A 162 16.32 -4.76 -3.62
N CYS A 163 15.38 -5.08 -4.50
CA CYS A 163 14.03 -5.42 -4.08
C CYS A 163 14.03 -6.84 -3.54
N THR A 164 14.03 -6.98 -2.23
CA THR A 164 13.99 -8.29 -1.60
C THR A 164 12.55 -8.78 -1.51
N ASP A 165 12.30 -9.97 -2.04
CA ASP A 165 10.97 -10.57 -2.04
C ASP A 165 11.03 -11.92 -1.31
N ILE A 166 9.94 -12.25 -0.64
CA ILE A 166 9.84 -13.50 0.13
C ILE A 166 9.17 -14.54 -0.74
N CYS A 167 9.80 -15.71 -0.87
CA CYS A 167 9.24 -16.79 -1.66
C CYS A 167 7.95 -17.31 -1.02
N THR A 168 6.97 -17.60 -1.86
CA THR A 168 5.65 -18.07 -1.44
C THR A 168 5.38 -19.43 -2.06
N GLU A 169 4.14 -19.90 -1.89
CA GLU A 169 3.76 -21.19 -2.45
C GLU A 169 3.85 -21.19 -3.98
N PHE A 170 3.21 -20.22 -4.62
CA PHE A 170 3.11 -20.17 -6.07
C PHE A 170 4.38 -19.66 -6.74
N THR A 171 5.35 -19.16 -5.98
CA THR A 171 6.58 -18.62 -6.52
C THR A 171 7.63 -19.74 -6.53
N SER A 172 7.95 -20.24 -7.71
CA SER A 172 8.93 -21.31 -7.87
C SER A 172 9.99 -20.89 -8.87
N GLY A 173 11.25 -21.07 -8.50
CA GLY A 173 12.35 -20.68 -9.35
C GLY A 173 13.66 -21.15 -8.77
N ILE A 174 14.75 -20.73 -9.42
CA ILE A 174 16.09 -21.14 -9.04
C ILE A 174 16.98 -19.91 -8.92
N CYS A 175 18.08 -20.07 -8.19
CA CYS A 175 19.10 -19.04 -8.15
C CYS A 175 19.82 -18.96 -9.49
N ASP A 176 20.59 -17.89 -9.68
CA ASP A 176 21.27 -17.67 -10.96
C ASP A 176 22.70 -17.20 -10.76
N CYS A 177 23.34 -17.64 -9.68
CA CYS A 177 24.72 -17.26 -9.45
C CYS A 177 25.63 -17.93 -10.48
N GLY A 178 26.62 -17.18 -10.96
CA GLY A 178 27.55 -17.70 -11.94
C GLY A 178 27.11 -17.61 -13.38
N ASP A 179 25.90 -17.12 -13.65
CA ASP A 179 25.42 -16.94 -15.01
C ASP A 179 25.91 -15.57 -15.49
N GLU A 180 26.97 -15.59 -16.31
CA GLU A 180 27.58 -14.34 -16.74
C GLU A 180 26.66 -13.55 -17.65
N GLU A 181 25.79 -14.22 -18.40
CA GLU A 181 24.87 -13.53 -19.29
C GLU A 181 23.71 -12.87 -18.56
N ALA A 182 23.34 -13.39 -17.38
CA ALA A 182 22.17 -12.91 -16.66
C ALA A 182 22.44 -11.67 -15.81
N TRP A 183 23.70 -11.29 -15.64
CA TRP A 183 24.06 -10.15 -14.81
C TRP A 183 24.86 -9.15 -15.63
N ASN A 184 24.46 -7.88 -15.56
CA ASN A 184 25.15 -6.85 -16.32
C ASN A 184 26.59 -6.66 -15.85
N SER A 185 26.86 -6.92 -14.57
CA SER A 185 28.18 -6.79 -14.00
C SER A 185 28.58 -8.10 -13.35
N PRO A 186 29.87 -8.46 -13.41
CA PRO A 186 30.30 -9.70 -12.75
C PRO A 186 30.03 -9.66 -11.25
N LEU A 187 29.61 -10.79 -10.72
CA LEU A 187 29.29 -10.92 -9.31
C LEU A 187 30.09 -12.04 -8.69
N HIS A 188 30.33 -11.93 -7.39
CA HIS A 188 31.10 -12.90 -6.64
C HIS A 188 30.19 -13.64 -5.68
N CYS A 189 30.18 -14.96 -5.76
CA CYS A 189 29.42 -15.78 -4.82
C CYS A 189 29.97 -15.58 -3.41
N LYS A 190 29.06 -15.61 -2.43
CA LYS A 190 29.48 -15.44 -1.04
C LYS A 190 30.42 -16.55 -0.60
N ALA A 191 30.22 -17.77 -1.12
CA ALA A 191 31.13 -18.86 -0.83
C ALA A 191 32.54 -18.55 -1.30
N GLU A 192 32.67 -18.02 -2.53
CA GLU A 192 33.97 -17.70 -3.07
C GLU A 192 34.65 -16.55 -2.33
N GLU A 193 33.87 -15.73 -1.63
CA GLU A 193 34.47 -14.67 -0.81
C GLU A 193 35.21 -15.27 0.40
N GLN A 194 34.73 -16.38 0.92
CA GLN A 194 35.37 -17.04 2.06
C GLN A 194 36.78 -17.51 1.71
N GLU A 211 40.88 -39.75 -4.07
CA GLU A 211 39.96 -40.34 -3.11
C GLU A 211 38.51 -40.21 -3.60
N ASP A 212 38.33 -39.53 -4.73
CA ASP A 212 37.00 -39.34 -5.28
C ASP A 212 36.45 -40.66 -5.79
N VAL A 213 35.22 -40.98 -5.38
CA VAL A 213 34.59 -42.23 -5.78
C VAL A 213 33.50 -42.04 -6.83
N TRP A 214 33.01 -40.82 -7.04
CA TRP A 214 31.97 -40.55 -8.01
C TRP A 214 32.50 -39.97 -9.31
N ASN A 215 33.81 -39.96 -9.51
CA ASN A 215 34.41 -39.42 -10.72
C ASN A 215 35.07 -40.47 -11.60
N ASP A 216 35.15 -41.72 -11.15
CA ASP A 216 35.71 -42.77 -11.99
C ASP A 216 34.71 -43.17 -13.07
N SER A 217 35.23 -43.79 -14.13
CA SER A 217 34.40 -44.16 -15.26
C SER A 217 33.36 -45.20 -14.88
N VAL A 218 33.73 -46.14 -14.01
CA VAL A 218 32.82 -47.23 -13.66
C VAL A 218 31.57 -46.69 -12.95
N ASN A 219 31.75 -45.77 -12.00
CA ASN A 219 30.60 -45.28 -11.24
C ASN A 219 29.70 -44.41 -12.10
N ILE A 220 30.27 -43.56 -12.95
CA ILE A 220 29.45 -42.72 -13.80
C ILE A 220 28.71 -43.57 -14.83
N ALA A 221 29.36 -44.61 -15.36
CA ALA A 221 28.66 -45.53 -16.25
C ALA A 221 27.52 -46.23 -15.53
N LEU A 222 27.75 -46.65 -14.29
CA LEU A 222 26.71 -47.34 -13.53
C LEU A 222 25.52 -46.43 -13.27
N VAL A 223 25.78 -45.19 -12.84
CA VAL A 223 24.66 -44.28 -12.55
C VAL A 223 23.92 -43.93 -13.84
N GLU A 224 24.65 -43.81 -14.95
CA GLU A 224 24.01 -43.62 -16.24
C GLU A 224 23.08 -44.77 -16.57
N LEU A 225 23.55 -46.00 -16.33
CA LEU A 225 22.71 -47.17 -16.61
C LEU A 225 21.46 -47.16 -15.75
N VAL A 226 21.60 -46.86 -14.45
CA VAL A 226 20.44 -46.86 -13.57
C VAL A 226 19.43 -45.80 -13.99
N LEU A 227 19.91 -44.59 -14.28
CA LEU A 227 19.01 -43.52 -14.67
C LEU A 227 18.34 -43.81 -16.00
N ALA A 228 19.08 -44.37 -16.96
CA ALA A 228 18.50 -44.70 -18.25
C ALA A 228 17.42 -45.77 -18.09
N GLU A 229 17.68 -46.80 -17.29
CA GLU A 229 16.66 -47.83 -17.07
C GLU A 229 15.43 -47.25 -16.38
N VAL A 230 15.65 -46.36 -15.41
CA VAL A 230 14.53 -45.73 -14.70
C VAL A 230 13.66 -44.95 -15.68
N PHE A 231 14.27 -44.08 -16.48
CA PHE A 231 13.50 -43.28 -17.42
C PHE A 231 12.84 -44.13 -18.50
N ASP A 232 13.51 -45.18 -18.96
CA ASP A 232 12.89 -46.05 -19.96
C ASP A 232 11.66 -46.75 -19.38
N TYR A 233 11.75 -47.22 -18.14
CA TYR A 233 10.58 -47.81 -17.50
C TYR A 233 9.46 -46.80 -17.35
N PHE A 234 9.80 -45.58 -16.94
CA PHE A 234 8.80 -44.52 -16.78
C PHE A 234 8.08 -44.24 -18.09
N ILE A 235 8.84 -44.03 -19.16
CA ILE A 235 8.27 -43.74 -20.46
C ILE A 235 7.45 -44.92 -20.96
N ASP A 236 7.94 -46.14 -20.76
CA ASP A 236 7.21 -47.32 -21.21
C ASP A 236 5.86 -47.44 -20.52
N VAL A 237 5.82 -47.23 -19.20
CA VAL A 237 4.55 -47.41 -18.49
C VAL A 237 3.58 -46.29 -18.84
N PHE A 238 4.06 -45.04 -18.93
CA PHE A 238 3.11 -43.97 -19.21
C PHE A 238 2.74 -43.85 -20.68
N ASN A 239 3.54 -44.43 -21.58
CA ASN A 239 3.19 -44.45 -23.00
C ASN A 239 1.92 -45.24 -23.25
N GLN A 240 1.60 -46.19 -22.38
CA GLN A 240 0.39 -46.99 -22.50
C GLN A 240 -0.72 -46.51 -21.58
N ASN A 241 -0.56 -45.33 -20.99
CA ASN A 241 -1.56 -44.76 -20.09
C ASN A 241 -2.47 -43.78 -20.84
N ILE A 242 -3.21 -44.32 -21.81
CA ILE A 242 -4.14 -43.50 -22.59
C ILE A 242 -5.50 -43.35 -21.92
N GLU A 243 -5.74 -44.08 -20.84
CA GLU A 243 -7.05 -44.05 -20.19
C GLU A 243 -7.44 -42.65 -19.69
N PRO A 244 -6.57 -41.91 -18.98
CA PRO A 244 -7.02 -40.60 -18.47
C PRO A 244 -6.83 -39.45 -19.45
N LEU A 245 -6.62 -39.76 -20.71
CA LEU A 245 -6.47 -38.70 -21.71
C LEU A 245 -7.78 -37.94 -21.88
N PRO A 246 -7.76 -36.61 -21.91
CA PRO A 246 -9.02 -35.86 -22.06
C PRO A 246 -9.75 -36.13 -23.36
N THR A 247 -9.01 -36.38 -24.45
CA THR A 247 -9.64 -36.59 -25.74
C THR A 247 -10.32 -37.94 -25.86
N ILE A 248 -9.87 -38.94 -25.11
CA ILE A 248 -10.34 -40.31 -25.30
C ILE A 248 -11.21 -40.80 -24.16
N GLN A 249 -11.06 -40.24 -22.95
CA GLN A 249 -11.80 -40.76 -21.80
C GLN A 249 -13.30 -40.85 -22.07
N LYS A 250 -13.82 -39.88 -22.83
CA LYS A 250 -15.25 -39.87 -23.11
C LYS A 250 -15.70 -41.13 -23.84
N ASP A 251 -15.03 -41.48 -24.94
CA ASP A 251 -15.51 -42.66 -25.65
C ASP A 251 -15.01 -43.96 -25.05
N ILE A 252 -13.98 -43.94 -24.20
CA ILE A 252 -13.73 -45.10 -23.34
C ILE A 252 -14.96 -45.37 -22.48
N THR A 253 -15.46 -44.33 -21.81
CA THR A 253 -16.65 -44.50 -20.98
C THR A 253 -17.84 -44.95 -21.83
N ILE A 254 -18.01 -44.34 -23.01
CA ILE A 254 -19.15 -44.67 -23.86
C ILE A 254 -19.09 -46.13 -24.31
N LYS A 255 -17.92 -46.58 -24.76
CA LYS A 255 -17.79 -47.95 -25.23
C LYS A 255 -17.97 -48.95 -24.09
N LEU A 256 -17.39 -48.66 -22.92
CA LEU A 256 -17.59 -49.56 -21.79
C LEU A 256 -19.07 -49.65 -21.42
N ARG A 257 -19.76 -48.51 -21.43
CA ARG A 257 -21.20 -48.54 -21.25
C ARG A 257 -21.86 -49.46 -22.27
N GLU A 258 -21.56 -49.25 -23.56
CA GLU A 258 -22.21 -50.01 -24.61
C GLU A 258 -22.03 -51.51 -24.40
N MET A 259 -20.79 -51.94 -24.13
CA MET A 259 -20.62 -53.35 -23.83
C MET A 259 -21.27 -53.77 -22.52
N THR A 260 -21.64 -52.84 -21.63
CA THR A 260 -22.32 -53.32 -20.43
C THR A 260 -23.85 -53.33 -20.56
N GLN A 261 -24.45 -52.58 -21.50
CA GLN A 261 -25.89 -52.85 -21.65
C GLN A 261 -26.17 -53.87 -22.74
N GLN A 262 -25.45 -53.80 -23.86
CA GLN A 262 -25.67 -54.80 -24.91
C GLN A 262 -25.19 -56.20 -24.51
N GLY A 263 -24.58 -56.35 -23.34
CA GLY A 263 -24.33 -57.67 -22.78
C GLY A 263 -23.41 -58.55 -23.58
N LYS A 264 -22.31 -58.01 -24.10
CA LYS A 264 -21.31 -58.78 -24.81
C LYS A 264 -19.97 -58.55 -24.10
N MET A 265 -19.73 -59.35 -23.06
CA MET A 265 -18.60 -59.13 -22.17
C MET A 265 -17.28 -59.65 -22.72
N TYR A 266 -17.30 -60.48 -23.76
CA TYR A 266 -16.06 -61.02 -24.30
C TYR A 266 -15.18 -59.91 -24.88
N GLU A 267 -15.75 -59.09 -25.76
CA GLU A 267 -14.97 -57.99 -26.31
C GLU A 267 -14.73 -56.90 -25.29
N ARG A 268 -15.58 -56.78 -24.27
CA ARG A 268 -15.28 -55.87 -23.16
C ARG A 268 -14.01 -56.30 -22.44
N ALA A 269 -13.89 -57.60 -22.14
CA ALA A 269 -12.68 -58.11 -21.53
C ALA A 269 -11.48 -57.93 -22.46
N GLN A 270 -11.69 -58.15 -23.76
CA GLN A 270 -10.61 -57.95 -24.72
C GLN A 270 -10.14 -56.49 -24.72
N PHE A 271 -11.08 -55.55 -24.69
CA PHE A 271 -10.74 -54.13 -24.63
C PHE A 271 -9.98 -53.80 -23.36
N LEU A 272 -10.45 -54.32 -22.22
CA LEU A 272 -9.79 -54.04 -20.96
C LEU A 272 -8.37 -54.60 -20.95
N ASN A 273 -8.18 -55.81 -21.49
CA ASN A 273 -6.85 -56.39 -21.55
C ASN A 273 -5.95 -55.61 -22.51
N ASP A 274 -6.52 -55.10 -23.60
CA ASP A 274 -5.73 -54.27 -24.51
C ASP A 274 -5.27 -52.98 -23.84
N LEU A 275 -6.16 -52.36 -23.05
CA LEU A 275 -5.80 -51.13 -22.36
C LEU A 275 -4.86 -51.37 -21.19
N LYS A 276 -4.82 -52.58 -20.66
CA LYS A 276 -4.01 -52.86 -19.49
C LYS A 276 -2.53 -52.78 -19.81
N TYR A 277 -1.75 -52.30 -18.84
CA TYR A 277 -0.30 -52.29 -18.97
C TYR A 277 0.21 -53.71 -19.16
N GLU A 278 1.14 -53.88 -20.10
CA GLU A 278 1.65 -55.20 -20.46
C GLU A 278 3.17 -55.18 -20.51
N ASN A 279 3.76 -56.32 -20.18
CA ASN A 279 5.21 -56.48 -20.19
C ASN A 279 5.55 -57.89 -20.64
N ASP A 280 6.77 -58.03 -21.17
CA ASP A 280 7.27 -59.33 -21.58
C ASP A 280 8.01 -60.08 -20.48
N TYR A 281 8.24 -59.44 -19.33
CA TYR A 281 8.90 -60.12 -18.20
C TYR A 281 7.99 -60.13 -16.98
N LYS A 305 -14.22 -66.66 -14.10
CA LYS A 305 -14.69 -66.86 -15.46
C LYS A 305 -13.78 -66.16 -16.47
N ILE A 306 -14.37 -65.70 -17.58
CA ILE A 306 -13.60 -65.04 -18.61
C ILE A 306 -13.31 -63.57 -18.29
N ASP A 307 -14.14 -62.92 -17.48
CA ASP A 307 -13.91 -61.54 -17.13
C ASP A 307 -12.65 -61.41 -16.28
N PRO A 308 -11.82 -60.39 -16.51
CA PRO A 308 -10.59 -60.23 -15.72
C PRO A 308 -10.88 -59.83 -14.27
N GLU A 309 -9.82 -59.65 -13.49
CA GLU A 309 -9.96 -59.30 -12.08
C GLU A 309 -8.80 -58.39 -11.69
N ASN A 310 -8.76 -58.03 -10.40
CA ASN A 310 -7.79 -57.08 -9.86
C ASN A 310 -7.91 -55.73 -10.57
N TYR A 311 -9.10 -55.16 -10.49
CA TYR A 311 -9.44 -53.91 -11.16
C TYR A 311 -9.83 -52.86 -10.14
N THR A 312 -9.79 -51.61 -10.55
CA THR A 312 -10.05 -50.50 -9.65
C THR A 312 -10.56 -49.31 -10.45
N VAL A 313 -11.15 -48.35 -9.73
CA VAL A 313 -11.69 -47.13 -10.31
C VAL A 313 -10.94 -45.95 -9.70
N ILE A 314 -10.44 -45.06 -10.56
CA ILE A 314 -9.65 -43.91 -10.14
C ILE A 314 -10.26 -42.66 -10.76
N ILE A 315 -10.51 -41.66 -9.92
CA ILE A 315 -10.97 -40.37 -10.39
C ILE A 315 -9.78 -39.42 -10.46
N TYR A 316 -9.96 -38.32 -11.20
CA TYR A 316 -8.89 -37.37 -11.41
C TYR A 316 -9.35 -35.97 -11.06
N ASN A 317 -8.43 -35.18 -10.52
CA ASN A 317 -8.73 -33.81 -10.13
C ASN A 317 -8.96 -32.93 -11.36
N ASP A 318 -9.74 -31.87 -11.17
CA ASP A 318 -10.00 -30.90 -12.22
C ASP A 318 -10.46 -29.61 -11.57
N GLU A 319 -10.62 -28.57 -12.39
CA GLU A 319 -11.18 -27.30 -11.96
C GLU A 319 -12.61 -27.10 -12.42
N TYR A 320 -13.24 -28.14 -12.97
CA TYR A 320 -14.63 -28.02 -13.38
C TYR A 320 -15.53 -27.74 -12.19
N HIS A 321 -15.28 -28.42 -11.07
CA HIS A 321 -16.17 -28.39 -9.93
C HIS A 321 -15.40 -28.02 -8.67
N ASN A 322 -16.15 -27.52 -7.69
CA ASN A 322 -15.62 -27.25 -6.37
C ASN A 322 -15.80 -28.48 -5.49
N TYR A 323 -15.60 -28.32 -4.18
CA TYR A 323 -15.65 -29.46 -3.27
C TYR A 323 -17.05 -30.07 -3.21
N SER A 324 -18.09 -29.22 -3.22
CA SER A 324 -19.44 -29.73 -3.01
C SER A 324 -19.87 -30.67 -4.12
N GLN A 325 -19.66 -30.26 -5.38
CA GLN A 325 -20.09 -31.09 -6.50
C GLN A 325 -19.29 -32.40 -6.56
N ALA A 326 -17.99 -32.33 -6.30
CA ALA A 326 -17.18 -33.54 -6.27
C ALA A 326 -17.64 -34.49 -5.18
N THR A 327 -17.97 -33.95 -4.00
CA THR A 327 -18.44 -34.79 -2.91
C THR A 327 -19.79 -35.41 -3.24
N THR A 328 -20.68 -34.66 -3.88
CA THR A 328 -21.96 -35.23 -4.30
C THR A 328 -21.76 -36.35 -5.31
N ALA A 329 -20.87 -36.14 -6.27
CA ALA A 329 -20.58 -37.19 -7.24
C ALA A 329 -20.03 -38.44 -6.58
N LEU A 330 -19.11 -38.26 -5.62
CA LEU A 330 -18.56 -39.41 -4.91
C LEU A 330 -19.63 -40.13 -4.10
N ARG A 331 -20.50 -39.37 -3.42
CA ARG A 331 -21.56 -39.99 -2.63
C ARG A 331 -22.51 -40.78 -3.51
N GLN A 332 -22.85 -40.24 -4.67
CA GLN A 332 -23.69 -40.97 -5.61
C GLN A 332 -22.97 -42.19 -6.17
N GLY A 333 -21.64 -42.11 -6.33
CA GLY A 333 -20.88 -43.20 -6.89
C GLY A 333 -20.98 -44.49 -6.11
N VAL A 334 -20.41 -44.52 -4.91
CA VAL A 334 -20.46 -45.71 -4.06
C VAL A 334 -20.82 -45.32 -2.62
N PRO A 335 -22.05 -45.60 -2.17
CA PRO A 335 -22.38 -45.32 -0.77
C PRO A 335 -21.61 -46.16 0.23
N ASP A 336 -21.03 -47.28 -0.20
CA ASP A 336 -20.34 -48.16 0.74
C ASP A 336 -19.07 -47.53 1.28
N ASN A 337 -18.40 -46.70 0.47
CA ASN A 337 -17.16 -46.07 0.92
C ASN A 337 -17.44 -45.14 2.09
N VAL A 338 -16.93 -45.52 3.27
CA VAL A 338 -17.18 -44.76 4.48
C VAL A 338 -16.47 -43.41 4.40
N HIS A 339 -17.18 -42.35 4.81
CA HIS A 339 -16.65 -40.99 4.81
C HIS A 339 -16.13 -40.57 3.43
N ILE A 340 -16.79 -41.06 2.37
CA ILE A 340 -16.36 -40.75 1.02
C ILE A 340 -16.47 -39.26 0.72
N ASP A 341 -17.45 -38.60 1.34
CA ASP A 341 -17.57 -37.15 1.21
C ASP A 341 -16.53 -36.40 2.02
N LEU A 342 -15.78 -37.09 2.89
CA LEU A 342 -14.78 -36.44 3.73
C LEU A 342 -13.36 -36.87 3.39
N LEU A 343 -13.06 -38.17 3.43
CA LEU A 343 -11.68 -38.59 3.20
C LEU A 343 -11.31 -38.54 1.72
N THR A 344 -12.20 -38.98 0.84
CA THR A 344 -11.86 -39.07 -0.57
C THR A 344 -11.69 -37.69 -1.20
N SER A 345 -12.48 -36.70 -0.75
CA SER A 345 -12.49 -35.40 -1.40
C SER A 345 -11.15 -34.69 -1.28
N ARG A 346 -10.52 -34.76 -0.10
CA ARG A 346 -9.28 -34.01 0.09
C ARG A 346 -8.11 -34.65 -0.65
N ILE A 347 -8.13 -35.98 -0.82
CA ILE A 347 -7.07 -36.64 -1.57
C ILE A 347 -7.08 -36.17 -3.01
N ASP A 348 -8.26 -35.94 -3.58
CA ASP A 348 -8.35 -35.38 -4.93
C ASP A 348 -7.69 -34.02 -5.00
N GLY A 349 -7.62 -33.30 -3.88
CA GLY A 349 -6.96 -32.01 -3.86
C GLY A 349 -5.48 -32.08 -4.17
N GLU A 350 -4.88 -33.27 -4.08
CA GLU A 350 -3.47 -33.47 -4.40
C GLU A 350 -3.36 -34.65 -5.36
N GLY A 351 -3.50 -34.37 -6.64
CA GLY A 351 -3.31 -35.38 -7.68
C GLY A 351 -4.61 -36.15 -7.95
N ARG A 352 -4.57 -37.46 -7.67
CA ARG A 352 -5.71 -38.34 -7.93
C ARG A 352 -5.97 -39.17 -6.68
N ALA A 353 -7.07 -39.92 -6.72
CA ALA A 353 -7.43 -40.78 -5.61
C ALA A 353 -8.19 -41.98 -6.13
N MET A 354 -8.20 -43.04 -5.33
CA MET A 354 -8.91 -44.27 -5.65
C MET A 354 -10.10 -44.41 -4.70
N LEU A 355 -11.29 -44.56 -5.26
CA LEU A 355 -12.49 -44.65 -4.44
C LEU A 355 -12.94 -46.07 -4.17
N LYS A 356 -12.58 -47.03 -5.03
CA LYS A 356 -12.97 -48.41 -4.79
C LYS A 356 -12.03 -49.34 -5.55
N CYS A 357 -12.00 -50.60 -5.12
CA CYS A 357 -11.16 -51.61 -5.75
C CYS A 357 -11.61 -52.99 -5.28
N SER A 358 -11.82 -53.90 -6.22
CA SER A 358 -12.21 -55.27 -5.89
C SER A 358 -11.86 -56.17 -7.07
N GLN A 359 -11.86 -57.48 -6.79
CA GLN A 359 -11.53 -58.45 -7.84
C GLN A 359 -12.63 -58.56 -8.87
N ASP A 360 -13.88 -58.65 -8.42
CA ASP A 360 -14.99 -58.84 -9.35
C ASP A 360 -15.35 -57.51 -10.00
N LEU A 361 -15.30 -57.49 -11.34
CA LEU A 361 -15.54 -56.26 -12.09
C LEU A 361 -17.00 -55.81 -12.04
N SER A 362 -17.93 -56.74 -11.84
CA SER A 362 -19.34 -56.39 -11.90
C SER A 362 -19.72 -55.37 -10.84
N SER A 363 -19.18 -55.53 -9.62
CA SER A 363 -19.53 -54.62 -8.54
C SER A 363 -18.91 -53.24 -8.75
N VAL A 364 -17.63 -53.18 -9.12
CA VAL A 364 -16.96 -51.89 -9.27
C VAL A 364 -17.50 -51.13 -10.47
N LEU A 365 -17.83 -51.84 -11.55
CA LEU A 365 -18.27 -51.17 -12.77
C LEU A 365 -19.56 -50.39 -12.54
N GLY A 366 -20.49 -50.95 -11.76
CA GLY A 366 -21.72 -50.24 -11.46
C GLY A 366 -21.46 -48.90 -10.79
N GLY A 367 -20.51 -48.86 -9.87
CA GLY A 367 -20.09 -47.60 -9.27
C GLY A 367 -19.12 -46.79 -10.10
N PHE A 368 -18.53 -47.40 -11.13
CA PHE A 368 -17.62 -46.67 -12.00
C PHE A 368 -18.33 -45.63 -12.84
N PHE A 369 -19.62 -45.80 -13.10
CA PHE A 369 -20.37 -44.92 -13.98
C PHE A 369 -20.73 -43.59 -13.32
N ALA A 370 -20.11 -43.25 -12.20
CA ALA A 370 -20.24 -41.92 -11.63
C ALA A 370 -19.52 -40.86 -12.46
N VAL A 371 -18.91 -41.25 -13.58
CA VAL A 371 -18.29 -40.28 -14.48
C VAL A 371 -19.33 -39.32 -15.02
N GLN A 372 -20.46 -39.86 -15.48
CA GLN A 372 -21.49 -39.04 -16.13
C GLN A 372 -22.26 -38.19 -15.12
N THR A 373 -22.18 -38.51 -13.83
CA THR A 373 -22.95 -37.75 -12.84
C THR A 373 -22.50 -36.30 -12.79
N ASN A 374 -21.19 -36.06 -12.71
CA ASN A 374 -20.66 -34.71 -12.60
C ASN A 374 -19.57 -34.41 -13.62
N GLY A 375 -19.27 -35.34 -14.51
CA GLY A 375 -18.26 -35.09 -15.53
C GLY A 375 -16.82 -35.23 -15.07
N LEU A 376 -16.59 -35.72 -13.85
CA LEU A 376 -15.23 -35.95 -13.40
C LEU A 376 -14.56 -37.02 -14.25
N SER A 377 -13.32 -36.77 -14.64
CA SER A 377 -12.57 -37.70 -15.49
C SER A 377 -12.12 -38.89 -14.65
N ALA A 378 -13.01 -39.86 -14.52
CA ALA A 378 -12.74 -41.07 -13.78
C ALA A 378 -12.50 -42.22 -14.75
N THR A 379 -11.47 -43.02 -14.49
CA THR A 379 -11.07 -44.08 -15.39
C THR A 379 -11.03 -45.42 -14.66
N LEU A 380 -11.11 -46.48 -15.44
CA LEU A 380 -11.02 -47.85 -14.93
C LEU A 380 -9.64 -48.40 -15.24
N THR A 381 -8.95 -48.90 -14.20
CA THR A 381 -7.56 -49.29 -14.32
C THR A 381 -7.33 -50.60 -13.58
N SER A 382 -6.39 -51.40 -14.09
CA SER A 382 -6.03 -52.64 -13.43
C SER A 382 -5.13 -52.37 -12.22
N TRP A 383 -5.11 -53.32 -11.29
CA TRP A 383 -4.32 -53.14 -10.08
C TRP A 383 -2.83 -53.10 -10.39
N SER A 384 -2.39 -53.94 -11.33
CA SER A 384 -0.98 -53.92 -11.72
C SER A 384 -0.58 -52.59 -12.34
N GLU A 385 -1.46 -52.02 -13.17
CA GLU A 385 -1.18 -50.73 -13.77
C GLU A 385 -1.08 -49.65 -12.70
N TYR A 386 -1.99 -49.66 -11.72
CA TYR A 386 -1.91 -48.70 -10.63
C TYR A 386 -0.62 -48.89 -9.83
N LEU A 387 -0.23 -50.14 -9.63
CA LEU A 387 1.02 -50.42 -8.91
C LEU A 387 2.20 -49.83 -9.65
N HIS A 388 2.24 -49.99 -10.97
CA HIS A 388 3.36 -49.45 -11.74
C HIS A 388 3.35 -47.93 -11.75
N GLN A 389 2.15 -47.33 -11.82
CA GLN A 389 2.08 -45.87 -11.75
C GLN A 389 2.57 -45.35 -10.41
N GLU A 390 2.17 -46.00 -9.32
CA GLU A 390 2.67 -45.61 -8.00
C GLU A 390 4.16 -45.84 -7.89
N THR A 391 4.65 -46.92 -8.50
CA THR A 391 6.09 -47.18 -8.53
C THR A 391 6.83 -46.04 -9.22
N CYS A 392 6.29 -45.55 -10.33
CA CYS A 392 6.93 -44.45 -11.03
C CYS A 392 6.83 -43.15 -10.24
N LYS A 393 5.73 -42.94 -9.53
CA LYS A 393 5.62 -41.76 -8.68
C LYS A 393 6.71 -41.77 -7.60
N TYR A 394 6.90 -42.93 -6.97
CA TYR A 394 7.93 -43.03 -5.94
C TYR A 394 9.33 -42.99 -6.55
N ILE A 395 9.46 -43.44 -7.80
CA ILE A 395 10.72 -43.30 -8.51
C ILE A 395 11.06 -41.83 -8.72
N ILE A 396 10.07 -41.03 -9.13
CA ILE A 396 10.30 -39.60 -9.30
C ILE A 396 10.62 -38.95 -7.98
N LEU A 397 9.92 -39.36 -6.91
CA LEU A 397 10.25 -38.86 -5.58
C LEU A 397 11.70 -39.20 -5.21
N TRP A 398 12.14 -40.41 -5.53
CA TRP A 398 13.51 -40.80 -5.25
C TRP A 398 14.50 -39.95 -6.05
N ILE A 399 14.18 -39.65 -7.31
CA ILE A 399 15.08 -38.84 -8.12
C ILE A 399 15.16 -37.43 -7.56
N THR A 400 14.04 -36.89 -7.10
CA THR A 400 14.06 -35.58 -6.45
C THR A 400 14.90 -35.63 -5.17
N HIS A 401 14.75 -36.69 -4.39
CA HIS A 401 15.50 -36.81 -3.14
C HIS A 401 17.00 -36.91 -3.40
N CYS A 402 17.39 -37.61 -4.46
CA CYS A 402 18.80 -37.77 -4.78
C CYS A 402 19.48 -36.43 -5.05
N LEU A 403 18.71 -35.42 -5.45
CA LEU A 403 19.29 -34.10 -5.70
C LEU A 403 19.63 -33.35 -4.43
N ASN A 404 19.20 -33.83 -3.27
CA ASN A 404 19.46 -33.18 -1.99
C ASN A 404 20.64 -33.77 -1.25
N ILE A 405 21.35 -34.73 -1.83
CA ILE A 405 22.49 -35.34 -1.14
C ILE A 405 23.62 -34.31 -1.03
N PRO A 406 24.18 -34.09 0.15
CA PRO A 406 25.21 -33.06 0.31
C PRO A 406 26.47 -33.31 -0.50
N ASN A 407 26.75 -34.55 -0.90
CA ASN A 407 27.97 -34.86 -1.62
C ASN A 407 28.03 -34.08 -2.93
N SER A 408 28.96 -33.13 -3.03
CA SER A 408 29.05 -32.28 -4.21
C SER A 408 29.42 -33.11 -5.45
N SER A 409 30.38 -34.01 -5.33
CA SER A 409 30.78 -34.83 -6.47
C SER A 409 29.64 -35.74 -6.93
N PHE A 410 28.92 -36.31 -5.98
CA PHE A 410 27.77 -37.14 -6.34
C PHE A 410 26.73 -36.34 -7.08
N GLN A 411 26.48 -35.10 -6.64
CA GLN A 411 25.50 -34.25 -7.34
C GLN A 411 25.97 -33.90 -8.74
N THR A 412 27.23 -33.47 -8.88
CA THR A 412 27.71 -33.05 -10.19
C THR A 412 27.85 -34.22 -11.15
N THR A 413 27.90 -35.45 -10.65
CA THR A 413 27.85 -36.60 -11.54
C THR A 413 26.42 -37.03 -11.85
N PHE A 414 25.56 -37.07 -10.82
CA PHE A 414 24.19 -37.51 -10.99
C PHE A 414 23.42 -36.60 -11.92
N ARG A 415 23.53 -35.29 -11.72
CA ARG A 415 22.81 -34.35 -12.58
C ARG A 415 23.27 -34.45 -14.03
N ASN A 416 24.59 -34.54 -14.25
CA ASN A 416 25.12 -34.62 -15.60
C ASN A 416 24.64 -35.90 -16.29
N MET A 417 24.69 -37.03 -15.60
CA MET A 417 24.25 -38.28 -16.23
C MET A 417 22.75 -38.29 -16.46
N MET A 418 21.97 -37.73 -15.53
CA MET A 418 20.52 -37.66 -15.74
C MET A 418 20.19 -36.77 -16.93
N GLY A 419 20.88 -35.63 -17.06
CA GLY A 419 20.67 -34.79 -18.22
C GLY A 419 21.07 -35.49 -19.51
N LYS A 420 22.15 -36.24 -19.48
CA LYS A 420 22.58 -36.96 -20.68
C LYS A 420 21.56 -38.01 -21.09
N THR A 421 21.03 -38.76 -20.11
CA THR A 421 20.02 -39.76 -20.42
C THR A 421 18.75 -39.09 -20.94
N LEU A 422 18.36 -37.95 -20.35
CA LEU A 422 17.15 -37.26 -20.81
C LEU A 422 17.32 -36.75 -22.23
N CYS A 423 18.49 -36.21 -22.57
CA CYS A 423 18.71 -35.60 -23.88
C CYS A 423 19.22 -36.58 -24.92
N SER A 424 19.56 -37.81 -24.55
CA SER A 424 19.95 -38.81 -25.53
C SER A 424 18.73 -39.31 -26.28
N GLU A 425 18.96 -39.75 -27.51
CA GLU A 425 17.86 -40.24 -28.35
C GLU A 425 17.19 -41.44 -27.68
N TYR A 426 15.86 -41.44 -27.67
CA TYR A 426 15.10 -42.48 -27.01
C TYR A 426 15.10 -43.73 -27.88
N LEU A 427 15.94 -44.69 -27.53
CA LEU A 427 15.88 -46.02 -28.12
C LEU A 427 14.74 -46.77 -27.43
N ASN A 428 14.71 -48.09 -27.60
CA ASN A 428 13.68 -48.95 -27.02
C ASN A 428 12.29 -48.65 -27.55
N ALA A 429 12.17 -47.74 -28.53
CA ALA A 429 10.88 -47.43 -29.10
C ALA A 429 10.29 -48.63 -29.82
N THR A 430 11.13 -49.39 -30.54
CA THR A 430 10.65 -50.55 -31.26
C THR A 430 10.20 -51.66 -30.31
N GLU A 431 11.04 -51.99 -29.32
CA GLU A 431 10.71 -53.09 -28.42
C GLU A 431 9.47 -52.79 -27.60
N CYS A 432 9.36 -51.56 -27.07
CA CYS A 432 8.22 -51.23 -26.22
C CYS A 432 6.92 -51.31 -27.01
N ARG A 433 5.85 -51.68 -26.30
CA ARG A 433 4.57 -51.89 -26.94
C ARG A 433 4.08 -50.62 -27.61
N ASP A 434 3.68 -50.75 -28.88
CA ASP A 434 3.10 -49.64 -29.62
C ASP A 434 1.63 -49.56 -29.27
N MET A 435 1.20 -48.40 -28.76
CA MET A 435 -0.17 -48.25 -28.30
C MET A 435 -1.12 -47.80 -29.42
N THR A 436 -0.56 -47.33 -30.54
CA THR A 436 -1.41 -46.87 -31.65
C THR A 436 -2.35 -47.92 -32.22
N PRO A 437 -1.97 -49.21 -32.38
CA PRO A 437 -2.94 -50.16 -32.95
C PRO A 437 -4.22 -50.27 -32.15
N VAL A 438 -4.16 -50.13 -30.82
CA VAL A 438 -5.36 -50.26 -30.01
C VAL A 438 -6.34 -49.13 -30.32
N VAL A 439 -5.86 -47.89 -30.33
CA VAL A 439 -6.74 -46.76 -30.61
C VAL A 439 -7.20 -46.79 -32.05
N GLU A 440 -6.36 -47.29 -32.97
CA GLU A 440 -6.80 -47.45 -34.35
C GLU A 440 -7.95 -48.45 -34.45
N LYS A 441 -7.82 -49.59 -33.78
CA LYS A 441 -8.80 -50.65 -33.92
C LYS A 441 -10.11 -50.33 -33.21
N TYR A 442 -10.04 -49.77 -32.00
CA TYR A 442 -11.24 -49.54 -31.23
C TYR A 442 -11.93 -48.22 -31.56
N PHE A 443 -11.22 -47.27 -32.15
CA PHE A 443 -11.74 -45.93 -32.41
C PHE A 443 -11.41 -45.49 -33.83
N SER A 444 -11.67 -46.38 -34.80
CA SER A 444 -11.39 -46.04 -36.19
C SER A 444 -12.23 -44.87 -36.66
N ASN A 445 -13.40 -44.64 -36.05
CA ASN A 445 -14.23 -43.52 -36.44
C ASN A 445 -13.53 -42.19 -36.19
N LYS A 446 -12.88 -42.05 -35.05
CA LYS A 446 -12.15 -40.83 -34.71
C LYS A 446 -10.73 -40.83 -35.27
N PHE A 447 -10.32 -41.90 -35.95
CA PHE A 447 -8.97 -42.00 -36.50
C PHE A 447 -9.08 -41.99 -38.02
N ASP A 448 -8.79 -40.85 -38.63
CA ASP A 448 -8.79 -40.71 -40.08
C ASP A 448 -7.45 -41.18 -40.63
N LYS A 449 -7.50 -42.03 -41.66
CA LYS A 449 -6.27 -42.62 -42.18
C LYS A 449 -5.43 -41.60 -42.95
N ASN A 450 -6.06 -40.80 -43.80
CA ASN A 450 -5.31 -39.90 -44.66
C ASN A 450 -4.86 -38.62 -43.98
N ASP A 451 -5.42 -38.29 -42.82
CA ASP A 451 -5.08 -37.04 -42.16
C ASP A 451 -3.68 -37.09 -41.59
N PRO A 452 -2.78 -36.17 -41.96
CA PRO A 452 -1.45 -36.14 -41.35
C PRO A 452 -1.46 -35.82 -39.88
N TYR A 453 -2.53 -35.17 -39.38
CA TYR A 453 -2.68 -34.85 -37.97
C TYR A 453 -3.64 -35.79 -37.27
N ARG A 454 -3.73 -37.03 -37.74
CA ARG A 454 -4.59 -38.01 -37.08
C ARG A 454 -4.07 -38.37 -35.69
N TYR A 455 -2.76 -38.28 -35.47
CA TYR A 455 -2.18 -38.66 -34.20
C TYR A 455 -2.28 -37.52 -33.18
N ILE A 456 -1.68 -36.37 -33.49
CA ILE A 456 -1.60 -35.29 -32.53
C ILE A 456 -2.98 -34.76 -32.15
N ASP A 457 -3.99 -35.01 -32.98
CA ASP A 457 -5.35 -34.66 -32.59
C ASP A 457 -5.90 -35.56 -31.50
N LEU A 458 -5.19 -36.65 -31.17
CA LEU A 458 -5.59 -37.56 -30.12
C LEU A 458 -4.56 -37.69 -29.00
N SER A 459 -3.50 -36.88 -29.03
CA SER A 459 -2.43 -36.93 -28.04
C SER A 459 -1.81 -38.32 -27.97
N ILE A 460 -1.51 -38.89 -29.13
CA ILE A 460 -0.94 -40.23 -29.24
C ILE A 460 0.32 -40.13 -30.08
N LEU A 461 1.33 -40.93 -29.73
CA LEU A 461 2.53 -41.00 -30.55
C LEU A 461 2.22 -41.60 -31.91
N ALA A 462 3.22 -41.62 -32.77
CA ALA A 462 3.06 -42.16 -34.12
C ALA A 462 3.41 -43.64 -34.12
N ASP A 463 3.20 -44.29 -35.26
CA ASP A 463 3.57 -45.69 -35.40
C ASP A 463 5.09 -45.85 -35.23
N GLY A 464 5.48 -46.90 -34.51
CA GLY A 464 6.87 -47.07 -34.17
C GLY A 464 7.32 -46.24 -32.98
N ASN A 465 6.38 -45.69 -32.22
CA ASN A 465 6.67 -44.86 -31.05
C ASN A 465 7.56 -43.67 -31.41
N GLN A 466 6.98 -42.78 -32.23
CA GLN A 466 7.63 -41.56 -32.64
C GLN A 466 6.72 -40.37 -32.33
N ILE A 467 7.33 -39.21 -32.16
CA ILE A 467 6.53 -38.00 -31.93
C ILE A 467 5.66 -37.72 -33.14
N PRO A 468 4.36 -37.48 -32.96
CA PRO A 468 3.49 -37.24 -34.12
C PRO A 468 3.82 -35.95 -34.83
N LEU A 469 3.10 -35.65 -35.90
CA LEU A 469 3.31 -34.44 -36.68
C LEU A 469 2.49 -33.31 -36.07
N GLY A 470 3.15 -32.19 -35.77
CA GLY A 470 2.45 -31.03 -35.27
C GLY A 470 1.88 -30.17 -36.39
N HIS A 471 1.00 -29.25 -36.00
CA HIS A 471 0.37 -28.34 -36.96
C HIS A 471 1.36 -27.25 -37.37
N HIS A 472 2.49 -27.68 -37.92
CA HIS A 472 3.51 -26.75 -38.37
C HIS A 472 3.02 -25.95 -39.57
N LYS A 473 3.34 -24.65 -39.58
CA LYS A 473 2.92 -23.77 -40.66
C LYS A 473 4.07 -22.81 -40.97
N ILE A 474 4.81 -23.11 -42.03
CA ILE A 474 5.90 -22.26 -42.49
C ILE A 474 5.37 -21.37 -43.59
N LEU A 475 5.76 -20.10 -43.56
CA LEU A 475 5.11 -19.33 -44.62
C LEU A 475 6.05 -19.16 -45.80
N PRO A 476 5.53 -19.21 -47.02
CA PRO A 476 6.38 -19.06 -48.20
C PRO A 476 6.78 -17.61 -48.41
N GLU A 477 8.00 -17.43 -48.93
CA GLU A 477 8.51 -16.08 -49.18
C GLU A 477 7.65 -15.34 -50.20
N SER A 478 7.01 -16.07 -51.12
CA SER A 478 6.17 -15.42 -52.11
C SER A 478 4.89 -14.86 -51.52
N SER A 479 4.54 -15.22 -50.29
CA SER A 479 3.37 -14.70 -49.62
C SER A 479 3.70 -13.60 -48.61
N THR A 480 4.96 -13.17 -48.56
CA THR A 480 5.39 -12.12 -47.64
C THR A 480 5.42 -10.74 -48.27
N HIS A 481 5.02 -10.62 -49.54
CA HIS A 481 5.09 -9.32 -50.20
C HIS A 481 4.12 -8.33 -49.56
N SER A 482 2.92 -8.77 -49.21
CA SER A 482 1.90 -7.89 -48.66
C SER A 482 1.18 -8.59 -47.53
N LEU A 483 0.49 -7.80 -46.72
CA LEU A 483 -0.25 -8.30 -45.57
C LEU A 483 -1.71 -8.49 -45.99
N SER A 484 -2.12 -9.75 -46.10
CA SER A 484 -3.48 -10.04 -46.52
C SER A 484 -4.47 -9.60 -45.45
N PRO A 485 -5.66 -9.15 -45.86
CA PRO A 485 -6.69 -8.80 -44.85
C PRO A 485 -7.06 -9.96 -43.96
N LEU A 486 -7.14 -11.17 -44.51
CA LEU A 486 -7.31 -12.37 -43.71
C LEU A 486 -5.94 -12.94 -43.37
N ILE A 487 -5.91 -14.16 -42.84
CA ILE A 487 -4.64 -14.78 -42.47
C ILE A 487 -3.78 -14.95 -43.71
N ASN A 488 -2.52 -14.55 -43.61
CA ASN A 488 -1.60 -14.67 -44.74
C ASN A 488 -1.44 -16.13 -45.14
N ASP A 489 -1.30 -16.37 -46.44
CA ASP A 489 -1.26 -17.74 -46.94
C ASP A 489 0.01 -18.44 -46.51
N VAL A 490 -0.15 -19.67 -46.00
CA VAL A 490 0.95 -20.47 -45.50
C VAL A 490 0.84 -21.88 -46.06
N GLU A 491 1.95 -22.62 -45.98
CA GLU A 491 2.00 -24.00 -46.40
C GLU A 491 2.23 -24.90 -45.19
N THR A 492 1.66 -26.10 -45.24
CA THR A 492 1.75 -27.04 -44.13
C THR A 492 2.59 -28.24 -44.53
N PRO A 493 3.83 -28.35 -44.07
CA PRO A 493 4.63 -29.54 -44.39
C PRO A 493 4.04 -30.80 -43.77
N THR A 494 4.24 -31.92 -44.45
CA THR A 494 3.72 -33.21 -44.01
C THR A 494 4.82 -34.15 -43.55
N SER A 495 6.00 -33.63 -43.24
CA SER A 495 7.09 -34.45 -42.74
C SER A 495 8.01 -33.60 -41.89
N ARG A 496 8.42 -34.15 -40.75
CA ARG A 496 9.35 -33.48 -39.86
C ARG A 496 10.21 -34.53 -39.17
N THR A 497 11.47 -34.20 -38.95
CA THR A 497 12.43 -35.14 -38.36
C THR A 497 12.75 -34.66 -36.95
N TYR A 498 11.94 -35.09 -35.99
CA TYR A 498 12.21 -34.79 -34.59
C TYR A 498 13.33 -35.69 -34.05
N SER A 499 14.00 -35.20 -33.02
CA SER A 499 15.01 -36.03 -32.35
C SER A 499 14.37 -37.23 -31.66
N ASN A 500 13.18 -37.03 -31.08
CA ASN A 500 12.44 -38.09 -30.40
C ASN A 500 13.25 -38.71 -29.27
N THR A 501 13.54 -37.90 -28.27
CA THR A 501 14.32 -38.32 -27.12
C THR A 501 13.41 -38.56 -25.92
N ARG A 502 14.02 -39.02 -24.82
CA ARG A 502 13.26 -39.32 -23.61
C ARG A 502 12.58 -38.08 -23.06
N LEU A 503 13.30 -36.95 -23.06
CA LEU A 503 12.73 -35.71 -22.55
C LEU A 503 11.52 -35.28 -23.36
N GLN A 504 11.59 -35.43 -24.68
CA GLN A 504 10.46 -35.07 -25.52
C GLN A 504 9.25 -35.93 -25.21
N HIS A 505 9.45 -37.23 -25.01
CA HIS A 505 8.35 -38.10 -24.65
C HIS A 505 7.74 -37.71 -23.31
N ILE A 506 8.60 -37.40 -22.33
CA ILE A 506 8.10 -37.02 -21.01
C ILE A 506 7.27 -35.74 -21.10
N LEU A 507 7.74 -34.76 -21.86
CA LEU A 507 6.99 -33.52 -22.01
C LEU A 507 5.70 -33.75 -22.79
N TYR A 508 5.72 -34.63 -23.80
CA TYR A 508 4.53 -34.90 -24.57
C TYR A 508 3.47 -35.61 -23.74
N PHE A 509 3.89 -36.45 -22.79
CA PHE A 509 2.95 -37.15 -21.92
C PHE A 509 2.44 -36.30 -20.77
N ASP A 510 2.64 -34.99 -20.81
CA ASP A 510 2.30 -34.14 -19.67
C ASP A 510 0.80 -34.08 -19.41
N ASN A 511 -0.03 -34.47 -20.36
CA ASN A 511 -1.48 -34.46 -20.16
C ASN A 511 -2.00 -35.75 -19.55
N ARG A 512 -1.13 -36.74 -19.31
CA ARG A 512 -1.53 -38.01 -18.75
C ARG A 512 -1.26 -38.13 -17.25
N TYR A 513 -0.44 -37.26 -16.69
CA TYR A 513 -0.02 -37.37 -15.29
C TYR A 513 -1.10 -36.80 -14.38
N TRP A 514 -0.83 -36.80 -13.08
CA TRP A 514 -1.67 -36.10 -12.12
C TRP A 514 -0.89 -34.95 -11.51
N LYS A 515 -1.59 -34.14 -10.72
CA LYS A 515 -1.03 -32.87 -10.25
C LYS A 515 0.28 -33.09 -9.50
N ARG A 516 0.29 -34.01 -8.54
CA ARG A 516 1.49 -34.24 -7.75
C ARG A 516 2.63 -34.73 -8.62
N LEU A 517 2.37 -35.75 -9.45
CA LEU A 517 3.41 -36.28 -10.32
C LEU A 517 3.87 -35.25 -11.32
N ARG A 518 2.94 -34.47 -11.88
CA ARG A 518 3.34 -33.38 -12.77
C ARG A 518 4.31 -32.45 -12.07
N LYS A 519 3.86 -31.78 -11.01
CA LYS A 519 4.69 -30.81 -10.31
C LYS A 519 6.05 -31.41 -9.94
N ASP A 520 6.06 -32.65 -9.50
CA ASP A 520 7.33 -33.31 -9.18
C ASP A 520 8.22 -33.41 -10.41
N ILE A 521 7.63 -33.76 -11.56
CA ILE A 521 8.41 -33.94 -12.78
C ILE A 521 8.99 -32.61 -13.25
N GLN A 522 8.19 -31.54 -13.24
CA GLN A 522 8.78 -30.25 -13.59
C GLN A 522 9.87 -29.87 -12.61
N ASN A 523 9.63 -30.04 -11.30
CA ASN A 523 10.63 -29.64 -10.31
C ASN A 523 11.91 -30.43 -10.44
N VAL A 524 11.86 -31.66 -10.95
CA VAL A 524 13.07 -32.45 -11.07
C VAL A 524 13.76 -32.25 -12.43
N ILE A 525 13.02 -31.95 -13.48
CA ILE A 525 13.59 -31.87 -14.82
C ILE A 525 13.97 -30.44 -15.19
N ILE A 526 13.03 -29.49 -15.07
CA ILE A 526 13.27 -28.15 -15.57
C ILE A 526 14.44 -27.46 -14.87
N PRO A 527 14.51 -27.40 -13.54
CA PRO A 527 15.67 -26.75 -12.92
C PRO A 527 16.98 -27.44 -13.21
N THR A 528 16.99 -28.78 -13.19
CA THR A 528 18.23 -29.51 -13.38
C THR A 528 18.82 -29.28 -14.77
N LEU A 529 17.97 -29.35 -15.81
CA LEU A 529 18.46 -29.16 -17.17
C LEU A 529 18.75 -27.69 -17.43
N ALA A 530 17.88 -26.79 -16.96
CA ALA A 530 18.06 -25.37 -17.22
C ALA A 530 19.33 -24.85 -16.57
N SER A 531 19.62 -25.28 -15.33
CA SER A 531 20.82 -24.84 -14.66
C SER A 531 22.07 -25.49 -15.24
N SER A 532 21.95 -26.67 -15.84
CA SER A 532 23.10 -27.37 -16.40
C SER A 532 23.59 -26.61 -17.62
N ASN A 533 24.71 -25.90 -17.46
CA ASN A 533 25.24 -25.08 -18.56
C ASN A 533 25.63 -25.92 -19.77
N LEU A 534 25.91 -27.20 -19.57
CA LEU A 534 26.24 -28.07 -20.71
C LEU A 534 24.99 -28.46 -21.48
N TYR A 535 23.87 -28.69 -20.80
CA TYR A 535 22.65 -29.19 -21.43
C TYR A 535 21.57 -28.12 -21.55
N LYS A 536 21.89 -26.85 -21.25
CA LYS A 536 20.92 -25.79 -21.46
C LYS A 536 20.56 -25.60 -22.93
N PRO A 537 21.51 -25.43 -23.86
CA PRO A 537 21.11 -25.27 -25.27
C PRO A 537 20.41 -26.50 -25.83
N ILE A 538 20.84 -27.69 -25.43
CA ILE A 538 20.19 -28.90 -25.90
C ILE A 538 18.76 -28.97 -25.39
N PHE A 539 18.55 -28.63 -24.12
CA PHE A 539 17.20 -28.58 -23.59
C PHE A 539 16.34 -27.58 -24.36
N CYS A 540 16.91 -26.41 -24.66
CA CYS A 540 16.16 -25.40 -25.42
C CYS A 540 15.75 -25.95 -26.77
N GLN A 541 16.68 -26.58 -27.50
CA GLN A 541 16.35 -27.13 -28.80
C GLN A 541 15.28 -28.20 -28.69
N GLN A 542 15.40 -29.09 -27.70
CA GLN A 542 14.46 -30.19 -27.57
C GLN A 542 13.06 -29.70 -27.26
N VAL A 543 12.95 -28.67 -26.40
CA VAL A 543 11.60 -28.19 -26.07
C VAL A 543 11.05 -27.33 -27.20
N VAL A 544 11.90 -26.66 -27.96
CA VAL A 544 11.42 -25.87 -29.09
C VAL A 544 10.90 -26.76 -30.19
N GLU A 545 11.62 -27.87 -30.48
CA GLU A 545 11.19 -28.76 -31.55
C GLU A 545 9.80 -29.31 -31.32
N ILE A 546 9.38 -29.43 -30.06
CA ILE A 546 8.08 -29.98 -29.71
C ILE A 546 7.14 -28.88 -29.19
N PHE A 547 7.48 -27.62 -29.46
CA PHE A 547 6.72 -26.52 -28.88
C PHE A 547 5.26 -26.54 -29.33
N ASN A 548 5.02 -26.81 -30.61
CA ASN A 548 3.65 -26.79 -31.11
C ASN A 548 2.82 -27.88 -30.48
N HIS A 549 3.39 -29.07 -30.28
CA HIS A 549 2.66 -30.14 -29.63
C HIS A 549 2.27 -29.74 -28.20
N ILE A 550 3.20 -29.14 -27.47
CA ILE A 550 2.90 -28.70 -26.11
C ILE A 550 1.80 -27.66 -26.09
N THR A 551 1.89 -26.68 -26.99
CA THR A 551 0.90 -25.61 -27.02
C THR A 551 -0.48 -26.14 -27.39
N ARG A 552 -0.54 -27.03 -28.40
CA ARG A 552 -1.83 -27.61 -28.78
C ARG A 552 -2.39 -28.46 -27.65
N SER A 553 -1.52 -29.20 -26.95
CA SER A 553 -1.98 -30.00 -25.82
C SER A 553 -2.60 -29.12 -24.75
N VAL A 554 -1.85 -28.10 -24.30
CA VAL A 554 -2.35 -27.24 -23.24
C VAL A 554 -3.58 -26.44 -23.67
N ALA A 555 -3.74 -26.20 -24.98
CA ALA A 555 -4.92 -25.48 -25.42
C ALA A 555 -6.14 -26.38 -25.49
N TYR A 556 -6.08 -27.44 -26.28
CA TYR A 556 -7.27 -28.23 -26.60
C TYR A 556 -7.40 -29.50 -25.78
N MET A 557 -6.29 -30.21 -25.51
CA MET A 557 -6.35 -31.53 -24.90
C MET A 557 -5.54 -31.52 -23.61
N ASP A 558 -6.19 -31.09 -22.53
CA ASP A 558 -5.56 -31.06 -21.21
C ASP A 558 -6.62 -30.86 -20.13
N ARG A 559 -6.61 -31.72 -19.11
CA ARG A 559 -7.62 -31.64 -18.07
C ARG A 559 -7.38 -30.46 -17.14
N GLU A 560 -6.12 -30.23 -16.77
CA GLU A 560 -5.75 -29.15 -15.85
C GLU A 560 -4.65 -28.35 -16.54
N PRO A 561 -5.01 -27.42 -17.42
CA PRO A 561 -3.99 -26.70 -18.21
C PRO A 561 -3.03 -25.87 -17.37
N GLN A 562 -3.49 -25.33 -16.25
CA GLN A 562 -2.68 -24.40 -15.48
C GLN A 562 -1.43 -25.06 -14.89
N LEU A 563 -1.37 -26.39 -14.87
CA LEU A 563 -0.21 -27.11 -14.37
C LEU A 563 0.77 -27.47 -15.48
N THR A 564 0.67 -26.82 -16.63
CA THR A 564 1.49 -27.16 -17.78
C THR A 564 2.96 -26.87 -17.51
N ALA A 565 3.82 -27.61 -18.18
CA ALA A 565 5.27 -27.41 -18.06
C ALA A 565 5.78 -26.29 -18.95
N ILE A 566 4.98 -25.81 -19.91
CA ILE A 566 5.48 -24.84 -20.88
C ILE A 566 5.82 -23.52 -20.20
N ARG A 567 5.07 -23.14 -19.16
CA ARG A 567 5.36 -21.89 -18.47
C ARG A 567 6.75 -21.94 -17.84
N GLU A 568 7.05 -23.01 -17.11
CA GLU A 568 8.38 -23.16 -16.53
C GLU A 568 9.44 -23.26 -17.61
N CYS A 569 9.16 -23.98 -18.69
CA CYS A 569 10.13 -24.11 -19.77
C CYS A 569 10.49 -22.74 -20.32
N VAL A 570 9.49 -21.92 -20.63
CA VAL A 570 9.78 -20.61 -21.22
C VAL A 570 10.47 -19.71 -20.20
N VAL A 571 10.07 -19.79 -18.93
CA VAL A 571 10.65 -18.90 -17.92
C VAL A 571 12.12 -19.20 -17.71
N GLN A 572 12.47 -20.47 -17.51
CA GLN A 572 13.87 -20.83 -17.27
C GLN A 572 14.69 -21.05 -18.53
N LEU A 573 14.10 -21.00 -19.72
CA LEU A 573 14.89 -21.20 -20.93
C LEU A 573 14.92 -19.98 -21.83
N PHE A 574 13.76 -19.46 -22.23
CA PHE A 574 13.74 -18.40 -23.23
C PHE A 574 14.22 -17.06 -22.68
N THR A 575 14.28 -16.91 -21.37
CA THR A 575 14.80 -15.68 -20.78
C THR A 575 16.33 -15.73 -20.70
N CYS A 576 16.97 -16.05 -21.82
CA CYS A 576 18.41 -16.13 -21.85
C CYS A 576 18.87 -15.65 -23.22
N PRO A 577 19.85 -14.74 -23.27
CA PRO A 577 20.25 -14.19 -24.58
C PRO A 577 20.75 -15.24 -25.55
N THR A 578 21.47 -16.27 -25.08
CA THR A 578 22.03 -17.26 -25.99
C THR A 578 20.93 -18.14 -26.59
N ASN A 579 19.99 -18.59 -25.76
CA ASN A 579 18.90 -19.42 -26.27
C ASN A 579 18.04 -18.64 -27.27
N ALA A 580 17.73 -17.38 -26.94
CA ALA A 580 16.94 -16.57 -27.86
C ALA A 580 17.70 -16.31 -29.15
N LYS A 581 19.00 -16.07 -29.06
CA LYS A 581 19.80 -15.87 -30.27
C LYS A 581 19.80 -17.11 -31.14
N ASN A 582 19.92 -18.29 -30.53
CA ASN A 582 19.88 -19.53 -31.30
C ASN A 582 18.52 -19.76 -31.92
N ILE A 583 17.45 -19.43 -31.19
CA ILE A 583 16.10 -19.57 -31.75
C ILE A 583 15.92 -18.65 -32.94
N PHE A 584 16.37 -17.39 -32.83
CA PHE A 584 16.21 -16.45 -33.92
C PHE A 584 17.09 -16.82 -35.11
N GLU A 585 18.25 -17.45 -34.86
CA GLU A 585 19.13 -17.84 -35.97
C GLU A 585 18.45 -18.84 -36.88
N ASN A 586 17.55 -19.66 -36.35
CA ASN A 586 16.76 -20.59 -37.15
C ASN A 586 15.41 -19.96 -37.46
N GLN A 587 14.50 -20.75 -37.99
CA GLN A 587 13.13 -20.32 -38.22
C GLN A 587 12.17 -20.83 -37.15
N SER A 588 12.70 -21.38 -36.06
CA SER A 588 11.86 -21.92 -35.00
C SER A 588 11.05 -20.82 -34.32
N PHE A 589 11.59 -19.60 -34.26
CA PHE A 589 10.83 -18.49 -33.72
C PHE A 589 9.58 -18.24 -34.53
N LEU A 590 9.69 -18.32 -35.85
CA LEU A 590 8.52 -18.21 -36.71
C LEU A 590 7.53 -19.32 -36.41
N ASP A 591 8.02 -20.53 -36.13
CA ASP A 591 7.14 -21.63 -35.79
C ASP A 591 6.38 -21.37 -34.49
N ILE A 592 7.07 -20.81 -33.49
CA ILE A 592 6.40 -20.46 -32.24
C ILE A 592 5.33 -19.41 -32.49
N VAL A 593 5.68 -18.36 -33.23
CA VAL A 593 4.74 -17.29 -33.51
C VAL A 593 3.53 -17.83 -34.24
N TRP A 594 3.74 -18.70 -35.22
CA TRP A 594 2.63 -19.22 -36.00
C TRP A 594 1.79 -20.22 -35.21
N SER A 595 2.41 -20.94 -34.27
CA SER A 595 1.62 -21.78 -33.37
C SER A 595 0.68 -20.94 -32.53
N ILE A 596 1.18 -19.83 -31.99
CA ILE A 596 0.33 -18.96 -31.19
C ILE A 596 -0.75 -18.31 -32.06
N ILE A 597 -0.38 -17.95 -33.29
CA ILE A 597 -1.36 -17.36 -34.21
C ILE A 597 -2.44 -18.37 -34.55
N ASP A 598 -2.07 -19.64 -34.71
CA ASP A 598 -3.06 -20.68 -34.97
C ASP A 598 -3.97 -20.88 -33.77
N ILE A 599 -3.42 -20.75 -32.56
CA ILE A 599 -4.27 -20.80 -31.37
C ILE A 599 -5.26 -19.64 -31.38
N PHE A 600 -4.81 -18.45 -31.76
CA PHE A 600 -5.67 -17.27 -31.73
C PHE A 600 -6.74 -17.33 -32.81
N LYS A 601 -6.39 -17.81 -33.99
CA LYS A 601 -7.25 -17.70 -35.17
C LYS A 601 -8.52 -18.53 -35.05
N GLU A 602 -8.61 -19.44 -34.09
CA GLU A 602 -9.84 -20.23 -33.96
C GLU A 602 -11.00 -19.41 -33.45
N PHE A 603 -10.74 -18.27 -32.83
CA PHE A 603 -11.78 -17.40 -32.30
C PHE A 603 -11.94 -16.12 -33.11
N CYS A 604 -11.36 -16.07 -34.30
CA CYS A 604 -11.44 -14.88 -35.13
C CYS A 604 -12.83 -14.72 -35.73
N LYS A 605 -13.08 -13.54 -36.28
CA LYS A 605 -14.32 -13.25 -36.96
C LYS A 605 -14.05 -12.21 -38.03
N VAL A 606 -14.97 -12.13 -39.00
CA VAL A 606 -14.84 -11.21 -40.12
C VAL A 606 -15.72 -10.01 -39.85
N GLU A 607 -15.12 -8.81 -39.89
CA GLU A 607 -15.86 -7.57 -39.64
C GLU A 607 -15.23 -6.47 -40.47
N GLY A 608 -15.99 -5.95 -41.43
CA GLY A 608 -15.51 -4.84 -42.25
C GLY A 608 -14.34 -5.17 -43.14
N GLY A 609 -14.30 -6.37 -43.70
CA GLY A 609 -13.26 -6.73 -44.64
C GLY A 609 -11.94 -7.16 -44.03
N VAL A 610 -11.85 -7.24 -42.71
CA VAL A 610 -10.63 -7.67 -42.04
C VAL A 610 -11.00 -8.72 -40.99
N LEU A 611 -9.97 -9.45 -40.55
CA LEU A 611 -10.15 -10.50 -39.56
C LEU A 611 -9.94 -9.92 -38.17
N ILE A 612 -10.93 -10.11 -37.30
CA ILE A 612 -10.97 -9.46 -35.99
C ILE A 612 -11.15 -10.52 -34.91
N TRP A 613 -10.33 -10.44 -33.87
CA TRP A 613 -10.45 -11.35 -32.74
C TRP A 613 -11.76 -11.10 -31.99
N GLN A 614 -12.27 -12.13 -31.34
CA GLN A 614 -13.52 -12.05 -30.61
C GLN A 614 -13.37 -12.69 -29.23
N ARG A 615 -14.16 -12.20 -28.28
CA ARG A 615 -14.19 -12.79 -26.95
C ARG A 615 -14.69 -14.23 -27.04
N VAL A 616 -14.14 -15.08 -26.17
CA VAL A 616 -14.51 -16.49 -26.17
C VAL A 616 -15.94 -16.63 -25.67
N GLN A 617 -16.79 -17.27 -26.48
CA GLN A 617 -18.16 -17.55 -26.10
C GLN A 617 -18.48 -19.04 -26.04
N LYS A 618 -17.60 -19.90 -26.55
CA LYS A 618 -17.81 -21.32 -26.48
C LYS A 618 -17.65 -21.82 -25.05
N SER A 619 -18.19 -23.02 -24.79
CA SER A 619 -18.07 -23.63 -23.47
C SER A 619 -16.62 -23.94 -23.16
N ASN A 620 -16.06 -23.27 -22.15
CA ASN A 620 -14.68 -23.43 -21.74
C ASN A 620 -14.59 -23.61 -20.24
N LEU A 621 -15.37 -24.55 -19.70
CA LEU A 621 -15.39 -24.78 -18.27
C LEU A 621 -14.01 -25.16 -17.73
N THR A 622 -13.12 -25.67 -18.58
CA THR A 622 -11.74 -25.90 -18.18
C THR A 622 -10.90 -24.63 -18.25
N LYS A 623 -11.41 -23.58 -18.89
CA LYS A 623 -10.75 -22.27 -18.98
C LYS A 623 -9.40 -22.35 -19.69
N SER A 624 -9.19 -23.37 -20.52
CA SER A 624 -7.87 -23.59 -21.11
C SER A 624 -7.48 -22.46 -22.06
N TYR A 625 -8.46 -21.82 -22.71
CA TYR A 625 -8.14 -20.83 -23.72
C TYR A 625 -7.51 -19.58 -23.12
N SER A 626 -7.94 -19.17 -21.93
CA SER A 626 -7.33 -18.01 -21.28
C SER A 626 -5.86 -18.25 -20.99
N ILE A 627 -5.54 -19.41 -20.41
CA ILE A 627 -4.14 -19.76 -20.18
C ILE A 627 -3.38 -19.84 -21.49
N SER A 628 -4.02 -20.40 -22.52
CA SER A 628 -3.36 -20.50 -23.82
C SER A 628 -2.96 -19.13 -24.35
N PHE A 629 -3.90 -18.18 -24.35
CA PHE A 629 -3.62 -16.84 -24.85
C PHE A 629 -2.55 -16.15 -24.02
N LYS A 630 -2.69 -16.21 -22.70
CA LYS A 630 -1.73 -15.54 -21.84
C LYS A 630 -0.33 -16.10 -22.04
N GLN A 631 -0.20 -17.44 -22.09
CA GLN A 631 1.10 -18.05 -22.27
C GLN A 631 1.69 -17.73 -23.62
N GLY A 632 0.88 -17.75 -24.68
CA GLY A 632 1.40 -17.43 -26.00
C GLY A 632 1.89 -16.00 -26.10
N LEU A 633 1.10 -15.05 -25.58
CA LEU A 633 1.51 -13.66 -25.64
C LEU A 633 2.75 -13.42 -24.80
N TYR A 634 2.83 -14.03 -23.62
CA TYR A 634 4.02 -13.90 -22.79
C TYR A 634 5.24 -14.49 -23.49
N THR A 635 5.06 -15.63 -24.18
CA THR A 635 6.17 -16.22 -24.90
C THR A 635 6.67 -15.30 -26.00
N VAL A 636 5.75 -14.71 -26.77
CA VAL A 636 6.16 -13.79 -27.83
C VAL A 636 6.90 -12.60 -27.25
N GLU A 637 6.35 -12.01 -26.19
CA GLU A 637 6.98 -10.84 -25.58
C GLU A 637 8.36 -11.18 -25.03
N THR A 638 8.49 -12.31 -24.36
CA THR A 638 9.77 -12.71 -23.79
C THR A 638 10.80 -12.97 -24.88
N LEU A 639 10.40 -13.68 -25.94
CA LEU A 639 11.35 -13.96 -27.02
C LEU A 639 11.79 -12.68 -27.71
N LEU A 640 10.87 -11.74 -27.91
CA LEU A 640 11.23 -10.48 -28.54
C LEU A 640 12.14 -9.66 -27.62
N SER A 641 11.93 -9.73 -26.31
CA SER A 641 12.69 -8.90 -25.39
C SER A 641 14.18 -9.21 -25.43
N LYS A 642 14.54 -10.44 -25.78
CA LYS A 642 15.93 -10.89 -25.75
C LYS A 642 16.47 -11.17 -27.14
N VAL A 643 16.10 -10.35 -28.12
CA VAL A 643 16.61 -10.52 -29.47
C VAL A 643 17.99 -9.89 -29.56
N HIS A 644 18.94 -10.64 -30.12
CA HIS A 644 20.32 -10.15 -30.17
C HIS A 644 20.49 -9.07 -31.22
N ASP A 645 19.90 -9.25 -32.41
CA ASP A 645 20.02 -8.28 -33.49
C ASP A 645 18.69 -7.56 -33.68
N PRO A 646 18.64 -6.24 -33.52
CA PRO A 646 17.36 -5.53 -33.63
C PRO A 646 16.71 -5.66 -35.01
N ASN A 647 17.48 -5.97 -36.06
CA ASN A 647 16.91 -6.14 -37.38
C ASN A 647 16.08 -7.42 -37.50
N ILE A 648 16.32 -8.40 -36.62
CA ILE A 648 15.69 -9.71 -36.79
C ILE A 648 14.17 -9.64 -36.79
N PRO A 649 13.51 -8.98 -35.82
CA PRO A 649 12.04 -8.93 -35.87
C PRO A 649 11.51 -8.15 -37.06
N LEU A 650 12.31 -7.29 -37.69
CA LEU A 650 11.86 -6.48 -38.80
C LEU A 650 12.04 -7.16 -40.16
N ARG A 651 12.72 -8.30 -40.21
CA ARG A 651 12.91 -9.00 -41.46
C ARG A 651 11.57 -9.42 -42.04
N PRO A 652 11.47 -9.57 -43.37
CA PRO A 652 10.15 -9.79 -44.00
C PRO A 652 9.30 -10.86 -43.36
N LYS A 653 9.82 -12.09 -43.22
CA LYS A 653 9.05 -13.16 -42.61
C LYS A 653 8.69 -12.81 -41.17
N GLU A 654 9.67 -12.36 -40.40
CA GLU A 654 9.44 -12.04 -38.99
C GLU A 654 8.41 -10.93 -38.84
N ILE A 655 8.56 -9.86 -39.63
CA ILE A 655 7.66 -8.73 -39.48
C ILE A 655 6.26 -9.09 -39.93
N ILE A 656 6.12 -9.87 -41.00
CA ILE A 656 4.78 -10.22 -41.45
C ILE A 656 4.11 -11.16 -40.45
N SER A 657 4.87 -12.06 -39.83
CA SER A 657 4.29 -12.93 -38.82
C SER A 657 3.85 -12.14 -37.58
N LEU A 658 4.71 -11.23 -37.11
CA LEU A 658 4.35 -10.44 -35.94
C LEU A 658 3.15 -9.55 -36.22
N LEU A 659 3.10 -8.96 -37.41
CA LEU A 659 1.94 -8.14 -37.77
C LEU A 659 0.70 -8.97 -37.93
N THR A 660 0.83 -10.22 -38.41
CA THR A 660 -0.33 -11.11 -38.46
C THR A 660 -0.85 -11.38 -37.06
N LEU A 661 0.05 -11.57 -36.11
CA LEU A 661 -0.37 -11.77 -34.73
C LEU A 661 -1.07 -10.54 -34.18
N CYS A 662 -0.53 -9.35 -34.46
CA CYS A 662 -1.06 -8.14 -33.84
C CYS A 662 -2.28 -7.61 -34.57
N LYS A 663 -2.54 -8.07 -35.80
CA LYS A 663 -3.66 -7.56 -36.56
C LYS A 663 -4.99 -7.99 -36.00
N LEU A 664 -5.07 -9.20 -35.43
CA LEU A 664 -6.34 -9.72 -34.96
C LEU A 664 -6.95 -8.83 -33.88
N PHE A 665 -6.11 -8.08 -33.17
CA PHE A 665 -6.56 -7.19 -32.10
C PHE A 665 -6.59 -5.73 -32.52
N ASN A 666 -6.44 -5.44 -33.80
CA ASN A 666 -6.43 -4.06 -34.29
C ASN A 666 -7.87 -3.59 -34.43
N GLY A 667 -8.33 -2.79 -33.48
CA GLY A 667 -9.71 -2.33 -33.49
C GLY A 667 -10.71 -3.44 -33.27
N ALA A 668 -10.36 -4.41 -32.43
CA ALA A 668 -11.26 -5.53 -32.17
C ALA A 668 -12.41 -5.14 -31.25
N TRP A 669 -12.23 -4.13 -30.42
CA TRP A 669 -13.21 -3.74 -29.41
C TRP A 669 -13.97 -2.51 -29.90
N LYS A 670 -15.29 -2.63 -29.98
CA LYS A 670 -16.14 -1.56 -30.47
C LYS A 670 -17.20 -1.23 -29.43
N ILE A 671 -17.50 0.06 -29.30
CA ILE A 671 -18.54 0.54 -28.39
C ILE A 671 -19.48 1.46 -29.15
N LYS A 672 -20.75 1.44 -28.78
CA LYS A 672 -21.76 2.31 -29.37
C LYS A 672 -22.36 3.18 -28.28
N ARG A 673 -22.58 4.45 -28.60
CA ARG A 673 -23.13 5.40 -27.63
C ARG A 673 -24.58 5.05 -27.34
N LYS A 674 -24.82 4.44 -26.20
CA LYS A 674 -26.18 4.13 -25.78
C LYS A 674 -26.96 5.43 -25.59
N GLU A 675 -28.17 5.47 -26.12
CA GLU A 675 -29.03 6.64 -26.01
C GLU A 675 -30.42 6.21 -25.58
N GLY A 676 -31.09 7.10 -24.84
CA GLY A 676 -32.39 6.78 -24.31
C GLY A 676 -32.33 6.29 -22.89
N GLU A 677 -32.40 4.98 -22.70
CA GLU A 677 -32.39 4.38 -21.38
C GLU A 677 -30.97 3.97 -20.99
N HIS A 678 -30.61 4.22 -19.74
CA HIS A 678 -29.30 3.82 -19.23
C HIS A 678 -29.18 2.31 -19.23
N VAL A 679 -27.96 1.83 -19.48
CA VAL A 679 -27.70 0.39 -19.52
C VAL A 679 -27.98 -0.21 -18.16
N LEU A 680 -28.77 -1.29 -18.14
CA LEU A 680 -29.16 -1.89 -16.87
C LEU A 680 -27.95 -2.43 -16.12
N HIS A 681 -27.07 -3.15 -16.80
CA HIS A 681 -25.92 -3.77 -16.18
C HIS A 681 -24.64 -3.37 -16.90
N GLU A 682 -23.61 -3.05 -16.12
CA GLU A 682 -22.34 -2.62 -16.69
C GLU A 682 -21.70 -3.73 -17.52
N ASP A 683 -21.19 -3.37 -18.69
CA ASP A 683 -20.56 -4.33 -19.57
C ASP A 683 -19.24 -4.81 -18.98
N GLN A 684 -19.00 -6.13 -19.05
CA GLN A 684 -17.77 -6.73 -18.57
C GLN A 684 -16.94 -7.34 -19.68
N ASN A 685 -17.41 -7.30 -20.92
CA ASN A 685 -16.73 -7.96 -22.02
C ASN A 685 -15.38 -7.34 -22.32
N PHE A 686 -15.18 -6.06 -21.99
CA PHE A 686 -13.99 -5.32 -22.38
C PHE A 686 -12.72 -5.78 -21.66
N ILE A 687 -12.84 -6.60 -20.62
CA ILE A 687 -11.69 -6.93 -19.79
C ILE A 687 -10.65 -7.73 -20.58
N SER A 688 -11.10 -8.75 -21.29
CA SER A 688 -10.18 -9.58 -22.06
C SER A 688 -9.50 -8.78 -23.16
N TYR A 689 -10.26 -7.92 -23.85
CA TYR A 689 -9.66 -7.08 -24.87
C TYR A 689 -8.61 -6.16 -24.27
N LEU A 690 -8.90 -5.56 -23.11
CA LEU A 690 -7.89 -4.77 -22.42
C LEU A 690 -6.64 -5.58 -22.17
N GLU A 691 -6.80 -6.79 -21.64
CA GLU A 691 -5.64 -7.61 -21.29
C GLU A 691 -4.78 -7.91 -22.50
N TYR A 692 -5.40 -8.40 -23.58
CA TYR A 692 -4.61 -8.85 -24.72
C TYR A 692 -4.03 -7.67 -25.50
N THR A 693 -4.78 -6.56 -25.61
CA THR A 693 -4.21 -5.40 -26.27
C THR A 693 -3.11 -4.78 -25.42
N THR A 694 -3.20 -4.87 -24.09
CA THR A 694 -2.08 -4.46 -23.25
C THR A 694 -0.86 -5.33 -23.52
N SER A 695 -1.07 -6.64 -23.71
CA SER A 695 0.05 -7.50 -24.03
C SER A 695 0.69 -7.09 -25.36
N ILE A 696 -0.12 -6.78 -26.37
CA ILE A 696 0.45 -6.36 -27.65
C ILE A 696 1.16 -5.01 -27.54
N TYR A 697 0.58 -4.09 -26.77
CA TYR A 697 1.24 -2.81 -26.55
C TYR A 697 2.58 -2.99 -25.86
N SER A 698 2.64 -3.90 -24.89
CA SER A 698 3.91 -4.22 -24.26
C SER A 698 4.88 -4.84 -25.26
N ILE A 699 4.36 -5.62 -26.20
CA ILE A 699 5.21 -6.19 -27.25
C ILE A 699 5.87 -5.07 -28.04
N ILE A 700 5.07 -4.08 -28.47
CA ILE A 700 5.61 -2.97 -29.26
C ILE A 700 6.61 -2.17 -28.43
N GLN A 701 6.29 -1.91 -27.17
CA GLN A 701 7.19 -1.14 -26.32
C GLN A 701 8.50 -1.89 -26.09
N THR A 702 8.45 -3.21 -25.93
CA THR A 702 9.66 -4.00 -25.79
C THR A 702 10.49 -3.96 -27.06
N ALA A 703 9.83 -4.01 -28.22
CA ALA A 703 10.56 -3.88 -29.48
C ALA A 703 11.27 -2.54 -29.55
N GLU A 704 10.57 -1.46 -29.17
CA GLU A 704 11.20 -0.15 -29.15
C GLU A 704 12.37 -0.10 -28.19
N LYS A 705 12.20 -0.71 -27.00
CA LYS A 705 13.25 -0.70 -26.00
C LYS A 705 14.50 -1.43 -26.50
N VAL A 706 14.31 -2.59 -27.13
CA VAL A 706 15.47 -3.34 -27.61
C VAL A 706 16.10 -2.64 -28.81
N SER A 707 15.31 -1.92 -29.61
CA SER A 707 15.89 -1.11 -30.68
C SER A 707 16.76 0.00 -30.09
N GLU A 708 16.28 0.65 -29.02
CA GLU A 708 17.03 1.76 -28.44
C GLU A 708 18.28 1.28 -27.72
N LYS A 709 18.18 0.20 -26.96
CA LYS A 709 19.30 -0.22 -26.11
C LYS A 709 20.43 -0.84 -26.92
N SER A 710 20.10 -1.57 -27.99
CA SER A 710 21.15 -2.15 -28.83
C SER A 710 21.96 -1.06 -29.50
N LYS A 711 23.28 -1.21 -29.49
CA LYS A 711 24.15 -0.16 -30.03
C LYS A 711 23.98 -0.03 -31.54
N ASP A 712 23.88 -1.16 -32.25
CA ASP A 712 23.73 -1.11 -33.70
C ASP A 712 22.35 -0.60 -34.08
N SER A 713 22.31 0.20 -35.14
CA SER A 713 21.06 0.78 -35.62
C SER A 713 20.35 -0.24 -36.51
N ILE A 714 19.33 0.21 -37.23
CA ILE A 714 18.52 -0.64 -38.09
C ILE A 714 18.55 -0.07 -39.50
N ASP A 715 18.68 -0.96 -40.49
CA ASP A 715 18.64 -0.55 -41.88
C ASP A 715 17.33 0.15 -42.19
N SER A 716 17.42 1.30 -42.87
CA SER A 716 16.22 2.09 -43.14
C SER A 716 15.28 1.38 -44.12
N LYS A 717 15.81 0.50 -44.97
CA LYS A 717 14.97 -0.21 -45.92
C LYS A 717 13.94 -1.07 -45.20
N LEU A 718 14.34 -1.69 -44.09
CA LEU A 718 13.40 -2.50 -43.31
C LEU A 718 12.27 -1.63 -42.77
N PHE A 719 12.61 -0.44 -42.26
CA PHE A 719 11.60 0.48 -41.76
C PHE A 719 10.65 0.90 -42.88
N LEU A 720 11.20 1.23 -44.05
CA LEU A 720 10.37 1.63 -45.18
C LEU A 720 9.43 0.51 -45.60
N ASN A 721 9.94 -0.73 -45.63
CA ASN A 721 9.10 -1.87 -45.99
C ASN A 721 7.98 -2.06 -44.98
N ALA A 722 8.29 -1.94 -43.69
CA ALA A 722 7.25 -2.08 -42.67
C ALA A 722 6.19 -1.00 -42.82
N ILE A 723 6.62 0.24 -43.06
CA ILE A 723 5.68 1.33 -43.25
C ILE A 723 4.78 1.06 -44.45
N ARG A 724 5.37 0.60 -45.55
CA ARG A 724 4.60 0.30 -46.75
C ARG A 724 3.56 -0.78 -46.47
N ILE A 725 3.98 -1.86 -45.79
CA ILE A 725 3.07 -2.97 -45.52
C ILE A 725 1.88 -2.50 -44.68
N ILE A 726 2.18 -1.81 -43.57
CA ILE A 726 1.11 -1.42 -42.66
C ILE A 726 0.21 -0.38 -43.30
N SER A 727 0.79 0.58 -44.02
CA SER A 727 -0.01 1.61 -44.66
C SER A 727 -0.92 1.02 -45.72
N SER A 728 -0.40 0.08 -46.54
CA SER A 728 -1.23 -0.55 -47.55
C SER A 728 -2.37 -1.34 -46.91
N PHE A 729 -2.06 -2.11 -45.86
CA PHE A 729 -3.12 -2.88 -45.22
C PHE A 729 -4.19 -1.97 -44.63
N LEU A 730 -3.79 -0.86 -44.01
CA LEU A 730 -4.77 0.00 -43.38
C LEU A 730 -5.52 0.85 -44.39
N GLY A 731 -4.91 1.13 -45.55
CA GLY A 731 -5.63 1.78 -46.62
C GLY A 731 -6.60 0.87 -47.35
N ASN A 732 -6.39 -0.44 -47.24
CA ASN A 732 -7.35 -1.39 -47.82
C ASN A 732 -8.72 -1.35 -47.14
N ARG A 733 -8.91 -0.53 -46.11
CA ARG A 733 -10.20 -0.45 -45.44
C ARG A 733 -11.24 0.20 -46.36
N SER A 734 -12.50 -0.03 -46.03
CA SER A 734 -13.63 0.54 -46.76
C SER A 734 -14.32 1.55 -45.87
N LEU A 735 -14.43 2.79 -46.36
CA LEU A 735 -15.02 3.89 -45.59
C LEU A 735 -16.02 4.63 -46.46
N THR A 736 -17.18 4.93 -45.88
CA THR A 736 -18.17 5.75 -46.55
C THR A 736 -17.64 7.17 -46.75
N TYR A 737 -17.94 7.76 -47.89
CA TYR A 737 -17.51 9.12 -48.20
C TYR A 737 -18.72 10.03 -48.37
N LYS A 738 -18.47 11.33 -48.24
CA LYS A 738 -19.52 12.32 -48.43
C LYS A 738 -18.88 13.63 -48.88
N LEU A 739 -19.70 14.47 -49.51
CA LEU A 739 -19.28 15.80 -49.95
C LEU A 739 -20.17 16.85 -49.28
N ILE A 740 -19.55 17.90 -48.76
CA ILE A 740 -20.27 18.99 -48.15
C ILE A 740 -20.37 20.20 -49.07
N TYR A 741 -19.29 20.54 -49.75
CA TYR A 741 -19.30 21.50 -50.84
C TYR A 741 -19.18 20.76 -52.17
N ASP A 742 -19.04 21.53 -53.25
CA ASP A 742 -18.90 20.91 -54.56
C ASP A 742 -17.61 20.11 -54.67
N SER A 743 -16.51 20.63 -54.12
CA SER A 743 -15.19 20.05 -54.31
C SER A 743 -14.51 19.80 -52.97
N HIS A 744 -15.24 19.25 -52.00
CA HIS A 744 -14.68 18.89 -50.71
C HIS A 744 -15.31 17.57 -50.27
N GLU A 745 -14.49 16.52 -50.16
CA GLU A 745 -14.96 15.17 -49.90
C GLU A 745 -14.37 14.67 -48.59
N VAL A 746 -15.23 14.24 -47.67
CA VAL A 746 -14.80 13.81 -46.35
C VAL A 746 -15.51 12.50 -46.00
N ILE A 747 -14.96 11.80 -45.00
CA ILE A 747 -15.51 10.52 -44.58
C ILE A 747 -16.81 10.76 -43.81
N LYS A 748 -17.78 9.87 -44.02
CA LYS A 748 -19.06 9.93 -43.31
C LYS A 748 -19.01 8.94 -42.15
N PHE A 749 -19.03 9.47 -40.93
CA PHE A 749 -18.94 8.63 -39.74
C PHE A 749 -19.43 9.42 -38.54
N SER A 750 -20.52 8.99 -37.94
CA SER A 750 -21.10 9.64 -36.77
C SER A 750 -20.66 8.87 -35.52
N VAL A 751 -19.79 9.50 -34.74
CA VAL A 751 -19.24 8.83 -33.55
C VAL A 751 -20.34 8.56 -32.52
N SER A 752 -21.30 9.48 -32.40
CA SER A 752 -22.36 9.31 -31.43
C SER A 752 -23.34 8.21 -31.80
N HIS A 753 -23.26 7.67 -33.01
CA HIS A 753 -24.19 6.64 -33.46
C HIS A 753 -23.53 5.30 -33.77
N GLU A 754 -22.29 5.29 -34.25
CA GLU A 754 -21.67 4.10 -34.79
C GLU A 754 -20.56 3.60 -33.88
N ARG A 755 -20.17 2.34 -34.09
CA ARG A 755 -19.14 1.73 -33.27
C ARG A 755 -17.78 2.37 -33.54
N VAL A 756 -17.01 2.55 -32.47
CA VAL A 756 -15.69 3.17 -32.54
C VAL A 756 -14.77 2.47 -31.55
N ALA A 757 -13.50 2.37 -31.90
CA ALA A 757 -12.53 1.60 -31.14
C ALA A 757 -11.51 2.52 -30.48
N PHE A 758 -11.13 2.19 -29.25
CA PHE A 758 -10.06 2.90 -28.58
C PHE A 758 -8.69 2.48 -29.07
N MET A 759 -8.36 1.19 -28.93
CA MET A 759 -7.00 0.71 -29.10
C MET A 759 -6.79 0.23 -30.53
N ASN A 760 -5.80 0.83 -31.19
CA ASN A 760 -5.48 0.55 -32.59
C ASN A 760 -3.98 0.30 -32.70
N PRO A 761 -3.52 -0.90 -32.37
CA PRO A 761 -2.08 -1.16 -32.32
C PRO A 761 -1.36 -0.92 -33.64
N LEU A 762 -2.01 -1.17 -34.78
CA LEU A 762 -1.33 -1.03 -36.06
C LEU A 762 -0.99 0.43 -36.36
N GLN A 763 -1.91 1.35 -36.09
CA GLN A 763 -1.58 2.77 -36.19
C GLN A 763 -0.45 3.15 -35.24
N THR A 764 -0.41 2.57 -34.05
CA THR A 764 0.68 2.87 -33.13
C THR A 764 2.02 2.41 -33.71
N MET A 765 2.06 1.22 -34.29
CA MET A 765 3.27 0.74 -34.94
C MET A 765 3.65 1.64 -36.11
N LEU A 766 2.65 2.10 -36.87
CA LEU A 766 2.92 2.97 -38.00
C LEU A 766 3.53 4.29 -37.53
N SER A 767 3.00 4.85 -36.46
CA SER A 767 3.55 6.08 -35.90
C SER A 767 4.99 5.86 -35.44
N PHE A 768 5.24 4.73 -34.76
CA PHE A 768 6.60 4.40 -34.35
C PHE A 768 7.54 4.37 -35.55
N LEU A 769 7.17 3.60 -36.57
CA LEU A 769 8.05 3.39 -37.71
C LEU A 769 8.30 4.69 -38.46
N ILE A 770 7.26 5.52 -38.61
CA ILE A 770 7.46 6.82 -39.25
C ILE A 770 8.39 7.68 -38.41
N GLU A 771 8.27 7.61 -37.09
CA GLU A 771 9.14 8.40 -36.23
C GLU A 771 10.60 7.95 -36.35
N LYS A 772 10.83 6.65 -36.54
CA LYS A 772 12.21 6.15 -36.59
C LYS A 772 12.97 6.66 -37.81
N VAL A 773 12.28 7.11 -38.85
CA VAL A 773 12.92 7.53 -40.09
C VAL A 773 12.51 8.96 -40.42
N SER A 774 13.12 9.49 -41.48
CA SER A 774 12.84 10.86 -41.91
C SER A 774 11.43 10.96 -42.47
N LEU A 775 10.90 12.20 -42.44
CA LEU A 775 9.55 12.43 -42.94
C LEU A 775 9.48 12.20 -44.44
N LYS A 776 10.47 12.68 -45.19
CA LYS A 776 10.46 12.49 -46.64
C LYS A 776 10.55 11.00 -47.00
N ASP A 777 11.43 10.27 -46.30
CA ASP A 777 11.53 8.83 -46.55
C ASP A 777 10.24 8.12 -46.19
N ALA A 778 9.60 8.52 -45.11
CA ALA A 778 8.32 7.92 -44.73
C ALA A 778 7.26 8.18 -45.79
N TYR A 779 7.23 9.40 -46.34
CA TYR A 779 6.29 9.69 -47.42
C TYR A 779 6.60 8.86 -48.66
N GLU A 780 7.88 8.71 -48.98
CA GLU A 780 8.27 7.88 -50.13
C GLU A 780 7.82 6.44 -49.94
N ALA A 781 8.01 5.89 -48.74
CA ALA A 781 7.62 4.51 -48.47
C ALA A 781 6.11 4.32 -48.52
N LEU A 782 5.34 5.39 -48.41
CA LEU A 782 3.90 5.29 -48.56
C LEU A 782 3.54 4.80 -49.95
N GLU A 783 2.49 4.00 -50.04
CA GLU A 783 2.03 3.54 -51.34
C GLU A 783 1.57 4.71 -52.19
N ASP A 784 1.88 4.65 -53.48
CA ASP A 784 1.54 5.75 -54.38
C ASP A 784 0.03 5.95 -54.46
N CYS A 785 -0.73 4.86 -54.55
CA CYS A 785 -2.18 4.92 -54.59
C CYS A 785 -2.70 4.69 -53.17
N SER A 786 -2.65 5.75 -52.37
CA SER A 786 -3.07 5.67 -50.98
C SER A 786 -3.51 7.04 -50.50
N ASP A 787 -4.37 7.03 -49.49
CA ASP A 787 -4.90 8.26 -48.88
C ASP A 787 -4.59 8.21 -47.39
N PHE A 788 -3.70 9.09 -46.93
CA PHE A 788 -3.30 9.08 -45.52
C PHE A 788 -4.46 9.36 -44.58
N LEU A 789 -5.48 10.07 -45.06
CA LEU A 789 -6.65 10.29 -44.21
C LEU A 789 -7.34 8.99 -43.87
N LYS A 790 -7.30 8.02 -44.79
CA LYS A 790 -7.89 6.71 -44.51
C LYS A 790 -7.25 6.06 -43.29
N ILE A 791 -5.94 6.24 -43.09
CA ILE A 791 -5.24 5.60 -41.98
C ILE A 791 -5.16 6.48 -40.74
N SER A 792 -5.34 7.79 -40.88
CA SER A 792 -5.31 8.66 -39.70
C SER A 792 -6.69 8.92 -39.12
N ASP A 793 -7.76 8.64 -39.87
CA ASP A 793 -9.09 8.93 -39.37
C ASP A 793 -9.46 8.04 -38.19
N PHE A 794 -8.90 6.83 -38.12
CA PHE A 794 -9.18 5.97 -36.98
C PHE A 794 -8.53 6.51 -35.70
N SER A 795 -7.29 7.00 -35.81
CA SER A 795 -6.66 7.64 -34.66
C SER A 795 -7.43 8.88 -34.23
N LEU A 796 -7.85 9.69 -35.20
CA LEU A 796 -8.62 10.88 -34.83
C LEU A 796 -9.98 10.49 -34.26
N ARG A 797 -10.56 9.37 -34.71
CA ARG A 797 -11.78 8.87 -34.11
C ARG A 797 -11.57 8.51 -32.65
N SER A 798 -10.45 7.86 -32.35
CA SER A 798 -10.13 7.54 -30.97
C SER A 798 -10.00 8.80 -30.13
N VAL A 799 -9.31 9.81 -30.66
CA VAL A 799 -9.16 11.07 -29.94
C VAL A 799 -10.53 11.72 -29.69
N VAL A 800 -11.37 11.74 -30.73
CA VAL A 800 -12.68 12.36 -30.62
C VAL A 800 -13.54 11.61 -29.61
N LEU A 801 -13.48 10.28 -29.63
CA LEU A 801 -14.26 9.50 -28.68
C LEU A 801 -13.81 9.75 -27.24
N CYS A 802 -12.49 9.84 -27.03
CA CYS A 802 -11.98 10.14 -25.70
C CYS A 802 -12.45 11.51 -25.21
N SER A 803 -12.36 12.52 -26.08
CA SER A 803 -12.80 13.86 -25.67
C SER A 803 -14.32 13.92 -25.53
N GLN A 804 -15.04 13.07 -26.24
CA GLN A 804 -16.50 13.06 -26.16
C GLN A 804 -16.96 12.43 -24.86
N ILE A 805 -16.30 11.36 -24.43
CA ILE A 805 -16.66 10.72 -23.17
C ILE A 805 -16.10 11.48 -21.98
N ASP A 806 -15.05 12.29 -22.18
CA ASP A 806 -14.50 13.08 -21.09
C ASP A 806 -15.54 14.04 -20.52
N VAL A 807 -16.38 14.61 -21.38
CA VAL A 807 -17.33 15.64 -20.95
C VAL A 807 -18.60 14.99 -20.45
N GLY A 808 -18.57 13.68 -20.25
CA GLY A 808 -19.73 12.98 -19.73
C GLY A 808 -20.86 12.80 -20.71
N PHE A 809 -20.59 12.84 -22.01
CA PHE A 809 -21.64 12.65 -23.00
C PHE A 809 -22.15 11.22 -22.99
N TRP A 810 -21.28 10.24 -22.70
CA TRP A 810 -21.64 8.83 -22.73
C TRP A 810 -22.06 8.31 -21.36
N VAL A 811 -22.66 9.16 -20.52
CA VAL A 811 -23.11 8.73 -19.20
C VAL A 811 -24.19 7.66 -19.29
N ARG A 812 -24.93 7.61 -20.40
CA ARG A 812 -25.97 6.60 -20.53
C ARG A 812 -25.41 5.19 -20.64
N ASN A 813 -24.15 5.05 -21.03
CA ASN A 813 -23.44 3.79 -20.89
C ASN A 813 -22.90 3.66 -19.48
N GLY A 814 -22.58 2.44 -19.09
CA GLY A 814 -22.11 2.17 -17.75
C GLY A 814 -20.75 2.80 -17.48
N MET A 815 -20.28 2.59 -16.24
CA MET A 815 -18.95 3.07 -15.87
C MET A 815 -17.83 2.34 -16.62
N SER A 816 -18.15 1.23 -17.28
CA SER A 816 -17.13 0.48 -18.01
C SER A 816 -16.53 1.31 -19.13
N VAL A 817 -17.36 2.07 -19.84
CA VAL A 817 -16.86 2.89 -20.94
C VAL A 817 -15.95 3.99 -20.40
N LEU A 818 -16.28 4.54 -19.24
CA LEU A 818 -15.40 5.52 -18.63
C LEU A 818 -14.07 4.90 -18.21
N HIS A 819 -14.11 3.68 -17.68
CA HIS A 819 -12.88 2.98 -17.35
C HIS A 819 -12.03 2.76 -18.58
N GLN A 820 -12.65 2.34 -19.69
CA GLN A 820 -11.92 2.15 -20.93
C GLN A 820 -11.29 3.45 -21.40
N ALA A 821 -12.05 4.55 -21.33
CA ALA A 821 -11.54 5.84 -21.77
C ALA A 821 -10.35 6.28 -20.93
N SER A 822 -10.47 6.15 -19.61
CA SER A 822 -9.35 6.52 -18.74
C SER A 822 -8.16 5.61 -18.96
N TYR A 823 -8.40 4.37 -19.39
CA TYR A 823 -7.30 3.49 -19.76
C TYR A 823 -6.63 3.95 -21.05
N TYR A 824 -7.42 4.41 -22.01
CA TYR A 824 -6.85 4.94 -23.25
C TYR A 824 -6.00 6.17 -23.00
N LYS A 825 -6.49 7.10 -22.19
CA LYS A 825 -5.64 8.15 -21.67
C LYS A 825 -4.53 7.53 -20.83
N ASN A 826 -3.34 8.10 -20.91
CA ASN A 826 -2.18 7.73 -20.10
C ASN A 826 -2.08 6.20 -19.91
N ASN A 827 -2.19 5.50 -21.03
CA ASN A 827 -2.15 4.05 -21.03
C ASN A 827 -0.85 3.55 -20.38
N PRO A 828 -0.91 2.58 -19.47
CA PRO A 828 0.29 2.20 -18.72
C PRO A 828 1.45 1.75 -19.59
N GLU A 829 1.17 1.03 -20.67
CA GLU A 829 2.25 0.43 -21.46
C GLU A 829 2.74 1.32 -22.59
N LEU A 830 1.90 2.20 -23.11
CA LEU A 830 2.29 2.95 -24.29
C LEU A 830 1.45 4.20 -24.41
N GLY A 831 2.00 5.21 -25.09
CA GLY A 831 1.31 6.46 -25.32
C GLY A 831 0.39 6.43 -26.53
N SER A 832 -0.78 5.81 -26.38
CA SER A 832 -1.72 5.72 -27.50
C SER A 832 -2.20 7.11 -27.93
N TYR A 833 -2.57 7.96 -26.97
CA TYR A 833 -3.11 9.27 -27.31
C TYR A 833 -2.08 10.12 -28.05
N SER A 834 -0.84 10.12 -27.56
CA SER A 834 0.19 10.91 -28.22
C SER A 834 0.49 10.38 -29.62
N ARG A 835 0.46 9.07 -29.80
CA ARG A 835 0.66 8.51 -31.13
C ARG A 835 -0.47 8.90 -32.07
N ASP A 836 -1.70 8.93 -31.57
CA ASP A 836 -2.82 9.37 -32.41
C ASP A 836 -2.67 10.83 -32.82
N ILE A 837 -2.26 11.68 -31.86
CA ILE A 837 -2.01 13.08 -32.20
C ILE A 837 -0.90 13.18 -33.24
N HIS A 838 0.12 12.33 -33.12
CA HIS A 838 1.21 12.32 -34.11
C HIS A 838 0.71 11.93 -35.49
N LEU A 839 -0.16 10.92 -35.56
CA LEU A 839 -0.71 10.50 -36.84
C LEU A 839 -1.53 11.63 -37.47
N ASN A 840 -2.31 12.33 -36.64
CA ASN A 840 -3.09 13.46 -37.17
C ASN A 840 -2.16 14.57 -37.66
N GLN A 841 -1.08 14.82 -36.94
CA GLN A 841 -0.11 15.81 -37.39
C GLN A 841 0.50 15.42 -38.73
N LEU A 842 0.79 14.13 -38.90
CA LEU A 842 1.32 13.66 -40.18
C LEU A 842 0.29 13.83 -41.29
N ALA A 843 -0.97 13.52 -41.01
CA ALA A 843 -2.01 13.67 -42.02
C ALA A 843 -2.14 15.12 -42.46
N ILE A 844 -2.08 16.05 -41.50
CA ILE A 844 -2.14 17.46 -41.86
C ILE A 844 -0.90 17.88 -42.63
N LEU A 845 0.28 17.42 -42.20
CA LEU A 845 1.52 17.88 -42.80
C LEU A 845 1.70 17.36 -44.21
N TRP A 846 1.06 16.22 -44.54
CA TRP A 846 1.22 15.59 -45.84
C TRP A 846 0.02 15.82 -46.75
N GLU A 847 -0.60 16.99 -46.68
CA GLU A 847 -1.73 17.34 -47.53
C GLU A 847 -1.53 18.74 -48.10
N ARG A 848 -0.33 19.00 -48.63
CA ARG A 848 0.04 20.32 -49.12
C ARG A 848 -0.76 20.77 -50.34
N ASP A 849 -1.73 19.97 -50.80
CA ASP A 849 -2.53 20.32 -51.96
C ASP A 849 -3.96 20.71 -51.63
N ASP A 850 -4.57 20.13 -50.59
CA ASP A 850 -5.97 20.34 -50.27
C ASP A 850 -6.15 20.58 -48.77
N ILE A 851 -5.38 21.53 -48.24
CA ILE A 851 -5.39 21.88 -46.82
C ILE A 851 -6.81 22.12 -46.29
N PRO A 852 -7.69 22.84 -47.01
CA PRO A 852 -9.06 22.98 -46.50
C PRO A 852 -9.78 21.66 -46.29
N ARG A 853 -9.48 20.64 -47.09
CA ARG A 853 -10.15 19.35 -46.91
C ARG A 853 -9.86 18.76 -45.54
N ILE A 854 -8.63 18.93 -45.05
CA ILE A 854 -8.26 18.39 -43.75
C ILE A 854 -9.09 19.04 -42.65
N ILE A 855 -9.17 20.37 -42.66
CA ILE A 855 -9.88 21.09 -41.60
C ILE A 855 -11.36 20.75 -41.63
N TYR A 856 -11.94 20.60 -42.83
CA TYR A 856 -13.33 20.20 -42.91
C TYR A 856 -13.53 18.79 -42.37
N ASN A 857 -12.61 17.87 -42.68
CA ASN A 857 -12.72 16.52 -42.16
C ASN A 857 -12.51 16.47 -40.66
N ILE A 858 -11.47 17.15 -40.16
CA ILE A 858 -11.17 17.14 -38.74
C ILE A 858 -12.37 17.64 -37.94
N LEU A 859 -12.93 18.78 -38.37
CA LEU A 859 -14.06 19.36 -37.68
C LEU A 859 -15.34 18.56 -37.91
N ASP A 860 -15.36 17.69 -38.92
CA ASP A 860 -16.56 16.91 -39.19
C ASP A 860 -16.77 15.82 -38.16
N ARG A 861 -15.70 15.10 -37.81
CA ARG A 861 -15.85 13.98 -36.88
C ARG A 861 -16.31 14.43 -35.51
N TRP A 862 -15.96 15.66 -35.11
CA TRP A 862 -16.42 16.21 -33.85
C TRP A 862 -17.91 16.52 -33.91
N GLU A 863 -18.53 16.29 -35.08
CA GLU A 863 -19.93 16.59 -35.33
C GLU A 863 -20.22 18.09 -35.21
N LEU A 864 -19.19 18.92 -35.40
CA LEU A 864 -19.32 20.36 -35.39
C LEU A 864 -19.62 20.95 -36.75
N LEU A 865 -19.59 20.14 -37.81
CA LEU A 865 -19.76 20.67 -39.15
C LEU A 865 -21.18 21.18 -39.39
N ASP A 866 -22.17 20.58 -38.71
CA ASP A 866 -23.53 21.09 -38.81
C ASP A 866 -23.62 22.52 -38.30
N TRP A 867 -22.94 22.81 -37.19
CA TRP A 867 -22.93 24.17 -36.65
C TRP A 867 -22.07 25.10 -37.50
N PHE A 868 -20.89 24.63 -37.92
CA PHE A 868 -19.94 25.53 -38.56
C PHE A 868 -20.46 26.05 -39.90
N THR A 869 -21.04 25.17 -40.71
CA THR A 869 -21.55 25.58 -42.01
C THR A 869 -22.85 26.37 -41.90
N GLY A 870 -23.42 26.48 -40.71
CA GLY A 870 -24.70 27.15 -40.54
C GLY A 870 -25.90 26.26 -40.74
N GLU A 871 -25.72 24.95 -40.88
CA GLU A 871 -26.86 24.06 -41.08
C GLU A 871 -27.78 24.07 -39.86
N VAL A 872 -27.21 24.08 -38.67
CA VAL A 872 -27.99 24.09 -37.43
C VAL A 872 -27.42 25.17 -36.52
N ASP A 873 -28.24 25.65 -35.59
CA ASP A 873 -27.82 26.69 -34.67
C ASP A 873 -26.85 26.12 -33.63
N TYR A 874 -26.14 27.03 -32.96
CA TYR A 874 -25.15 26.64 -31.97
C TYR A 874 -25.79 25.90 -30.81
N GLN A 875 -26.96 26.37 -30.35
CA GLN A 875 -27.58 25.80 -29.17
C GLN A 875 -28.13 24.40 -29.42
N HIS A 876 -28.58 24.11 -30.63
CA HIS A 876 -29.24 22.85 -30.94
C HIS A 876 -28.33 21.89 -31.70
N THR A 877 -27.05 21.87 -31.39
CA THR A 877 -26.17 20.83 -31.90
C THR A 877 -26.50 19.51 -31.20
N VAL A 878 -26.03 18.40 -31.79
CA VAL A 878 -26.34 17.07 -31.25
C VAL A 878 -25.88 16.95 -29.80
N TYR A 879 -24.83 17.67 -29.42
CA TYR A 879 -24.33 17.62 -28.05
C TYR A 879 -25.25 18.31 -27.06
N GLU A 880 -26.26 19.06 -27.52
CA GLU A 880 -27.20 19.80 -26.67
C GLU A 880 -26.38 20.79 -25.86
N ASP A 881 -26.59 20.88 -24.54
CA ASP A 881 -25.93 21.91 -23.73
C ASP A 881 -24.44 21.65 -23.53
N LYS A 882 -23.95 20.47 -23.84
CA LYS A 882 -22.54 20.13 -23.64
C LYS A 882 -21.65 20.57 -24.79
N ILE A 883 -22.16 21.42 -25.68
CA ILE A 883 -21.39 21.85 -26.84
C ILE A 883 -20.18 22.66 -26.42
N SER A 884 -20.31 23.48 -25.37
CA SER A 884 -19.18 24.32 -24.95
C SER A 884 -18.01 23.47 -24.49
N PHE A 885 -18.26 22.42 -23.72
CA PHE A 885 -17.18 21.54 -23.28
C PHE A 885 -16.53 20.84 -24.46
N ILE A 886 -17.34 20.40 -25.42
CA ILE A 886 -16.79 19.75 -26.60
C ILE A 886 -15.90 20.71 -27.37
N ILE A 887 -16.32 21.98 -27.49
CA ILE A 887 -15.51 22.96 -28.19
C ILE A 887 -14.23 23.25 -27.42
N GLN A 888 -14.30 23.23 -26.08
CA GLN A 888 -13.09 23.36 -25.28
C GLN A 888 -12.11 22.23 -25.59
N GLN A 889 -12.60 21.00 -25.62
CA GLN A 889 -11.75 19.87 -25.96
C GLN A 889 -11.22 19.98 -27.38
N PHE A 890 -12.04 20.50 -28.30
CA PHE A 890 -11.63 20.66 -29.69
C PHE A 890 -10.49 21.66 -29.81
N ILE A 891 -10.59 22.78 -29.08
CA ILE A 891 -9.51 23.77 -29.09
C ILE A 891 -8.25 23.17 -28.48
N ALA A 892 -8.40 22.39 -27.41
CA ALA A 892 -7.25 21.71 -26.83
C ALA A 892 -6.61 20.76 -27.85
N PHE A 893 -7.44 20.05 -28.60
CA PHE A 893 -6.94 19.11 -29.61
C PHE A 893 -6.17 19.84 -30.70
N ILE A 894 -6.69 20.97 -31.17
CA ILE A 894 -6.00 21.74 -32.20
C ILE A 894 -4.68 22.28 -31.67
N TYR A 895 -4.68 22.80 -30.45
CA TYR A 895 -3.45 23.30 -29.86
C TYR A 895 -2.43 22.17 -29.74
N GLN A 896 -2.88 20.99 -29.34
CA GLN A 896 -1.98 19.85 -29.26
C GLN A 896 -1.40 19.50 -30.63
N ILE A 897 -2.25 19.53 -31.66
CA ILE A 897 -1.74 19.28 -33.01
C ILE A 897 -0.64 20.29 -33.36
N LEU A 898 -0.85 21.56 -33.00
CA LEU A 898 0.08 22.59 -33.41
C LEU A 898 1.38 22.56 -32.62
N THR A 899 1.34 22.20 -31.33
CA THR A 899 2.41 22.55 -30.42
C THR A 899 3.51 21.49 -30.29
N GLU A 900 3.17 20.28 -29.85
CA GLU A 900 4.23 19.32 -29.56
C GLU A 900 4.79 18.74 -30.85
N ARG A 901 6.00 19.18 -31.19
CA ARG A 901 6.77 18.67 -32.32
C ARG A 901 7.84 17.69 -31.87
N GLN A 902 7.62 17.00 -30.75
CA GLN A 902 8.66 16.14 -30.19
C GLN A 902 9.03 15.00 -31.15
N TYR A 903 8.02 14.38 -31.75
CA TYR A 903 8.28 13.27 -32.67
C TYR A 903 9.03 13.72 -33.92
N PHE A 904 8.95 14.99 -34.28
CA PHE A 904 9.65 15.51 -35.43
C PHE A 904 11.02 16.09 -35.09
N LYS A 905 11.43 16.05 -33.83
CA LYS A 905 12.75 16.53 -33.46
C LYS A 905 13.80 15.43 -33.60
N THR A 906 15.05 15.84 -33.69
CA THR A 906 16.19 14.93 -33.78
C THR A 906 17.12 15.20 -32.61
N PHE A 907 17.22 14.25 -31.70
CA PHE A 907 18.07 14.37 -30.53
C PHE A 907 19.43 13.75 -30.80
N SER A 908 20.37 14.00 -29.89
CA SER A 908 21.70 13.42 -30.01
C SER A 908 21.65 11.90 -29.88
N SER A 909 20.84 11.39 -28.95
CA SER A 909 20.72 9.96 -28.74
C SER A 909 19.32 9.65 -28.22
N LEU A 910 18.92 8.39 -28.38
CA LEU A 910 17.62 7.96 -27.87
C LEU A 910 17.56 8.07 -26.35
N LYS A 911 18.71 7.97 -25.68
CA LYS A 911 18.74 8.17 -24.23
C LYS A 911 18.29 9.59 -23.88
N ASP A 912 18.73 10.58 -24.65
CA ASP A 912 18.30 11.95 -24.39
C ASP A 912 16.82 12.12 -24.67
N ARG A 913 16.30 11.43 -25.69
CA ARG A 913 14.87 11.49 -25.96
C ARG A 913 14.06 10.93 -24.79
N ARG A 914 14.48 9.78 -24.27
CA ARG A 914 13.81 9.21 -23.10
C ARG A 914 13.93 10.13 -21.90
N MET A 915 15.11 10.73 -21.70
CA MET A 915 15.31 11.65 -20.59
C MET A 915 14.37 12.85 -20.69
N ASP A 916 14.22 13.40 -21.89
CA ASP A 916 13.32 14.53 -22.06
C ASP A 916 11.88 14.14 -21.82
N GLN A 917 11.48 12.94 -22.27
CA GLN A 917 10.13 12.46 -21.98
C GLN A 917 9.90 12.35 -20.48
N ILE A 918 10.87 11.78 -19.76
CA ILE A 918 10.73 11.62 -18.32
C ILE A 918 10.63 12.98 -17.65
N LYS A 919 11.49 13.92 -18.06
CA LYS A 919 11.49 15.24 -17.46
C LYS A 919 10.17 15.95 -17.68
N ASN A 920 9.63 15.86 -18.91
CA ASN A 920 8.35 16.51 -19.19
C ASN A 920 7.22 15.89 -18.38
N SER A 921 7.20 14.56 -18.26
CA SER A 921 6.16 13.91 -17.46
C SER A 921 6.25 14.33 -16.00
N ILE A 922 7.45 14.35 -15.44
CA ILE A 922 7.63 14.78 -14.06
C ILE A 922 7.20 16.22 -13.88
N ILE A 923 7.59 17.09 -14.81
CA ILE A 923 7.26 18.51 -14.70
C ILE A 923 5.75 18.69 -14.71
N TYR A 924 5.06 18.02 -15.63
CA TYR A 924 3.62 18.20 -15.71
C TYR A 924 2.88 17.46 -14.60
N ASN A 925 3.55 16.56 -13.88
CA ASN A 925 2.90 15.92 -12.74
C ASN A 925 3.18 16.62 -11.42
N LEU A 926 4.21 17.47 -11.34
CA LEU A 926 4.62 18.05 -10.07
C LEU A 926 4.08 19.46 -9.83
N TYR A 927 3.98 20.31 -10.86
CA TYR A 927 3.74 21.73 -10.64
C TYR A 927 2.41 22.02 -9.97
N MET A 928 1.46 21.09 -10.00
CA MET A 928 0.20 21.31 -9.29
C MET A 928 0.42 21.47 -7.80
N LYS A 929 1.24 20.60 -7.21
CA LYS A 929 1.62 20.67 -5.80
C LYS A 929 2.79 19.74 -5.56
N PRO A 930 3.66 20.02 -4.59
CA PRO A 930 4.72 19.07 -4.26
C PRO A 930 4.14 17.74 -3.82
N LEU A 931 4.78 16.66 -4.25
CA LEU A 931 4.25 15.32 -4.04
C LEU A 931 5.36 14.38 -3.59
N SER A 932 4.96 13.33 -2.88
CA SER A 932 5.89 12.32 -2.42
C SER A 932 6.37 11.46 -3.58
N TYR A 933 7.40 10.65 -3.31
CA TYR A 933 7.95 9.78 -4.35
C TYR A 933 6.95 8.75 -4.79
N SER A 934 6.20 8.15 -3.84
CA SER A 934 5.24 7.12 -4.20
C SER A 934 4.13 7.66 -5.08
N LYS A 935 3.58 8.82 -4.74
CA LYS A 935 2.52 9.40 -5.55
C LYS A 935 3.04 9.83 -6.91
N LEU A 936 4.28 10.33 -6.96
CA LEU A 936 4.86 10.69 -8.25
C LEU A 936 5.04 9.48 -9.14
N LEU A 937 5.49 8.36 -8.57
CA LEU A 937 5.58 7.13 -9.35
C LEU A 937 4.21 6.64 -9.79
N ARG A 938 3.20 6.81 -8.93
CA ARG A 938 1.85 6.40 -9.27
C ARG A 938 1.32 7.21 -10.46
N SER A 939 1.61 8.51 -10.50
CA SER A 939 1.07 9.35 -11.56
C SER A 939 1.76 9.09 -12.90
N VAL A 940 3.08 8.99 -12.90
CA VAL A 940 3.83 8.85 -14.16
C VAL A 940 3.47 7.53 -14.83
N PRO A 941 3.35 7.48 -16.16
CA PRO A 941 3.04 6.21 -16.83
C PRO A 941 4.07 5.14 -16.54
N ASP A 942 3.60 3.89 -16.50
CA ASP A 942 4.43 2.78 -16.04
C ASP A 942 5.63 2.55 -16.95
N TYR A 943 5.45 2.68 -18.26
CA TYR A 943 6.56 2.41 -19.17
C TYR A 943 7.67 3.43 -19.05
N LEU A 944 7.45 4.53 -18.34
CA LEU A 944 8.50 5.52 -18.12
C LEU A 944 9.31 5.24 -16.86
N THR A 945 8.72 4.61 -15.86
CA THR A 945 9.34 4.43 -14.56
C THR A 945 10.21 3.18 -14.46
N GLU A 946 10.20 2.32 -15.48
CA GLU A 946 10.89 1.03 -15.35
C GLU A 946 12.40 1.22 -15.17
N ASP A 947 13.00 2.13 -15.94
CA ASP A 947 14.42 2.43 -15.76
C ASP A 947 14.54 3.33 -14.54
N THR A 948 14.66 2.71 -13.37
CA THR A 948 14.59 3.44 -12.11
C THR A 948 15.73 4.44 -11.99
N THR A 949 16.94 4.07 -12.43
CA THR A 949 18.07 4.98 -12.35
C THR A 949 17.83 6.24 -13.19
N GLU A 950 17.34 6.07 -14.42
CA GLU A 950 17.05 7.22 -15.26
C GLU A 950 15.96 8.10 -14.66
N PHE A 951 14.91 7.48 -14.12
CA PHE A 951 13.84 8.25 -13.51
C PHE A 951 14.35 9.03 -12.31
N ASP A 952 15.17 8.41 -11.48
CA ASP A 952 15.73 9.10 -10.32
C ASP A 952 16.64 10.25 -10.74
N GLU A 953 17.45 10.03 -11.77
CA GLU A 953 18.31 11.12 -12.26
C GLU A 953 17.48 12.29 -12.76
N ALA A 954 16.43 12.00 -13.54
CA ALA A 954 15.58 13.08 -14.05
C ALA A 954 14.87 13.80 -12.91
N LEU A 955 14.38 13.06 -11.93
CA LEU A 955 13.69 13.69 -10.80
C LEU A 955 14.64 14.57 -10.01
N GLU A 956 15.88 14.11 -9.80
CA GLU A 956 16.86 14.93 -9.10
C GLU A 956 17.19 16.20 -9.88
N GLU A 957 17.30 16.08 -11.21
CA GLU A 957 17.63 17.25 -12.02
C GLU A 957 16.47 18.24 -12.09
N VAL A 958 15.22 17.75 -12.05
CA VAL A 958 14.08 18.61 -12.28
C VAL A 958 13.68 19.34 -11.00
N SER A 959 13.51 18.61 -9.91
CA SER A 959 12.98 19.18 -8.68
C SER A 959 14.07 19.28 -7.60
N VAL A 960 13.68 19.84 -6.46
CA VAL A 960 14.54 19.95 -5.29
C VAL A 960 13.83 19.27 -4.13
N PHE A 961 14.60 18.53 -3.33
CA PHE A 961 14.02 17.76 -2.25
C PHE A 961 13.64 18.65 -1.08
N VAL A 962 12.42 18.48 -0.58
CA VAL A 962 11.94 19.18 0.61
C VAL A 962 11.88 18.16 1.74
N GLU A 963 12.68 18.39 2.78
CA GLU A 963 12.75 17.46 3.89
C GLU A 963 11.43 17.42 4.65
N PRO A 964 11.00 16.26 5.14
CA PRO A 964 9.80 16.22 5.96
C PRO A 964 9.98 16.99 7.25
N LYS A 965 8.89 17.56 7.74
CA LYS A 965 8.91 18.37 8.96
C LYS A 965 8.31 17.64 10.15
N GLY A 966 7.14 17.03 9.99
CA GLY A 966 6.48 16.35 11.07
C GLY A 966 7.16 15.04 11.42
N LEU A 967 6.42 14.20 12.14
CA LEU A 967 6.91 12.91 12.58
C LEU A 967 6.28 11.73 11.85
N ALA A 968 5.33 11.98 10.94
CA ALA A 968 4.71 10.91 10.18
C ALA A 968 4.43 11.31 8.74
N ASP A 969 5.27 12.16 8.15
CA ASP A 969 5.05 12.67 6.81
C ASP A 969 6.16 12.24 5.87
N ASN A 970 5.82 12.09 4.60
CA ASN A 970 6.76 11.67 3.57
C ASN A 970 7.53 12.85 3.03
N GLY A 971 8.79 12.61 2.68
CA GLY A 971 9.59 13.62 1.99
C GLY A 971 8.98 13.95 0.64
N VAL A 972 8.82 15.23 0.34
CA VAL A 972 8.14 15.66 -0.88
C VAL A 972 9.14 16.34 -1.80
N PHE A 973 8.77 16.42 -3.06
CA PHE A 973 9.58 17.05 -4.10
C PHE A 973 8.86 18.29 -4.63
N LYS A 974 9.55 19.42 -4.63
CA LYS A 974 9.02 20.68 -5.12
C LYS A 974 9.67 21.01 -6.44
N LEU A 975 8.85 21.30 -7.45
CA LEU A 975 9.37 21.61 -8.77
C LEU A 975 10.12 22.93 -8.75
N LYS A 976 11.28 22.97 -9.40
CA LYS A 976 12.11 24.17 -9.36
C LYS A 976 11.39 25.35 -10.00
N ALA A 977 11.59 26.53 -9.42
CA ALA A 977 10.89 27.72 -9.90
C ALA A 977 11.27 28.05 -11.34
N SER A 978 12.54 27.87 -11.69
CA SER A 978 13.01 28.22 -13.03
C SER A 978 12.37 27.37 -14.12
N LEU A 979 11.78 26.23 -13.77
CA LEU A 979 11.12 25.37 -14.75
C LEU A 979 9.65 25.69 -14.92
N TYR A 980 9.10 26.61 -14.13
CA TYR A 980 7.72 27.05 -14.32
C TYR A 980 7.52 27.72 -15.67
N ALA A 981 8.55 28.35 -16.21
CA ALA A 981 8.43 29.00 -17.52
C ALA A 981 8.29 28.01 -18.66
N LYS A 982 8.51 26.73 -18.42
CA LYS A 982 8.44 25.71 -19.46
C LYS A 982 7.14 24.91 -19.42
N VAL A 983 6.18 25.32 -18.60
CA VAL A 983 4.92 24.60 -18.45
C VAL A 983 3.86 25.29 -19.30
N ASP A 984 3.28 24.54 -20.23
CA ASP A 984 2.17 25.03 -21.05
C ASP A 984 0.90 24.33 -20.62
N PRO A 985 -0.06 25.03 -20.03
CA PRO A 985 -1.19 24.35 -19.39
C PRO A 985 -2.21 23.78 -20.36
N LEU A 986 -1.89 23.78 -21.66
CA LEU A 986 -2.80 23.23 -22.66
C LEU A 986 -2.21 22.05 -23.42
N LYS A 987 -0.93 21.75 -23.26
CA LYS A 987 -0.30 20.66 -23.98
C LYS A 987 -0.91 19.33 -23.55
N LEU A 988 -0.46 18.25 -24.20
CA LEU A 988 -1.07 16.94 -23.99
C LEU A 988 -0.87 16.45 -22.57
N LEU A 989 0.31 16.69 -21.98
CA LEU A 989 0.62 16.12 -20.67
C LEU A 989 -0.33 16.62 -19.59
N ASN A 990 -0.92 17.81 -19.76
CA ASN A 990 -1.85 18.37 -18.79
C ASN A 990 -3.30 18.06 -19.16
N LEU A 991 -3.56 16.90 -19.76
CA LEU A 991 -4.88 16.58 -20.26
C LEU A 991 -5.87 16.36 -19.13
N GLU A 992 -5.42 15.77 -18.02
CA GLU A 992 -6.33 15.44 -16.92
C GLU A 992 -6.91 16.69 -16.27
N ASN A 993 -6.09 17.73 -16.10
CA ASN A 993 -6.51 18.92 -15.38
C ASN A 993 -7.31 19.85 -16.28
N GLU A 994 -7.90 20.88 -15.66
CA GLU A 994 -8.61 21.91 -16.38
C GLU A 994 -7.59 22.90 -16.92
N PHE A 995 -8.04 24.00 -17.52
CA PHE A 995 -7.13 25.00 -18.05
C PHE A 995 -6.92 26.19 -17.13
N GLU A 996 -7.98 26.76 -16.57
CA GLU A 996 -7.78 27.96 -15.77
C GLU A 996 -6.99 27.65 -14.51
N SER A 997 -7.20 26.46 -13.93
CA SER A 997 -6.58 26.15 -12.66
C SER A 997 -5.07 26.04 -12.82
N SER A 998 -4.64 25.29 -13.83
CA SER A 998 -3.22 25.22 -14.13
C SER A 998 -2.69 26.60 -14.51
N ALA A 999 -3.46 27.37 -15.28
CA ALA A 999 -3.03 28.69 -15.67
C ALA A 999 -2.79 29.58 -14.45
N THR A 1000 -3.74 29.59 -13.52
CA THR A 1000 -3.63 30.42 -12.33
C THR A 1000 -2.50 29.95 -11.42
N ILE A 1001 -2.31 28.64 -11.30
CA ILE A 1001 -1.22 28.15 -10.47
C ILE A 1001 0.13 28.57 -11.05
N ILE A 1002 0.30 28.42 -12.36
CA ILE A 1002 1.55 28.84 -12.98
C ILE A 1002 1.72 30.35 -12.86
N LYS A 1003 0.62 31.11 -12.97
CA LYS A 1003 0.72 32.56 -12.82
C LYS A 1003 1.13 32.95 -11.41
N SER A 1004 0.54 32.30 -10.40
CA SER A 1004 0.90 32.59 -9.02
C SER A 1004 2.36 32.26 -8.76
N HIS A 1005 2.83 31.13 -9.28
CA HIS A 1005 4.24 30.79 -9.16
C HIS A 1005 5.12 31.63 -10.07
N LEU A 1006 4.55 32.41 -10.98
CA LEU A 1006 5.30 33.27 -11.88
C LEU A 1006 5.12 34.76 -11.59
N ALA A 1007 4.13 35.12 -10.79
CA ALA A 1007 3.91 36.52 -10.45
C ALA A 1007 4.91 36.97 -9.38
N LYS A 1008 5.44 38.18 -9.56
CA LYS A 1008 6.38 38.71 -8.58
C LYS A 1008 5.72 39.08 -7.27
N ASP A 1009 4.39 39.25 -7.27
CA ASP A 1009 3.67 39.60 -6.06
C ASP A 1009 2.19 39.24 -6.26
N LYS A 1010 1.43 39.33 -5.17
CA LYS A 1010 0.00 39.02 -5.22
C LYS A 1010 -0.77 40.01 -6.07
N ASP A 1011 -0.18 41.16 -6.39
CA ASP A 1011 -0.86 42.11 -7.27
C ASP A 1011 -1.01 41.55 -8.68
N GLU A 1012 0.00 40.83 -9.17
CA GLU A 1012 0.04 40.36 -10.55
C GLU A 1012 -0.41 38.91 -10.70
N ILE A 1013 -1.34 38.44 -9.86
CA ILE A 1013 -1.83 37.07 -10.00
C ILE A 1013 -2.52 36.89 -11.35
N ALA A 1014 -3.34 37.85 -11.75
CA ALA A 1014 -4.10 37.77 -12.98
C ALA A 1014 -3.66 38.79 -14.02
N LYS A 1015 -2.54 39.48 -13.80
CA LYS A 1015 -2.06 40.47 -14.76
C LYS A 1015 -0.87 39.95 -15.57
N VAL A 1016 -0.60 38.65 -15.55
CA VAL A 1016 0.48 38.07 -16.32
C VAL A 1016 -0.09 37.04 -17.28
N VAL A 1017 0.59 36.86 -18.41
CA VAL A 1017 0.14 35.99 -19.48
C VAL A 1017 1.13 34.85 -19.66
N LEU A 1018 0.62 33.71 -20.10
CA LEU A 1018 1.42 32.52 -20.30
C LEU A 1018 1.84 32.44 -21.76
N ILE A 1019 3.14 32.49 -22.01
CA ILE A 1019 3.65 32.35 -23.37
C ILE A 1019 3.43 30.91 -23.83
N PRO A 1020 2.79 30.68 -24.98
CA PRO A 1020 2.62 29.31 -25.47
C PRO A 1020 3.97 28.67 -25.77
N GLN A 1021 4.06 27.36 -25.51
CA GLN A 1021 5.32 26.64 -25.69
C GLN A 1021 5.35 26.08 -27.11
N VAL A 1022 5.83 26.89 -28.04
CA VAL A 1022 6.02 26.50 -29.43
C VAL A 1022 7.43 26.87 -29.84
N SER A 1023 8.15 25.91 -30.42
CA SER A 1023 9.53 26.14 -30.80
C SER A 1023 9.88 25.28 -32.00
N ILE A 1024 10.96 25.67 -32.69
CA ILE A 1024 11.46 24.95 -33.85
C ILE A 1024 12.90 24.51 -33.64
N LYS A 1025 13.33 24.39 -32.39
CA LYS A 1025 14.70 24.00 -32.10
C LYS A 1025 14.89 22.52 -32.38
N GLN A 1026 15.97 22.19 -33.09
CA GLN A 1026 16.33 20.81 -33.42
C GLN A 1026 15.18 20.10 -34.12
N LEU A 1027 14.49 20.81 -35.00
CA LEU A 1027 13.33 20.28 -35.70
C LEU A 1027 13.69 19.87 -37.12
N ASP A 1028 12.94 18.92 -37.65
CA ASP A 1028 13.17 18.45 -39.01
C ASP A 1028 12.80 19.52 -40.02
N LYS A 1029 13.41 19.43 -41.20
CA LYS A 1029 13.16 20.43 -42.24
C LYS A 1029 11.71 20.40 -42.71
N ASP A 1030 11.16 19.21 -42.89
CA ASP A 1030 9.80 19.08 -43.41
C ASP A 1030 8.72 19.33 -42.37
N ALA A 1031 9.08 19.44 -41.10
CA ALA A 1031 8.10 19.61 -40.04
C ALA A 1031 7.77 21.06 -39.74
N LEU A 1032 8.49 22.02 -40.32
CA LEU A 1032 8.32 23.42 -39.99
C LEU A 1032 6.99 24.00 -40.45
N ASN A 1033 6.23 23.28 -41.29
CA ASN A 1033 5.02 23.81 -41.89
C ASN A 1033 3.75 23.28 -41.23
N LEU A 1034 3.78 23.04 -39.92
CA LEU A 1034 2.58 22.62 -39.23
C LEU A 1034 1.57 23.75 -39.04
N GLY A 1035 1.98 25.00 -39.19
CA GLY A 1035 1.09 26.12 -39.06
C GLY A 1035 0.26 26.41 -40.29
N ALA A 1036 0.40 25.59 -41.33
CA ALA A 1036 -0.32 25.84 -42.57
C ALA A 1036 -1.82 25.77 -42.38
N PHE A 1037 -2.32 24.77 -41.63
CA PHE A 1037 -3.75 24.64 -41.47
C PHE A 1037 -4.31 25.71 -40.53
N THR A 1038 -3.47 26.26 -39.64
CA THR A 1038 -3.92 27.36 -38.80
C THR A 1038 -3.97 28.67 -39.57
N ARG A 1039 -3.03 28.87 -40.49
CA ARG A 1039 -2.98 30.10 -41.27
C ARG A 1039 -3.86 30.05 -42.51
N ASN A 1040 -4.68 29.02 -42.66
CA ASN A 1040 -5.59 28.94 -43.78
C ASN A 1040 -6.85 29.76 -43.50
N THR A 1041 -7.54 30.13 -44.58
CA THR A 1041 -8.73 30.98 -44.45
C THR A 1041 -9.86 30.26 -43.72
N VAL A 1042 -10.03 28.96 -43.98
CA VAL A 1042 -11.12 28.21 -43.36
C VAL A 1042 -10.97 28.19 -41.84
N PHE A 1043 -9.75 27.95 -41.36
CA PHE A 1043 -9.56 27.93 -39.92
C PHE A 1043 -9.71 29.33 -39.31
N ALA A 1044 -9.32 30.37 -40.05
CA ALA A 1044 -9.58 31.72 -39.58
C ALA A 1044 -11.07 31.97 -39.43
N LYS A 1045 -11.87 31.50 -40.38
CA LYS A 1045 -13.32 31.62 -40.27
C LYS A 1045 -13.84 30.83 -39.08
N VAL A 1046 -13.24 29.66 -38.82
CA VAL A 1046 -13.65 28.86 -37.68
C VAL A 1046 -13.40 29.62 -36.38
N VAL A 1047 -12.21 30.20 -36.25
CA VAL A 1047 -11.87 30.98 -35.06
C VAL A 1047 -12.81 32.17 -34.91
N TYR A 1048 -13.09 32.86 -36.02
CA TYR A 1048 -13.98 34.02 -35.97
C TYR A 1048 -15.37 33.62 -35.52
N LYS A 1049 -15.89 32.51 -36.05
CA LYS A 1049 -17.22 32.06 -35.66
C LYS A 1049 -17.26 31.68 -34.19
N LEU A 1050 -16.21 31.01 -33.70
CA LEU A 1050 -16.15 30.65 -32.29
C LEU A 1050 -16.15 31.88 -31.40
N LEU A 1051 -15.32 32.88 -31.76
CA LEU A 1051 -15.26 34.10 -30.97
C LEU A 1051 -16.59 34.84 -31.01
N GLN A 1052 -17.23 34.90 -32.17
CA GLN A 1052 -18.51 35.60 -32.29
C GLN A 1052 -19.59 34.92 -31.46
N VAL A 1053 -19.66 33.59 -31.49
CA VAL A 1053 -20.66 32.91 -30.68
C VAL A 1053 -20.34 33.05 -29.20
N CYS A 1054 -19.05 33.12 -28.84
CA CYS A 1054 -18.70 33.36 -27.45
C CYS A 1054 -19.17 34.73 -26.98
N LEU A 1055 -18.99 35.76 -27.82
CA LEU A 1055 -19.51 37.08 -27.47
C LEU A 1055 -21.03 37.07 -27.37
N ASP A 1056 -21.70 36.44 -28.34
CA ASP A 1056 -23.15 36.54 -28.41
C ASP A 1056 -23.82 35.79 -27.26
N MET A 1057 -23.42 34.54 -27.02
CA MET A 1057 -24.05 33.77 -25.96
C MET A 1057 -23.44 34.06 -24.59
N GLU A 1058 -22.29 34.71 -24.54
CA GLU A 1058 -21.62 35.10 -23.29
C GLU A 1058 -21.28 33.88 -22.43
N ASP A 1059 -20.52 32.97 -23.03
CA ASP A 1059 -20.01 31.79 -22.34
C ASP A 1059 -18.49 31.85 -22.34
N SER A 1060 -17.89 31.79 -21.14
CA SER A 1060 -16.45 31.87 -20.99
C SER A 1060 -15.81 30.50 -20.80
N THR A 1061 -16.56 29.41 -21.02
CA THR A 1061 -16.04 28.08 -20.73
C THR A 1061 -14.81 27.76 -21.55
N PHE A 1062 -14.82 28.10 -22.84
CA PHE A 1062 -13.71 27.80 -23.73
C PHE A 1062 -12.96 29.04 -24.19
N LEU A 1063 -13.19 30.18 -23.55
CA LEU A 1063 -12.61 31.43 -24.05
C LEU A 1063 -11.11 31.49 -23.78
N ASN A 1064 -10.69 31.07 -22.58
CA ASN A 1064 -9.27 31.12 -22.25
C ASN A 1064 -8.46 30.22 -23.18
N GLU A 1065 -8.97 29.01 -23.44
CA GLU A 1065 -8.29 28.11 -24.35
C GLU A 1065 -8.19 28.71 -25.75
N LEU A 1066 -9.26 29.37 -26.20
CA LEU A 1066 -9.26 29.95 -27.53
C LEU A 1066 -8.25 31.10 -27.63
N LEU A 1067 -8.18 31.95 -26.62
CA LEU A 1067 -7.18 33.01 -26.62
C LEU A 1067 -5.77 32.44 -26.62
N HIS A 1068 -5.54 31.40 -25.80
CA HIS A 1068 -4.21 30.80 -25.79
C HIS A 1068 -3.87 30.19 -27.15
N LEU A 1069 -4.87 29.59 -27.81
CA LEU A 1069 -4.64 29.03 -29.14
C LEU A 1069 -4.31 30.12 -30.15
N VAL A 1070 -5.02 31.25 -30.09
CA VAL A 1070 -4.71 32.35 -31.00
C VAL A 1070 -3.30 32.87 -30.75
N HIS A 1071 -2.92 32.98 -29.47
CA HIS A 1071 -1.56 33.39 -29.14
C HIS A 1071 -0.54 32.42 -29.70
N GLY A 1072 -0.82 31.12 -29.59
CA GLY A 1072 0.10 30.13 -30.14
C GLY A 1072 0.20 30.20 -31.64
N ILE A 1073 -0.93 30.48 -32.31
CA ILE A 1073 -0.91 30.62 -33.76
C ILE A 1073 -0.04 31.81 -34.15
N PHE A 1074 -0.19 32.93 -33.45
CA PHE A 1074 0.63 34.10 -33.74
C PHE A 1074 2.10 33.81 -33.48
N ARG A 1075 2.41 33.10 -32.40
CA ARG A 1075 3.80 32.77 -32.11
C ARG A 1075 4.39 31.86 -33.17
N ASP A 1076 3.61 30.88 -33.64
CA ASP A 1076 4.09 30.01 -34.71
C ASP A 1076 4.34 30.79 -35.99
N ASP A 1077 3.43 31.70 -36.34
CA ASP A 1077 3.62 32.51 -37.53
C ASP A 1077 4.87 33.38 -37.41
N GLU A 1078 5.10 33.95 -36.23
CA GLU A 1078 6.30 34.75 -36.02
C GLU A 1078 7.55 33.89 -36.13
N LEU A 1079 7.50 32.67 -35.60
CA LEU A 1079 8.66 31.79 -35.67
C LEU A 1079 8.96 31.36 -37.10
N ILE A 1080 7.93 31.19 -37.92
CA ILE A 1080 8.13 30.73 -39.29
C ILE A 1080 8.60 31.89 -40.17
N ASN A 1081 7.76 32.92 -40.31
CA ASN A 1081 8.08 34.01 -41.22
C ASN A 1081 9.19 34.90 -40.68
N GLY A 1082 9.14 35.26 -39.39
CA GLY A 1082 10.15 36.11 -38.79
C GLY A 1082 9.52 37.22 -37.96
N LYS A 1083 10.23 38.34 -37.90
CA LYS A 1083 9.79 39.48 -37.11
C LYS A 1083 8.49 40.06 -37.66
N ASP A 1084 7.74 40.72 -36.77
CA ASP A 1084 6.52 41.48 -37.04
C ASP A 1084 5.67 40.89 -38.17
N SER A 1085 5.45 39.59 -38.13
CA SER A 1085 4.64 38.90 -39.12
C SER A 1085 3.27 38.58 -38.54
N ILE A 1086 2.25 38.73 -39.36
CA ILE A 1086 0.87 38.44 -38.95
C ILE A 1086 0.22 37.61 -40.04
N PRO A 1087 -0.57 36.60 -39.70
CA PRO A 1087 -1.25 35.81 -40.74
C PRO A 1087 -2.31 36.63 -41.44
N GLU A 1088 -2.24 36.67 -42.77
CA GLU A 1088 -3.17 37.46 -43.56
C GLU A 1088 -4.60 36.96 -43.41
N ALA A 1089 -4.79 35.70 -43.03
CA ALA A 1089 -6.14 35.14 -42.94
C ALA A 1089 -6.97 35.88 -41.90
N TYR A 1090 -6.36 36.23 -40.77
CA TYR A 1090 -7.06 36.96 -39.72
C TYR A 1090 -7.14 38.46 -39.98
N LEU A 1091 -6.59 38.94 -41.08
CA LEU A 1091 -6.72 40.34 -41.45
C LEU A 1091 -7.91 40.58 -42.35
N SER A 1092 -8.11 39.74 -43.36
CA SER A 1092 -9.29 39.87 -44.21
C SER A 1092 -10.57 39.70 -43.42
N LYS A 1093 -10.61 38.68 -42.56
CA LYS A 1093 -11.72 38.55 -41.62
C LYS A 1093 -11.37 39.31 -40.34
N PRO A 1094 -12.12 40.35 -39.98
CA PRO A 1094 -11.69 41.26 -38.89
C PRO A 1094 -11.92 40.69 -37.50
N ILE A 1095 -11.00 39.83 -37.08
CA ILE A 1095 -11.07 39.28 -35.72
C ILE A 1095 -10.72 40.33 -34.66
N CYS A 1096 -9.94 41.34 -35.02
CA CYS A 1096 -9.53 42.35 -34.05
C CYS A 1096 -10.73 43.09 -33.45
N ASN A 1097 -11.82 43.19 -34.21
CA ASN A 1097 -13.04 43.76 -33.65
C ASN A 1097 -13.58 42.90 -32.52
N LEU A 1098 -13.55 41.58 -32.71
CA LEU A 1098 -14.03 40.68 -31.66
C LEU A 1098 -13.13 40.75 -30.43
N LEU A 1099 -11.82 40.81 -30.63
CA LEU A 1099 -10.90 40.97 -29.50
C LEU A 1099 -11.13 42.29 -28.79
N LEU A 1100 -11.41 43.35 -29.55
CA LEU A 1100 -11.70 44.64 -28.93
C LEU A 1100 -12.98 44.60 -28.13
N SER A 1101 -13.99 43.88 -28.63
CA SER A 1101 -15.21 43.69 -27.87
C SER A 1101 -14.95 42.90 -26.59
N ILE A 1102 -14.05 41.92 -26.65
CA ILE A 1102 -13.66 41.20 -25.45
C ILE A 1102 -13.01 42.16 -24.45
N ALA A 1103 -12.08 42.98 -24.93
CA ALA A 1103 -11.32 43.85 -24.04
C ALA A 1103 -12.20 44.91 -23.39
N ASN A 1104 -13.00 45.61 -24.19
CA ASN A 1104 -13.85 46.68 -23.67
C ASN A 1104 -15.20 46.14 -23.21
N ALA A 1105 -15.13 45.13 -22.35
CA ALA A 1105 -16.32 44.54 -21.76
C ALA A 1105 -16.66 45.29 -20.47
N LYS A 1106 -17.67 44.81 -19.75
CA LYS A 1106 -18.10 45.43 -18.51
C LYS A 1106 -17.37 44.86 -17.29
N SER A 1107 -16.29 44.12 -17.51
CA SER A 1107 -15.50 43.49 -16.45
C SER A 1107 -16.33 42.53 -15.60
N ASP A 1108 -17.50 42.14 -16.08
CA ASP A 1108 -18.36 41.18 -15.42
C ASP A 1108 -18.70 39.98 -16.29
N VAL A 1109 -18.83 40.19 -17.61
CA VAL A 1109 -19.08 39.06 -18.51
C VAL A 1109 -17.86 38.14 -18.56
N PHE A 1110 -16.66 38.71 -18.60
CA PHE A 1110 -15.43 37.95 -18.64
C PHE A 1110 -14.52 38.35 -17.49
N SER A 1111 -13.70 37.41 -17.05
CA SER A 1111 -12.81 37.63 -15.93
C SER A 1111 -11.62 38.49 -16.35
N GLU A 1112 -10.74 38.79 -15.39
CA GLU A 1112 -9.59 39.64 -15.68
C GLU A 1112 -8.59 38.93 -16.59
N SER A 1113 -8.42 37.62 -16.41
CA SER A 1113 -7.45 36.89 -17.23
C SER A 1113 -7.84 36.93 -18.70
N ILE A 1114 -9.13 36.76 -19.00
CA ILE A 1114 -9.59 36.87 -20.38
C ILE A 1114 -9.35 38.28 -20.91
N VAL A 1115 -9.73 39.29 -20.12
CA VAL A 1115 -9.60 40.67 -20.57
C VAL A 1115 -8.13 41.04 -20.75
N ARG A 1116 -7.28 40.69 -19.79
CA ARG A 1116 -5.87 41.02 -19.89
C ARG A 1116 -5.21 40.32 -21.07
N LYS A 1117 -5.56 39.05 -21.30
CA LYS A 1117 -4.98 38.33 -22.42
C LYS A 1117 -5.40 38.94 -23.76
N ALA A 1118 -6.67 39.29 -23.90
CA ALA A 1118 -7.16 39.83 -25.17
C ALA A 1118 -6.46 41.14 -25.51
N ASP A 1119 -6.33 42.03 -24.52
CA ASP A 1119 -5.63 43.29 -24.76
C ASP A 1119 -4.18 43.04 -25.14
N TYR A 1120 -3.55 42.03 -24.53
CA TYR A 1120 -2.18 41.68 -24.89
C TYR A 1120 -2.10 41.24 -26.34
N LEU A 1121 -3.07 40.44 -26.79
CA LEU A 1121 -3.09 40.02 -28.19
C LEU A 1121 -3.31 41.21 -29.10
N LEU A 1122 -4.20 42.12 -28.73
CA LEU A 1122 -4.45 43.31 -29.54
C LEU A 1122 -3.19 44.16 -29.65
N GLU A 1123 -2.54 44.43 -28.52
CA GLU A 1123 -1.36 45.28 -28.54
C GLU A 1123 -0.23 44.66 -29.34
N LYS A 1124 -0.03 43.35 -29.20
CA LYS A 1124 1.07 42.69 -29.91
C LYS A 1124 0.87 42.77 -31.41
N MET A 1125 -0.35 42.51 -31.89
CA MET A 1125 -0.61 42.54 -33.32
C MET A 1125 -0.73 43.96 -33.84
N ILE A 1126 -1.29 44.88 -33.04
CA ILE A 1126 -1.37 46.28 -33.45
C ILE A 1126 0.03 46.88 -33.56
N MET A 1127 0.91 46.57 -32.61
CA MET A 1127 2.27 47.08 -32.66
C MET A 1127 2.99 46.57 -33.90
N LYS A 1128 2.68 45.34 -34.33
CA LYS A 1128 3.33 44.78 -35.51
C LYS A 1128 3.06 45.64 -36.75
N LYS A 1129 1.81 46.02 -36.97
CA LYS A 1129 1.45 46.92 -38.05
C LYS A 1129 0.19 47.67 -37.64
N PRO A 1130 0.30 48.94 -37.24
CA PRO A 1130 -0.89 49.68 -36.79
C PRO A 1130 -1.73 50.22 -37.93
N ASN A 1131 -1.08 50.60 -39.04
CA ASN A 1131 -1.81 51.24 -40.13
C ASN A 1131 -2.82 50.30 -40.77
N GLU A 1132 -2.39 49.10 -41.13
CA GLU A 1132 -3.29 48.13 -41.75
C GLU A 1132 -4.31 47.57 -40.77
N LEU A 1133 -4.15 47.81 -39.48
CA LEU A 1133 -5.02 47.27 -38.45
C LEU A 1133 -5.96 48.29 -37.85
N PHE A 1134 -5.54 49.55 -37.74
CA PHE A 1134 -6.43 50.59 -37.23
C PHE A 1134 -7.60 50.84 -38.17
N GLU A 1135 -7.40 50.58 -39.47
CA GLU A 1135 -8.48 50.73 -40.44
C GLU A 1135 -9.59 49.74 -40.17
N SER A 1136 -9.26 48.52 -39.75
CA SER A 1136 -10.27 47.51 -39.49
C SER A 1136 -11.17 47.90 -38.34
N LEU A 1137 -10.61 48.48 -37.28
CA LEU A 1137 -11.40 48.84 -36.10
C LEU A 1137 -12.42 49.92 -36.43
N ILE A 1138 -12.00 50.98 -37.13
CA ILE A 1138 -12.91 52.07 -37.46
C ILE A 1138 -13.96 51.64 -38.48
N ALA A 1139 -13.75 50.51 -39.16
CA ALA A 1139 -14.70 50.08 -40.18
C ALA A 1139 -16.03 49.69 -39.58
N SER A 1140 -16.06 49.25 -38.32
CA SER A 1140 -17.30 48.74 -37.73
C SER A 1140 -17.64 49.41 -36.41
N PHE A 1141 -16.62 49.84 -35.66
CA PHE A 1141 -16.83 50.42 -34.34
C PHE A 1141 -16.75 51.94 -34.33
N GLY A 1142 -16.65 52.57 -35.50
CA GLY A 1142 -16.56 54.02 -35.55
C GLY A 1142 -15.15 54.51 -35.27
N ASN A 1143 -15.03 55.84 -35.23
CA ASN A 1143 -13.73 56.49 -35.05
C ASN A 1143 -13.48 56.88 -33.60
N GLN A 1144 -14.51 57.30 -32.87
CA GLN A 1144 -14.28 57.83 -31.53
C GLN A 1144 -13.93 56.74 -30.53
N TYR A 1145 -14.32 55.49 -30.78
CA TYR A 1145 -13.82 54.39 -29.97
C TYR A 1145 -12.31 54.23 -30.12
N VAL A 1146 -11.83 54.29 -31.36
CA VAL A 1146 -10.41 54.08 -31.63
C VAL A 1146 -9.58 55.23 -31.06
N ASN A 1147 -10.03 56.47 -31.29
CA ASN A 1147 -9.28 57.62 -30.79
C ASN A 1147 -9.23 57.61 -29.27
N ASP A 1148 -10.34 57.25 -28.62
CA ASP A 1148 -10.36 57.15 -27.16
C ASP A 1148 -9.55 55.97 -26.66
N TYR A 1149 -9.37 54.92 -27.47
CA TYR A 1149 -8.62 53.75 -27.03
C TYR A 1149 -7.17 54.11 -26.73
N LYS A 1150 -6.55 54.91 -27.60
CA LYS A 1150 -5.20 55.38 -27.31
C LYS A 1150 -5.18 56.25 -26.06
N ASP A 1151 -6.20 57.10 -25.89
CA ASP A 1151 -6.34 57.84 -24.64
C ASP A 1151 -6.62 56.91 -23.47
N LYS A 1152 -7.43 55.86 -23.70
CA LYS A 1152 -7.65 54.86 -22.65
C LYS A 1152 -6.35 54.15 -22.30
N LYS A 1153 -5.53 53.83 -23.29
CA LYS A 1153 -4.24 53.24 -23.02
C LYS A 1153 -3.33 54.26 -22.35
N LEU A 1154 -2.22 53.75 -21.77
CA LEU A 1154 -1.27 54.55 -20.99
C LEU A 1154 -1.97 55.44 -19.97
N ARG A 1155 -3.13 54.98 -19.49
CA ARG A 1155 -3.94 55.72 -18.53
C ARG A 1155 -4.25 57.13 -19.00
N THR A 1163 -6.41 50.02 -9.99
CA THR A 1163 -7.12 49.13 -10.90
C THR A 1163 -8.61 49.43 -10.93
N GLU A 1164 -9.34 48.73 -11.79
CA GLU A 1164 -10.79 48.91 -11.87
C GLU A 1164 -11.47 48.44 -10.59
N LYS A 1165 -10.98 47.35 -10.00
CA LYS A 1165 -11.58 46.79 -8.79
C LYS A 1165 -11.20 47.57 -7.53
N GLU A 1166 -10.29 48.53 -7.62
CA GLU A 1166 -9.95 49.35 -6.46
C GLU A 1166 -11.17 50.13 -5.99
N ARG A 1167 -11.93 50.69 -6.92
CA ARG A 1167 -13.20 51.30 -6.55
C ARG A 1167 -14.15 50.27 -5.97
N LYS A 1168 -14.18 49.08 -6.56
CA LYS A 1168 -15.02 48.00 -6.06
C LYS A 1168 -14.60 47.60 -4.65
N ARG A 1169 -13.29 47.48 -4.41
CA ARG A 1169 -12.81 47.14 -3.08
C ARG A 1169 -13.13 48.25 -2.08
N ARG A 1170 -12.99 49.51 -2.50
CA ARG A 1170 -13.30 50.62 -1.61
C ARG A 1170 -14.78 50.63 -1.21
N LEU A 1171 -15.67 50.41 -2.19
CA LEU A 1171 -17.09 50.38 -1.84
C LEU A 1171 -17.44 49.16 -1.00
N ALA A 1172 -16.77 48.03 -1.23
CA ALA A 1172 -16.97 46.87 -0.37
C ALA A 1172 -16.55 47.17 1.06
N LYS A 1173 -15.42 47.85 1.24
CA LYS A 1173 -14.96 48.23 2.57
C LYS A 1173 -15.94 49.19 3.24
N LYS A 1174 -16.45 50.16 2.48
CA LYS A 1174 -17.43 51.09 3.03
C LYS A 1174 -18.70 50.36 3.45
N HIS A 1175 -19.16 49.41 2.63
CA HIS A 1175 -20.33 48.62 2.99
C HIS A 1175 -20.07 47.80 4.26
N GLN A 1176 -18.87 47.24 4.37
CA GLN A 1176 -18.51 46.50 5.58
C GLN A 1176 -18.58 47.41 6.81
N ALA A 1177 -18.03 48.62 6.70
CA ALA A 1177 -18.07 49.56 7.81
C ALA A 1177 -19.51 49.90 8.19
N ARG A 1178 -20.35 50.17 7.19
CA ARG A 1178 -21.74 50.51 7.46
C ARG A 1178 -22.47 49.37 8.18
N LEU A 1179 -22.28 48.14 7.69
CA LEU A 1179 -23.01 47.02 8.28
C LEU A 1179 -22.48 46.69 9.68
N LEU A 1180 -21.17 46.82 9.90
CA LEU A 1180 -20.66 46.55 11.24
C LEU A 1180 -21.11 47.62 12.23
N ALA A 1181 -21.21 48.87 11.77
CA ALA A 1181 -21.77 49.92 12.62
C ALA A 1181 -23.23 49.61 12.96
N LYS A 1182 -24.00 49.13 11.97
CA LYS A 1182 -25.37 48.73 12.23
C LYS A 1182 -25.44 47.61 13.26
N PHE A 1183 -24.56 46.62 13.13
CA PHE A 1183 -24.54 45.51 14.09
C PHE A 1183 -24.20 45.99 15.48
N ASN A 1184 -23.21 46.90 15.60
CA ASN A 1184 -22.85 47.42 16.90
C ASN A 1184 -24.00 48.22 17.52
N ASN A 1185 -24.70 49.01 16.70
CA ASN A 1185 -25.84 49.75 17.21
C ASN A 1185 -26.93 48.80 17.70
N GLN A 1186 -27.18 47.73 16.94
CA GLN A 1186 -28.17 46.74 17.38
C GLN A 1186 -27.77 46.09 18.69
N GLN A 1187 -26.49 45.74 18.83
CA GLN A 1187 -26.01 45.16 20.08
C GLN A 1187 -26.20 46.12 21.24
N THR A 1188 -25.83 47.39 21.04
CA THR A 1188 -25.95 48.37 22.12
C THR A 1188 -27.40 48.57 22.52
N LYS A 1189 -28.31 48.68 21.56
CA LYS A 1189 -29.71 48.87 21.93
C LYS A 1189 -30.30 47.62 22.57
N PHE A 1190 -29.86 46.43 22.16
CA PHE A 1190 -30.34 45.21 22.80
C PHE A 1190 -29.88 45.15 24.26
N MET A 1191 -28.61 45.43 24.52
CA MET A 1191 -28.13 45.38 25.90
C MET A 1191 -28.73 46.50 26.74
N LYS A 1192 -29.02 47.64 26.13
CA LYS A 1192 -29.74 48.69 26.85
C LYS A 1192 -31.17 48.27 27.17
N GLU A 1193 -31.78 47.46 26.30
CA GLU A 1193 -33.13 46.96 26.58
C GLU A 1193 -33.14 46.09 27.82
N HIS A 1194 -32.13 45.24 27.99
CA HIS A 1194 -32.05 44.39 29.16
C HIS A 1194 -31.13 44.99 30.21
N PHE A 1218 -15.20 23.79 36.60
CA PHE A 1218 -15.54 22.42 36.25
C PHE A 1218 -16.64 22.40 35.19
N THR A 1219 -16.62 21.36 34.35
CA THR A 1219 -17.60 21.20 33.28
C THR A 1219 -18.12 19.77 33.29
N CYS A 1220 -19.45 19.63 33.29
CA CYS A 1220 -20.07 18.32 33.27
C CYS A 1220 -20.17 17.80 31.84
N ALA A 1221 -20.56 16.52 31.72
CA ALA A 1221 -20.79 15.91 30.42
C ALA A 1221 -22.25 15.97 30.01
N LEU A 1222 -23.17 16.01 30.98
CA LEU A 1222 -24.59 16.15 30.71
C LEU A 1222 -25.24 17.31 31.45
N CYS A 1223 -24.81 17.59 32.67
CA CYS A 1223 -25.46 18.58 33.51
C CYS A 1223 -24.67 19.89 33.44
N GLN A 1224 -24.75 20.52 32.27
CA GLN A 1224 -24.07 21.79 32.06
C GLN A 1224 -24.74 22.89 32.87
N ASP A 1225 -23.93 23.68 33.57
CA ASP A 1225 -24.37 24.79 34.41
C ASP A 1225 -25.25 24.34 35.58
N SER A 1226 -25.37 23.04 35.81
CA SER A 1226 -26.21 22.55 36.91
C SER A 1226 -25.54 22.76 38.27
N SER A 1227 -24.21 22.82 38.30
CA SER A 1227 -23.45 22.98 39.54
C SER A 1227 -23.80 21.90 40.55
N SER A 1228 -24.00 20.67 40.06
CA SER A 1228 -24.37 19.56 40.93
C SER A 1228 -23.19 19.17 41.82
N THR A 1229 -23.52 18.64 42.99
CA THR A 1229 -22.50 18.20 43.95
C THR A 1229 -22.03 16.78 43.68
N ASP A 1230 -22.58 16.11 42.66
CA ASP A 1230 -22.15 14.75 42.35
C ASP A 1230 -20.67 14.75 41.98
N PHE A 1231 -19.95 13.78 42.52
CA PHE A 1231 -18.50 13.76 42.37
C PHE A 1231 -18.10 13.44 40.94
N PHE A 1232 -17.10 14.16 40.45
CA PHE A 1232 -16.60 13.97 39.09
C PHE A 1232 -15.59 12.83 39.10
N VAL A 1233 -16.01 11.67 38.58
CA VAL A 1233 -15.13 10.52 38.48
C VAL A 1233 -14.35 10.61 37.17
N ILE A 1234 -13.04 10.49 37.26
CA ILE A 1234 -12.14 10.67 36.11
C ILE A 1234 -11.69 9.30 35.63
N PRO A 1235 -11.93 8.95 34.36
CA PRO A 1235 -11.45 7.66 33.86
C PRO A 1235 -9.93 7.60 33.85
N ALA A 1236 -9.40 6.40 34.04
CA ALA A 1236 -7.97 6.21 34.14
C ALA A 1236 -7.60 4.82 33.63
N TYR A 1237 -6.32 4.64 33.33
CA TYR A 1237 -5.77 3.36 32.94
C TYR A 1237 -4.85 2.85 34.04
N HIS A 1238 -5.06 1.61 34.47
CA HIS A 1238 -4.31 1.02 35.58
C HIS A 1238 -3.79 -0.33 35.11
N ASP A 1239 -2.49 -0.38 34.80
CA ASP A 1239 -1.89 -1.62 34.31
C ASP A 1239 -0.40 -1.59 34.59
N HIS A 1240 0.23 -2.74 34.44
CA HIS A 1240 1.65 -2.89 34.71
C HIS A 1240 2.48 -2.09 33.70
N SER A 1241 3.77 -1.98 33.98
CA SER A 1241 4.70 -1.31 33.10
C SER A 1241 5.98 -2.13 32.99
N PRO A 1242 6.60 -2.16 31.80
CA PRO A 1242 7.85 -2.90 31.61
C PRO A 1242 9.11 -2.09 31.88
N ILE A 1243 9.02 -0.94 32.53
CA ILE A 1243 10.18 -0.06 32.70
C ILE A 1243 10.91 -0.29 34.01
N PHE A 1244 10.53 -1.30 34.79
CA PHE A 1244 11.16 -1.57 36.07
C PHE A 1244 12.08 -2.79 35.91
N ARG A 1245 13.35 -2.61 36.26
CA ARG A 1245 14.33 -3.66 36.08
C ARG A 1245 15.48 -3.45 37.05
N PRO A 1246 15.98 -4.50 37.70
CA PRO A 1246 17.12 -4.33 38.60
C PRO A 1246 18.39 -4.02 37.85
N GLY A 1247 19.29 -3.29 38.52
CA GLY A 1247 20.58 -2.96 37.95
C GLY A 1247 21.73 -3.57 38.74
N ASN A 1248 22.42 -4.54 38.14
CA ASN A 1248 23.51 -5.20 38.82
C ASN A 1248 24.65 -4.23 39.08
N ILE A 1249 25.17 -4.25 40.30
CA ILE A 1249 26.26 -3.36 40.71
C ILE A 1249 27.53 -3.80 40.01
N PHE A 1250 28.58 -2.97 40.07
CA PHE A 1250 29.85 -3.20 39.41
C PHE A 1250 29.71 -3.26 37.89
N ASN A 1251 28.65 -2.67 37.34
CA ASN A 1251 28.41 -2.66 35.91
C ASN A 1251 28.71 -1.27 35.36
N PRO A 1252 29.85 -1.07 34.71
CA PRO A 1252 30.17 0.27 34.17
C PRO A 1252 29.14 0.77 33.18
N ASN A 1253 28.58 -0.11 32.35
CA ASN A 1253 27.57 0.30 31.38
C ASN A 1253 26.28 0.76 32.03
N GLU A 1254 26.08 0.47 33.31
CA GLU A 1254 24.83 0.76 33.99
C GLU A 1254 24.85 2.08 34.73
N PHE A 1255 25.96 2.42 35.37
CA PHE A 1255 26.03 3.58 36.25
C PHE A 1255 27.00 4.65 35.78
N MET A 1256 28.02 4.30 34.99
CA MET A 1256 29.03 5.29 34.63
C MET A 1256 28.52 6.31 33.62
N PRO A 1257 28.08 5.93 32.42
CA PRO A 1257 27.87 6.93 31.36
C PRO A 1257 26.76 7.91 31.72
N MET A 1258 27.10 9.20 31.73
CA MET A 1258 26.09 10.23 31.94
C MET A 1258 25.15 10.26 30.75
N TRP A 1259 23.91 10.70 31.01
CA TRP A 1259 22.88 10.71 29.99
C TRP A 1259 22.63 12.14 29.53
N ASP A 1260 22.94 12.41 28.27
CA ASP A 1260 22.55 13.66 27.62
C ASP A 1260 21.30 13.44 26.78
N GLY A 1261 20.22 13.09 27.47
CA GLY A 1261 18.97 12.84 26.79
C GLY A 1261 18.97 11.51 26.05
N PHE A 1262 18.10 11.44 25.04
CA PHE A 1262 17.95 10.23 24.26
C PHE A 1262 19.16 10.00 23.37
N TYR A 1263 19.38 8.74 23.01
CA TYR A 1263 20.48 8.34 22.16
C TYR A 1263 20.16 6.97 21.56
N ASN A 1264 21.07 6.47 20.73
CA ASN A 1264 20.92 5.14 20.15
C ASN A 1264 22.28 4.69 19.64
N ASP A 1265 22.76 3.55 20.14
CA ASP A 1265 24.05 2.99 19.77
C ASP A 1265 23.82 1.81 18.83
N ASP A 1266 24.15 2.00 17.55
CA ASP A 1266 23.95 0.96 16.56
C ASP A 1266 25.02 -0.13 16.65
N GLU A 1267 26.22 0.20 17.14
CA GLU A 1267 27.33 -0.74 17.11
C GLU A 1267 27.09 -1.95 18.02
N LYS A 1268 26.19 -1.87 18.98
CA LYS A 1268 25.91 -2.96 19.89
C LYS A 1268 24.60 -3.63 19.47
N GLN A 1269 24.67 -4.94 19.24
CA GLN A 1269 23.50 -5.69 18.81
C GLN A 1269 22.46 -5.77 19.92
N ALA A 1270 21.19 -5.83 19.52
CA ALA A 1270 20.12 -5.96 20.49
C ALA A 1270 20.27 -7.26 21.27
N TYR A 1271 20.16 -7.18 22.60
CA TYR A 1271 20.45 -8.31 23.45
C TYR A 1271 19.78 -8.08 24.80
N ILE A 1272 19.44 -9.17 25.48
CA ILE A 1272 18.80 -9.10 26.78
C ILE A 1272 19.47 -10.10 27.71
N ASP A 1273 19.55 -9.75 28.98
CA ASP A 1273 20.12 -10.62 30.00
C ASP A 1273 19.00 -11.39 30.69
N ASP A 1274 19.35 -12.58 31.21
CA ASP A 1274 18.35 -13.48 31.77
C ASP A 1274 17.61 -12.83 32.94
N ASP A 1275 18.34 -12.14 33.82
CA ASP A 1275 17.70 -11.49 34.96
C ASP A 1275 16.76 -10.39 34.49
N VAL A 1276 17.17 -9.63 33.48
CA VAL A 1276 16.29 -8.57 32.97
C VAL A 1276 15.06 -9.16 32.30
N LEU A 1277 15.23 -10.26 31.55
CA LEU A 1277 14.08 -10.90 30.93
C LEU A 1277 13.10 -11.41 31.98
N GLU A 1278 13.62 -12.02 33.05
CA GLU A 1278 12.76 -12.41 34.16
C GLU A 1278 12.10 -11.20 34.81
N ALA A 1279 12.80 -10.06 34.84
CA ALA A 1279 12.22 -8.85 35.40
C ALA A 1279 11.03 -8.38 34.57
N LEU A 1280 11.16 -8.38 33.23
CA LEU A 1280 10.02 -8.05 32.39
C LEU A 1280 8.88 -9.04 32.57
N LYS A 1281 9.19 -10.33 32.65
CA LYS A 1281 8.13 -11.31 32.84
C LYS A 1281 7.39 -11.08 34.16
N GLU A 1282 8.14 -10.80 35.23
CA GLU A 1282 7.53 -10.50 36.52
C GLU A 1282 6.68 -9.23 36.44
N ASN A 1283 7.19 -8.20 35.77
CA ASN A 1283 6.43 -6.96 35.61
C ASN A 1283 5.11 -7.23 34.91
N GLY A 1284 5.14 -8.08 33.88
CA GLY A 1284 3.91 -8.48 33.23
C GLY A 1284 2.98 -9.23 34.16
N SER A 1285 3.55 -10.09 35.02
CA SER A 1285 2.74 -10.93 35.90
C SER A 1285 2.45 -10.26 37.25
N CYS A 1286 3.50 -9.86 37.97
CA CYS A 1286 3.32 -9.33 39.31
C CYS A 1286 2.55 -8.02 39.29
N GLY A 1287 1.57 -7.90 40.18
CA GLY A 1287 0.73 -6.73 40.26
C GLY A 1287 1.28 -5.57 41.06
N SER A 1288 2.44 -5.73 41.70
CA SER A 1288 3.02 -4.68 42.52
C SER A 1288 3.69 -3.59 41.70
N ARG A 1289 3.65 -3.67 40.37
CA ARG A 1289 4.29 -2.68 39.50
C ARG A 1289 3.27 -1.92 38.65
N LYS A 1290 2.00 -1.95 39.04
CA LYS A 1290 0.97 -1.26 38.28
C LYS A 1290 1.10 0.25 38.45
N VAL A 1291 0.63 0.98 37.44
CA VAL A 1291 0.75 2.44 37.39
C VAL A 1291 -0.56 3.03 36.88
N PHE A 1292 -0.96 4.15 37.48
CA PHE A 1292 -2.15 4.88 37.06
C PHE A 1292 -1.78 5.94 36.02
N VAL A 1293 -2.49 5.95 34.90
CA VAL A 1293 -2.38 7.00 33.90
C VAL A 1293 -3.78 7.34 33.40
N SER A 1294 -4.06 8.63 33.29
CA SER A 1294 -5.42 9.09 33.01
C SER A 1294 -5.39 10.29 32.08
N CYS A 1295 -6.57 10.67 31.59
CA CYS A 1295 -6.74 11.79 30.68
C CYS A 1295 -7.27 13.05 31.36
N ASN A 1296 -7.76 12.94 32.60
CA ASN A 1296 -8.28 14.08 33.37
C ASN A 1296 -9.47 14.74 32.66
N HIS A 1297 -10.53 13.96 32.51
CA HIS A 1297 -11.79 14.43 31.91
C HIS A 1297 -12.91 14.20 32.93
N HIS A 1298 -13.35 15.27 33.57
CA HIS A 1298 -14.30 15.17 34.66
C HIS A 1298 -15.66 14.71 34.17
N ILE A 1299 -16.26 13.75 34.88
CA ILE A 1299 -17.53 13.16 34.50
C ILE A 1299 -18.32 12.84 35.76
N HIS A 1300 -19.61 13.17 35.75
CA HIS A 1300 -20.47 12.80 36.87
C HIS A 1300 -20.54 11.30 37.04
N HIS A 1301 -20.69 10.86 38.29
CA HIS A 1301 -20.89 9.44 38.57
C HIS A 1301 -22.20 8.95 37.97
N ASN A 1302 -23.27 9.73 38.08
CA ASN A 1302 -24.53 9.37 37.45
C ASN A 1302 -24.41 9.37 35.94
N CYS A 1303 -23.76 10.39 35.38
CA CYS A 1303 -23.56 10.44 33.93
C CYS A 1303 -22.69 9.29 33.46
N PHE A 1304 -21.67 8.93 34.25
CA PHE A 1304 -20.84 7.79 33.90
C PHE A 1304 -21.64 6.49 33.94
N LYS A 1305 -22.51 6.34 34.94
CA LYS A 1305 -23.36 5.14 35.01
C LYS A 1305 -24.29 5.07 33.80
N ARG A 1306 -24.86 6.20 33.40
CA ARG A 1306 -25.72 6.21 32.23
C ARG A 1306 -24.93 5.87 30.96
N TYR A 1307 -23.69 6.37 30.87
CA TYR A 1307 -22.84 6.02 29.74
C TYR A 1307 -22.56 4.52 29.72
N VAL A 1308 -22.30 3.93 30.89
CA VAL A 1308 -22.04 2.50 30.95
C VAL A 1308 -23.27 1.70 30.54
N GLN A 1309 -24.44 2.09 31.06
CA GLN A 1309 -25.66 1.32 30.79
C GLN A 1309 -26.09 1.44 29.34
N LYS A 1310 -26.12 2.67 28.81
CA LYS A 1310 -26.62 2.87 27.45
C LYS A 1310 -25.67 2.28 26.41
N LYS A 1311 -24.37 2.52 26.57
CA LYS A 1311 -23.39 2.03 25.61
C LYS A 1311 -22.95 0.60 25.88
N ARG A 1312 -23.39 0.00 26.99
CA ARG A 1312 -23.17 -1.41 27.30
C ARG A 1312 -21.69 -1.81 27.38
N PHE A 1313 -20.80 -0.86 27.64
CA PHE A 1313 -19.44 -1.23 27.98
C PHE A 1313 -19.40 -1.90 29.35
N SER A 1314 -18.49 -2.86 29.50
CA SER A 1314 -18.24 -3.44 30.81
C SER A 1314 -17.62 -2.39 31.72
N SER A 1315 -18.03 -2.41 32.99
CA SER A 1315 -17.44 -1.49 33.96
C SER A 1315 -15.95 -1.76 34.13
N ASN A 1316 -15.52 -2.99 33.89
CA ASN A 1316 -14.10 -3.34 34.05
C ASN A 1316 -13.22 -2.59 33.05
N ALA A 1317 -13.65 -2.47 31.80
CA ALA A 1317 -12.84 -1.84 30.77
C ALA A 1317 -13.75 -1.11 29.80
N PHE A 1318 -13.42 0.14 29.50
CA PHE A 1318 -14.26 0.98 28.65
C PHE A 1318 -13.36 2.01 27.96
N ILE A 1319 -14.00 2.97 27.28
CA ILE A 1319 -13.31 4.04 26.59
C ILE A 1319 -13.87 5.38 27.07
N CYS A 1320 -13.00 6.36 27.22
CA CYS A 1320 -13.43 7.67 27.72
C CYS A 1320 -14.37 8.33 26.72
N PRO A 1321 -15.51 8.85 27.16
CA PRO A 1321 -16.46 9.48 26.24
C PRO A 1321 -16.01 10.82 25.69
N LEU A 1322 -14.77 11.25 25.96
CA LEU A 1322 -14.24 12.50 25.42
C LEU A 1322 -13.10 12.27 24.44
N CYS A 1323 -12.08 11.50 24.84
CA CYS A 1323 -10.93 11.23 24.00
C CYS A 1323 -10.96 9.84 23.38
N GLN A 1324 -11.98 9.03 23.68
CA GLN A 1324 -12.11 7.65 23.22
C GLN A 1324 -10.97 6.77 23.70
N THR A 1325 -10.16 7.25 24.64
CA THR A 1325 -9.00 6.51 25.11
C THR A 1325 -9.43 5.38 26.04
N PHE A 1326 -8.72 4.25 25.95
CA PHE A 1326 -9.02 3.10 26.80
C PHE A 1326 -8.87 3.47 28.27
N SER A 1327 -9.78 2.94 29.09
CA SER A 1327 -9.74 3.17 30.52
C SER A 1327 -10.36 1.96 31.22
N ASN A 1328 -9.82 1.61 32.38
CA ASN A 1328 -10.30 0.45 33.11
C ASN A 1328 -10.70 0.79 34.54
N CYS A 1329 -9.98 1.73 35.16
CA CYS A 1329 -10.20 2.09 36.55
C CYS A 1329 -10.52 3.57 36.65
N THR A 1330 -11.29 3.93 37.66
CA THR A 1330 -11.71 5.31 37.89
C THR A 1330 -11.30 5.75 39.29
N LEU A 1331 -11.17 7.06 39.47
CA LEU A 1331 -10.83 7.62 40.76
C LEU A 1331 -11.37 9.04 40.87
N PRO A 1332 -12.24 9.31 41.84
CA PRO A 1332 -12.91 10.61 41.91
C PRO A 1332 -11.97 11.69 42.42
N LEU A 1333 -12.35 12.94 42.14
CA LEU A 1333 -11.62 14.12 42.58
C LEU A 1333 -12.52 14.95 43.49
N CYS A 1334 -12.00 15.30 44.67
CA CYS A 1334 -12.75 16.11 45.61
C CYS A 1334 -12.55 17.60 45.31
N GLN A 1335 -13.43 18.41 45.88
CA GLN A 1335 -13.39 19.86 45.68
C GLN A 1335 -12.33 20.45 46.61
N THR A 1336 -11.09 20.42 46.15
CA THR A 1336 -9.98 20.94 46.94
C THR A 1336 -10.04 22.46 47.01
N SER A 1337 -9.44 23.00 48.08
CA SER A 1337 -9.41 24.44 48.29
C SER A 1337 -8.42 24.74 49.41
N LYS A 1338 -7.71 25.86 49.28
CA LYS A 1338 -6.77 26.31 50.30
C LYS A 1338 -7.33 27.46 51.13
N ALA A 1339 -8.63 27.72 51.05
CA ALA A 1339 -9.23 28.80 51.80
C ALA A 1339 -9.18 28.53 53.30
N ASN A 1340 -8.97 29.60 54.07
CA ASN A 1340 -8.98 29.55 55.54
C ASN A 1340 -7.95 28.57 56.08
N THR A 1341 -6.74 28.60 55.51
CA THR A 1341 -5.63 27.81 56.01
C THR A 1341 -4.34 28.46 55.56
N GLY A 1342 -3.23 28.07 56.18
CA GLY A 1342 -1.95 28.66 55.87
C GLY A 1342 -0.91 27.66 55.40
N LEU A 1343 -1.34 26.62 54.69
CA LEU A 1343 -0.42 25.58 54.26
C LEU A 1343 0.53 26.08 53.18
N SER A 1344 1.72 25.50 53.14
CA SER A 1344 2.73 25.80 52.13
C SER A 1344 3.71 24.62 52.09
N LEU A 1345 4.72 24.74 51.23
CA LEU A 1345 5.79 23.76 51.23
C LEU A 1345 6.77 23.97 52.38
N ASP A 1346 6.76 25.16 52.99
CA ASP A 1346 7.73 25.46 54.03
C ASP A 1346 7.59 24.52 55.22
N MET A 1347 6.39 24.41 55.77
CA MET A 1347 6.17 23.48 56.86
C MET A 1347 5.99 22.04 56.40
N PHE A 1348 5.83 21.80 55.10
CA PHE A 1348 5.95 20.45 54.59
C PHE A 1348 7.39 19.96 54.70
N LEU A 1349 8.34 20.82 54.36
CA LEU A 1349 9.75 20.46 54.50
C LEU A 1349 10.18 20.45 55.96
N GLU A 1350 9.81 21.47 56.72
CA GLU A 1350 10.34 21.68 58.05
C GLU A 1350 9.50 21.06 59.16
N SER A 1351 8.22 20.80 58.90
CA SER A 1351 7.34 20.20 59.89
C SER A 1351 6.70 18.94 59.31
N GLU A 1352 5.72 18.40 60.02
CA GLU A 1352 5.13 17.12 59.65
C GLU A 1352 4.43 17.21 58.30
N LEU A 1353 4.47 16.09 57.56
CA LEU A 1353 3.71 15.91 56.33
C LEU A 1353 2.56 14.94 56.54
N SER A 1354 1.97 14.98 57.73
CA SER A 1354 0.86 14.09 58.03
C SER A 1354 -0.26 14.27 57.01
N LEU A 1355 -0.80 13.15 56.54
CA LEU A 1355 -1.78 13.21 55.45
C LEU A 1355 -3.01 14.02 55.86
N ASP A 1356 -3.33 14.04 57.16
CA ASP A 1356 -4.43 14.88 57.62
C ASP A 1356 -4.06 16.36 57.62
N THR A 1357 -2.78 16.68 57.87
CA THR A 1357 -2.34 18.07 57.83
C THR A 1357 -2.46 18.67 56.44
N LEU A 1358 -2.63 17.83 55.42
CA LEU A 1358 -2.97 18.30 54.08
C LEU A 1358 -4.44 18.06 53.75
N SER A 1359 -5.06 17.03 54.34
CA SER A 1359 -6.48 16.79 54.16
C SER A 1359 -7.35 17.87 54.78
N ARG A 1360 -6.78 18.70 55.66
CA ARG A 1360 -7.50 19.84 56.18
C ARG A 1360 -7.89 20.81 55.07
N LEU A 1361 -7.25 20.74 53.90
CA LEU A 1361 -7.65 21.55 52.77
C LEU A 1361 -9.07 21.24 52.32
N PHE A 1362 -9.52 19.99 52.49
CA PHE A 1362 -10.82 19.58 51.99
C PHE A 1362 -11.95 20.34 52.68
N LYS A 1363 -12.98 20.67 51.92
CA LYS A 1363 -14.13 21.38 52.45
C LYS A 1363 -14.91 20.47 53.40
N PRO A 1364 -15.68 21.06 54.32
CA PRO A 1364 -16.56 20.25 55.16
C PRO A 1364 -17.56 19.47 54.31
N PHE A 1365 -17.86 18.26 54.74
CA PHE A 1365 -18.69 17.33 53.99
C PHE A 1365 -20.12 17.32 54.53
N THR A 1366 -20.93 16.41 54.01
CA THR A 1366 -22.33 16.26 54.39
C THR A 1366 -22.63 14.78 54.55
N GLU A 1367 -23.62 14.48 55.42
CA GLU A 1367 -23.97 13.09 55.69
C GLU A 1367 -24.36 12.35 54.42
N GLU A 1368 -25.19 12.97 53.59
CA GLU A 1368 -25.49 12.39 52.28
C GLU A 1368 -24.23 12.26 51.44
N ASN A 1369 -23.42 13.32 51.42
CA ASN A 1369 -22.16 13.26 50.68
C ASN A 1369 -21.24 12.20 51.26
N TYR A 1370 -21.18 12.09 52.59
CA TYR A 1370 -20.29 11.13 53.23
C TYR A 1370 -20.68 9.70 52.90
N ARG A 1371 -21.98 9.39 52.98
CA ARG A 1371 -22.43 8.05 52.63
C ARG A 1371 -22.28 7.77 51.14
N THR A 1372 -22.46 8.79 50.30
CA THR A 1372 -22.20 8.62 48.88
C THR A 1372 -20.73 8.30 48.62
N ILE A 1373 -19.83 8.98 49.33
CA ILE A 1373 -18.40 8.69 49.20
C ILE A 1373 -18.11 7.25 49.62
N ASN A 1374 -18.71 6.83 50.74
CA ASN A 1374 -18.54 5.45 51.20
C ASN A 1374 -18.99 4.47 50.13
N SER A 1375 -20.18 4.70 49.57
CA SER A 1375 -20.73 3.78 48.57
C SER A 1375 -19.85 3.74 47.32
N ILE A 1376 -19.42 4.89 46.83
CA ILE A 1376 -18.64 4.92 45.59
C ILE A 1376 -17.27 4.28 45.79
N PHE A 1377 -16.64 4.55 46.93
CA PHE A 1377 -15.34 3.92 47.18
C PHE A 1377 -15.48 2.41 47.35
N SER A 1378 -16.54 1.97 48.03
CA SER A 1378 -16.74 0.53 48.19
C SER A 1378 -16.98 -0.15 46.85
N LEU A 1379 -17.81 0.45 45.99
CA LEU A 1379 -18.06 -0.16 44.68
C LEU A 1379 -16.83 -0.12 43.79
N MET A 1380 -16.02 0.94 43.89
CA MET A 1380 -14.77 0.99 43.14
C MET A 1380 -13.81 -0.10 43.63
N ILE A 1381 -13.75 -0.31 44.94
CA ILE A 1381 -12.89 -1.36 45.48
C ILE A 1381 -13.35 -2.72 44.99
N SER A 1382 -14.66 -2.97 45.01
CA SER A 1382 -15.17 -4.28 44.65
C SER A 1382 -15.03 -4.55 43.16
N GLN A 1383 -15.34 -3.57 42.32
CA GLN A 1383 -15.52 -3.81 40.89
C GLN A 1383 -14.26 -3.57 40.07
N CYS A 1384 -13.15 -3.13 40.68
CA CYS A 1384 -11.92 -2.84 39.95
C CYS A 1384 -10.91 -3.95 40.21
N GLN A 1385 -10.40 -4.54 39.12
CA GLN A 1385 -9.40 -5.59 39.22
C GLN A 1385 -7.97 -5.07 39.15
N GLY A 1386 -7.79 -3.75 39.05
CA GLY A 1386 -6.45 -3.19 39.09
C GLY A 1386 -5.75 -3.40 40.41
N PHE A 1387 -6.49 -3.84 41.43
CA PHE A 1387 -5.92 -4.08 42.76
C PHE A 1387 -5.36 -5.49 42.81
N ASP A 1388 -4.18 -5.64 43.42
CA ASP A 1388 -3.48 -6.91 43.39
C ASP A 1388 -4.24 -7.99 44.14
N LYS A 1389 -4.35 -9.16 43.53
CA LYS A 1389 -5.02 -10.28 44.17
C LYS A 1389 -4.23 -10.81 45.36
N ALA A 1390 -2.90 -10.63 45.35
CA ALA A 1390 -2.08 -11.12 46.45
C ALA A 1390 -2.46 -10.43 47.75
N VAL A 1391 -2.48 -9.10 47.75
CA VAL A 1391 -2.91 -8.36 48.94
C VAL A 1391 -4.40 -8.51 49.18
N ARG A 1392 -5.18 -8.81 48.12
CA ARG A 1392 -6.59 -9.08 48.32
C ARG A 1392 -6.81 -10.34 49.15
N LYS A 1393 -6.02 -11.38 48.90
CA LYS A 1393 -6.16 -12.65 49.61
C LYS A 1393 -5.27 -12.74 50.84
N ARG A 1394 -4.38 -11.78 51.06
CA ARG A 1394 -3.52 -11.82 52.24
C ARG A 1394 -4.33 -11.64 53.51
N ALA A 1395 -3.79 -12.17 54.61
CA ALA A 1395 -4.48 -12.15 55.88
C ALA A 1395 -4.61 -10.73 56.42
N ASN A 1396 -5.67 -10.52 57.22
CA ASN A 1396 -5.93 -9.24 57.86
C ASN A 1396 -6.01 -8.10 56.84
N PHE A 1397 -6.67 -8.36 55.72
CA PHE A 1397 -6.86 -7.36 54.67
C PHE A 1397 -8.26 -6.77 54.81
N SER A 1398 -8.33 -5.46 55.04
CA SER A 1398 -9.58 -4.74 55.17
C SER A 1398 -9.58 -3.55 54.22
N HIS A 1399 -10.72 -2.86 54.14
CA HIS A 1399 -10.85 -1.72 53.24
C HIS A 1399 -9.96 -0.55 53.64
N LYS A 1400 -9.40 -0.55 54.84
CA LYS A 1400 -8.51 0.52 55.27
C LYS A 1400 -7.08 0.34 54.76
N ASP A 1401 -6.75 -0.82 54.20
CA ASP A 1401 -5.41 -1.10 53.69
C ASP A 1401 -5.23 -0.69 52.24
N VAL A 1402 -6.29 -0.23 51.57
CA VAL A 1402 -6.18 0.17 50.16
C VAL A 1402 -5.26 1.36 50.01
N SER A 1403 -5.14 2.19 51.06
CA SER A 1403 -4.31 3.38 50.97
C SER A 1403 -2.86 3.03 50.70
N LEU A 1404 -2.36 1.96 51.32
CA LEU A 1404 -0.96 1.58 51.13
C LEU A 1404 -0.68 1.22 49.69
N ILE A 1405 -1.51 0.38 49.08
CA ILE A 1405 -1.27 -0.03 47.71
C ILE A 1405 -1.51 1.12 46.74
N LEU A 1406 -2.46 2.01 47.05
CA LEU A 1406 -2.64 3.19 46.22
C LEU A 1406 -1.42 4.09 46.26
N SER A 1407 -0.84 4.28 47.44
CA SER A 1407 0.39 5.05 47.54
C SER A 1407 1.53 4.37 46.80
N VAL A 1408 1.57 3.04 46.85
CA VAL A 1408 2.59 2.29 46.11
C VAL A 1408 2.45 2.55 44.61
N HIS A 1409 1.22 2.50 44.09
CA HIS A 1409 1.00 2.76 42.68
C HIS A 1409 1.33 4.20 42.33
N TRP A 1410 1.04 5.14 43.24
CA TRP A 1410 1.39 6.53 42.99
C TRP A 1410 2.90 6.72 42.91
N ALA A 1411 3.64 6.06 43.80
CA ALA A 1411 5.10 6.11 43.74
C ALA A 1411 5.60 5.48 42.45
N ASN A 1412 4.96 4.40 42.01
CA ASN A 1412 5.33 3.79 40.74
C ASN A 1412 5.09 4.76 39.58
N THR A 1413 3.99 5.51 39.62
CA THR A 1413 3.73 6.51 38.59
C THR A 1413 4.79 7.59 38.60
N ILE A 1414 5.19 8.04 39.79
CA ILE A 1414 6.24 9.06 39.88
C ILE A 1414 7.55 8.51 39.31
N SER A 1415 7.85 7.24 39.59
CA SER A 1415 9.03 6.62 39.02
C SER A 1415 8.94 6.56 37.49
N MET A 1416 7.76 6.26 36.96
CA MET A 1416 7.56 6.30 35.51
C MET A 1416 7.84 7.69 34.96
N LEU A 1417 7.35 8.72 35.66
CA LEU A 1417 7.58 10.09 35.20
C LEU A 1417 9.06 10.40 35.17
N GLU A 1418 9.79 10.00 36.21
CA GLU A 1418 11.23 10.25 36.24
C GLU A 1418 11.95 9.49 35.13
N ILE A 1419 11.59 8.22 34.93
CA ILE A 1419 12.24 7.43 33.88
C ILE A 1419 12.00 8.06 32.52
N ALA A 1420 10.77 8.50 32.26
CA ALA A 1420 10.49 9.20 31.00
C ALA A 1420 11.30 10.48 30.90
N SER A 1421 11.39 11.24 31.99
CA SER A 1421 12.14 12.49 31.97
C SER A 1421 13.62 12.28 31.73
N ARG A 1422 14.13 11.08 32.00
CA ARG A 1422 15.53 10.80 31.71
C ARG A 1422 15.89 11.05 30.24
N LEU A 1423 14.91 10.91 29.34
CA LEU A 1423 15.18 10.98 27.91
C LEU A 1423 15.43 12.40 27.41
N GLU A 1424 15.20 13.42 28.22
CA GLU A 1424 15.35 14.79 27.77
C GLU A 1424 16.77 15.29 27.98
N LYS A 1425 17.17 16.27 27.17
CA LYS A 1425 18.53 16.80 27.25
C LYS A 1425 18.85 17.43 28.59
N PRO A 1426 18.04 18.35 29.15
CA PRO A 1426 18.38 18.89 30.48
C PRO A 1426 17.80 18.03 31.61
N TYR A 1427 18.48 16.91 31.88
CA TYR A 1427 17.97 15.92 32.83
C TYR A 1427 17.80 16.48 34.23
N SER A 1428 18.52 17.56 34.57
CA SER A 1428 18.40 18.12 35.91
C SER A 1428 17.00 18.64 36.18
N ILE A 1429 16.41 19.33 35.21
CA ILE A 1429 15.07 19.92 35.36
C ILE A 1429 14.11 19.38 34.31
N SER A 1430 14.44 18.25 33.70
CA SER A 1430 13.61 17.72 32.61
C SER A 1430 12.21 17.36 33.10
N PHE A 1431 12.10 16.75 34.28
CA PHE A 1431 10.80 16.31 34.77
C PHE A 1431 9.87 17.46 35.07
N PHE A 1432 10.39 18.68 35.21
CA PHE A 1432 9.53 19.83 35.47
C PHE A 1432 8.80 20.30 34.23
N ARG A 1433 9.43 20.21 33.06
CA ARG A 1433 8.91 20.79 31.84
C ARG A 1433 8.05 19.81 31.07
N SER A 1434 6.96 20.31 30.49
CA SER A 1434 6.14 19.58 29.52
C SER A 1434 5.50 18.33 30.11
N ARG A 1435 5.20 18.34 31.40
CA ARG A 1435 4.49 17.24 32.05
C ARG A 1435 3.25 17.76 32.76
N GLU A 1436 2.58 18.73 32.16
CA GLU A 1436 1.42 19.35 32.82
C GLU A 1436 0.30 18.34 33.01
N GLN A 1437 0.01 17.53 31.99
CA GLN A 1437 -1.02 16.51 32.14
C GLN A 1437 -0.60 15.44 33.12
N LYS A 1438 0.68 15.05 33.12
CA LYS A 1438 1.17 14.09 34.09
C LYS A 1438 1.07 14.64 35.51
N TYR A 1439 1.41 15.91 35.70
CA TYR A 1439 1.27 16.52 37.01
C TYR A 1439 -0.19 16.59 37.44
N LYS A 1440 -1.09 16.85 36.49
CA LYS A 1440 -2.52 16.83 36.80
C LYS A 1440 -2.96 15.45 37.25
N THR A 1441 -2.47 14.40 36.57
CA THR A 1441 -2.79 13.04 36.99
C THR A 1441 -2.26 12.76 38.40
N LEU A 1442 -1.05 13.21 38.69
CA LEU A 1442 -0.48 13.00 40.02
C LEU A 1442 -1.30 13.70 41.09
N LYS A 1443 -1.70 14.95 40.82
CA LYS A 1443 -2.52 15.69 41.78
C LYS A 1443 -3.88 15.01 41.98
N ASN A 1444 -4.48 14.52 40.89
CA ASN A 1444 -5.74 13.81 41.00
C ASN A 1444 -5.60 12.57 41.87
N ILE A 1445 -4.55 11.78 41.63
CA ILE A 1445 -4.37 10.56 42.41
C ILE A 1445 -4.14 10.89 43.89
N LEU A 1446 -3.32 11.91 44.15
CA LEU A 1446 -3.07 12.30 45.53
C LEU A 1446 -4.36 12.74 46.22
N VAL A 1447 -5.16 13.56 45.54
CA VAL A 1447 -6.41 14.02 46.14
C VAL A 1447 -7.35 12.84 46.39
N CYS A 1448 -7.42 11.91 45.45
CA CYS A 1448 -8.31 10.77 45.61
C CYS A 1448 -7.91 9.90 46.79
N ILE A 1449 -6.60 9.61 46.92
CA ILE A 1449 -6.16 8.76 48.03
C ILE A 1449 -6.34 9.48 49.35
N MET A 1450 -6.12 10.80 49.37
CA MET A 1450 -6.36 11.58 50.58
C MET A 1450 -7.83 11.55 50.99
N LEU A 1451 -8.73 11.68 50.00
CA LEU A 1451 -10.16 11.60 50.31
C LEU A 1451 -10.53 10.23 50.84
N PHE A 1452 -9.99 9.17 50.24
CA PHE A 1452 -10.25 7.82 50.71
C PHE A 1452 -9.78 7.64 52.14
N THR A 1453 -8.56 8.09 52.44
CA THR A 1453 -8.02 7.95 53.79
C THR A 1453 -8.83 8.75 54.80
N PHE A 1454 -9.16 9.99 54.48
CA PHE A 1454 -9.89 10.83 55.42
C PHE A 1454 -11.29 10.28 55.69
N VAL A 1455 -11.96 9.79 54.65
CA VAL A 1455 -13.31 9.26 54.82
C VAL A 1455 -13.27 7.92 55.55
N ILE A 1456 -12.41 7.01 55.12
CA ILE A 1456 -12.40 5.67 55.69
C ILE A 1456 -11.58 5.64 56.98
N GLY A 1457 -10.35 6.13 56.94
CA GLY A 1457 -9.49 6.10 58.10
C GLY A 1457 -8.19 5.37 57.87
N LYS A 1458 -7.12 5.85 58.50
CA LYS A 1458 -5.82 5.22 58.34
C LYS A 1458 -5.82 3.84 59.02
N PRO A 1459 -5.12 2.86 58.45
CA PRO A 1459 -5.04 1.53 59.07
C PRO A 1459 -3.96 1.40 60.14
N SER A 1460 -3.29 2.49 60.52
CA SER A 1460 -2.21 2.49 61.51
C SER A 1460 -1.04 1.61 61.08
N MET A 1461 -0.93 1.32 59.79
CA MET A 1461 0.18 0.55 59.23
C MET A 1461 0.32 -0.81 59.92
N GLU A 1462 -0.81 -1.39 60.34
CA GLU A 1462 -0.77 -2.68 61.02
C GLU A 1462 -0.43 -3.81 60.05
N PHE A 1463 -0.87 -3.70 58.79
CA PHE A 1463 -0.73 -4.76 57.81
C PHE A 1463 0.23 -4.33 56.71
N GLU A 1464 1.13 -5.23 56.34
CA GLU A 1464 2.11 -4.94 55.30
C GLU A 1464 1.68 -5.61 54.01
N PRO A 1465 1.30 -4.86 52.97
CA PRO A 1465 0.91 -5.51 51.71
C PRO A 1465 2.00 -6.33 51.07
N TYR A 1466 3.26 -5.93 51.21
CA TYR A 1466 4.39 -6.59 50.56
C TYR A 1466 5.43 -6.93 51.62
N PRO A 1467 5.38 -8.13 52.18
CA PRO A 1467 6.35 -8.50 53.22
C PRO A 1467 7.76 -8.55 52.68
N GLN A 1468 8.73 -8.20 53.54
CA GLN A 1468 10.14 -8.20 53.17
C GLN A 1468 10.64 -9.64 53.17
N GLN A 1469 10.25 -10.37 52.13
CA GLN A 1469 10.69 -11.75 51.99
C GLN A 1469 12.19 -11.80 51.74
N PRO A 1470 12.88 -12.81 52.28
CA PRO A 1470 14.33 -12.92 52.07
C PRO A 1470 14.73 -13.55 50.74
N ASP A 1471 13.79 -13.70 49.80
CA ASP A 1471 14.09 -14.34 48.53
C ASP A 1471 13.56 -13.60 47.31
N THR A 1472 12.56 -12.72 47.46
CA THR A 1472 11.93 -12.05 46.34
C THR A 1472 11.97 -10.54 46.53
N VAL A 1473 11.98 -9.81 45.42
CA VAL A 1473 11.95 -8.36 45.43
C VAL A 1473 10.57 -7.91 44.98
N TRP A 1474 9.83 -7.28 45.89
CA TRP A 1474 8.46 -6.88 45.58
C TRP A 1474 8.42 -5.68 44.64
N ASN A 1475 9.22 -4.66 44.93
CA ASN A 1475 9.24 -3.44 44.14
C ASN A 1475 10.69 -3.04 43.86
N GLN A 1476 10.93 -2.55 42.64
CA GLN A 1476 12.26 -2.08 42.28
C GLN A 1476 12.56 -0.67 42.77
N ASN A 1477 11.56 0.02 43.32
CA ASN A 1477 11.77 1.37 43.85
C ASN A 1477 11.39 1.40 45.33
N GLN A 1478 11.83 0.40 46.09
CA GLN A 1478 11.44 0.29 47.48
C GLN A 1478 11.91 1.47 48.31
N LEU A 1479 13.02 2.10 47.93
CA LEU A 1479 13.52 3.26 48.66
C LEU A 1479 12.51 4.41 48.60
N PHE A 1480 12.08 4.77 47.39
CA PHE A 1480 11.07 5.80 47.27
C PHE A 1480 9.73 5.34 47.81
N GLN A 1481 9.47 4.04 47.81
CA GLN A 1481 8.26 3.53 48.44
C GLN A 1481 8.26 3.82 49.93
N TYR A 1482 9.38 3.58 50.60
CA TYR A 1482 9.49 3.93 52.02
C TYR A 1482 9.41 5.42 52.22
N ILE A 1483 10.01 6.21 51.31
CA ILE A 1483 9.94 7.65 51.42
C ILE A 1483 8.49 8.11 51.41
N VAL A 1484 7.71 7.59 50.46
CA VAL A 1484 6.29 7.93 50.38
C VAL A 1484 5.56 7.49 51.64
N ARG A 1485 5.83 6.25 52.10
CA ARG A 1485 5.13 5.74 53.27
C ARG A 1485 5.39 6.60 54.49
N SER A 1486 6.64 7.00 54.70
CA SER A 1486 6.96 7.85 55.84
C SER A 1486 6.36 9.23 55.69
N ALA A 1487 6.45 9.82 54.50
CA ALA A 1487 5.99 11.19 54.31
C ALA A 1487 4.48 11.31 54.47
N LEU A 1488 3.73 10.45 53.77
CA LEU A 1488 2.27 10.58 53.80
C LEU A 1488 1.69 10.09 55.12
N PHE A 1489 2.16 8.96 55.62
CA PHE A 1489 1.50 8.32 56.75
C PHE A 1489 2.10 8.72 58.09
N SER A 1490 3.41 8.62 58.24
CA SER A 1490 4.04 8.97 59.52
C SER A 1490 4.01 10.48 59.71
N PRO A 1491 3.41 10.99 60.77
CA PRO A 1491 3.35 12.44 60.97
C PRO A 1491 4.68 13.02 61.40
N VAL A 1492 5.65 13.04 60.49
CA VAL A 1492 7.00 13.52 60.75
C VAL A 1492 7.45 14.39 59.59
N SER A 1493 8.53 15.13 59.82
CA SER A 1493 9.04 16.05 58.81
C SER A 1493 9.57 15.29 57.60
N LEU A 1494 9.30 15.82 56.41
CA LEU A 1494 9.84 15.22 55.20
C LEU A 1494 11.36 15.32 55.16
N ARG A 1495 11.90 16.45 55.60
CA ARG A 1495 13.34 16.67 55.49
C ARG A 1495 14.15 15.70 56.33
N GLN A 1496 13.54 15.09 57.35
CA GLN A 1496 14.22 14.06 58.11
C GLN A 1496 13.98 12.67 57.55
N THR A 1497 12.79 12.42 56.98
CA THR A 1497 12.54 11.14 56.35
C THR A 1497 13.44 10.92 55.15
N VAL A 1498 13.64 11.96 54.34
CA VAL A 1498 14.52 11.84 53.19
C VAL A 1498 15.94 11.53 53.64
N THR A 1499 16.40 12.21 54.69
CA THR A 1499 17.74 11.93 55.20
C THR A 1499 17.85 10.51 55.71
N GLU A 1500 16.84 10.03 56.45
CA GLU A 1500 16.88 8.67 56.96
C GLU A 1500 16.98 7.66 55.82
N ALA A 1501 16.07 7.78 54.84
CA ALA A 1501 16.06 6.84 53.72
C ALA A 1501 17.37 6.90 52.95
N LEU A 1502 17.84 8.11 52.66
CA LEU A 1502 19.04 8.26 51.84
C LEU A 1502 20.26 7.72 52.57
N THR A 1503 20.37 7.98 53.87
CA THR A 1503 21.48 7.46 54.65
C THR A 1503 21.46 5.94 54.69
N THR A 1504 20.28 5.35 54.92
CA THR A 1504 20.21 3.89 54.98
C THR A 1504 20.59 3.26 53.65
N PHE A 1505 20.06 3.81 52.55
CA PHE A 1505 20.38 3.28 51.23
C PHE A 1505 21.86 3.46 50.92
N SER A 1506 22.43 4.60 51.29
CA SER A 1506 23.86 4.83 51.04
C SER A 1506 24.71 3.85 51.82
N ARG A 1507 24.34 3.58 53.07
CA ARG A 1507 25.08 2.60 53.86
C ARG A 1507 25.00 1.22 53.24
N GLN A 1508 23.79 0.81 52.81
CA GLN A 1508 23.65 -0.49 52.17
C GLN A 1508 24.49 -0.58 50.90
N PHE A 1509 24.44 0.46 50.07
CA PHE A 1509 25.15 0.42 48.80
C PHE A 1509 26.66 0.44 49.01
N LEU A 1510 27.13 1.22 49.97
CA LEU A 1510 28.56 1.25 50.26
C LEU A 1510 29.04 -0.10 50.79
N ARG A 1511 28.25 -0.73 51.66
CA ARG A 1511 28.63 -2.06 52.14
C ARG A 1511 28.66 -3.06 51.00
N ASP A 1512 27.67 -3.01 50.10
CA ASP A 1512 27.65 -3.95 48.98
C ASP A 1512 28.81 -3.73 48.03
N PHE A 1513 29.13 -2.46 47.73
CA PHE A 1513 30.17 -2.17 46.76
C PHE A 1513 31.55 -2.46 47.31
N LEU A 1514 31.82 -2.02 48.55
CA LEU A 1514 33.13 -2.21 49.14
C LEU A 1514 33.40 -3.67 49.44
N GLN A 1515 32.42 -4.39 49.98
CA GLN A 1515 32.57 -5.79 50.33
C GLN A 1515 32.23 -6.73 49.18
N GLY A 1516 32.03 -6.19 47.97
CA GLY A 1516 31.86 -7.03 46.81
C GLY A 1516 33.17 -7.64 46.37
N LEU A 1517 33.07 -8.65 45.51
CA LEU A 1517 34.21 -9.40 45.04
C LEU A 1517 34.35 -9.21 43.52
N SER A 1518 35.29 -9.97 42.94
CA SER A 1518 35.65 -9.87 41.52
C SER A 1518 36.25 -8.51 41.17
N ASP A 1519 36.77 -7.79 42.17
CA ASP A 1519 37.39 -6.49 41.95
C ASP A 1519 38.73 -6.30 42.64
N ALA A 1520 39.04 -7.09 43.67
CA ALA A 1520 40.25 -6.84 44.47
C ALA A 1520 41.49 -6.77 43.60
N GLU A 1521 41.61 -7.66 42.63
CA GLU A 1521 42.64 -7.57 41.60
C GLU A 1521 42.10 -6.98 40.31
N GLN A 1522 40.84 -6.53 40.30
CA GLN A 1522 40.21 -6.01 39.10
C GLN A 1522 39.75 -4.57 39.25
N VAL A 1523 40.07 -3.91 40.37
CA VAL A 1523 39.73 -2.50 40.53
C VAL A 1523 40.40 -1.67 39.44
N THR A 1524 41.65 -2.02 39.10
CA THR A 1524 42.36 -1.24 38.10
C THR A 1524 41.69 -1.34 36.73
N LYS A 1525 41.35 -2.57 36.31
CA LYS A 1525 40.73 -2.71 35.00
C LYS A 1525 39.33 -2.13 34.99
N LEU A 1526 38.59 -2.23 36.10
CA LEU A 1526 37.26 -1.65 36.17
C LEU A 1526 37.33 -0.13 36.09
N TYR A 1527 38.31 0.49 36.78
CA TYR A 1527 38.50 1.92 36.67
C TYR A 1527 38.89 2.32 35.25
N ALA A 1528 39.75 1.54 34.61
CA ALA A 1528 40.13 1.83 33.23
C ALA A 1528 38.92 1.76 32.31
N LYS A 1529 38.06 0.76 32.50
CA LYS A 1529 36.86 0.63 31.68
C LYS A 1529 35.90 1.78 31.92
N ALA A 1530 35.74 2.20 33.18
CA ALA A 1530 34.89 3.34 33.48
C ALA A 1530 35.42 4.62 32.85
N SER A 1531 36.74 4.82 32.93
CA SER A 1531 37.34 5.99 32.29
C SER A 1531 37.20 5.94 30.78
N LYS A 1532 37.22 4.74 30.21
CA LYS A 1532 36.90 4.60 28.80
C LYS A 1532 35.46 5.02 28.52
N ILE A 1533 34.54 4.64 29.42
CA ILE A 1533 33.14 5.03 29.25
C ILE A 1533 32.96 6.52 29.51
N GLY A 1534 33.58 7.03 30.59
CA GLY A 1534 33.41 8.43 30.94
C GLY A 1534 34.48 8.97 31.87
N ASP A 1535 34.08 9.82 32.81
CA ASP A 1535 35.00 10.44 33.76
C ASP A 1535 34.57 10.09 35.19
N VAL A 1536 35.53 9.65 35.99
CA VAL A 1536 35.28 9.26 37.38
C VAL A 1536 35.61 10.44 38.28
N LEU A 1537 34.69 10.78 39.17
CA LEU A 1537 34.87 11.93 40.05
C LEU A 1537 35.97 11.66 41.07
N LYS A 1538 36.62 12.74 41.49
CA LYS A 1538 37.70 12.67 42.47
C LYS A 1538 37.15 12.98 43.85
N VAL A 1539 37.62 12.21 44.85
CA VAL A 1539 37.14 12.32 46.22
C VAL A 1539 38.13 13.12 47.03
N SER A 1540 37.65 14.17 47.69
CA SER A 1540 38.49 15.02 48.51
C SER A 1540 38.84 14.32 49.82
N GLU A 1541 39.82 14.89 50.54
CA GLU A 1541 40.35 14.23 51.73
C GLU A 1541 39.28 14.11 52.82
N GLN A 1542 38.42 15.10 52.96
CA GLN A 1542 37.33 14.98 53.92
C GLN A 1542 36.35 13.89 53.50
N MET A 1543 36.05 13.81 52.20
CA MET A 1543 35.22 12.70 51.73
C MET A 1543 35.96 11.37 51.82
N LEU A 1544 37.27 11.37 51.60
CA LEU A 1544 38.05 10.15 51.86
C LEU A 1544 37.83 9.67 53.28
N PHE A 1545 37.99 10.58 54.26
CA PHE A 1545 37.83 10.20 55.65
C PHE A 1545 36.41 9.72 55.94
N ALA A 1546 35.41 10.42 55.38
CA ALA A 1546 34.02 10.04 55.63
C ALA A 1546 33.72 8.66 55.07
N LEU A 1547 34.13 8.38 53.83
CA LEU A 1547 33.88 7.08 53.24
C LEU A 1547 34.63 5.98 53.98
N ARG A 1548 35.86 6.25 54.41
CA ARG A 1548 36.59 5.26 55.21
C ARG A 1548 35.87 5.00 56.53
N THR A 1549 35.34 6.06 57.15
CA THR A 1549 34.62 5.90 58.41
C THR A 1549 33.36 5.06 58.24
N ILE A 1550 32.63 5.28 57.13
CA ILE A 1550 31.43 4.49 56.88
C ILE A 1550 31.79 3.02 56.75
N SER A 1551 32.84 2.73 55.99
CA SER A 1551 33.36 1.38 55.85
C SER A 1551 34.73 1.45 55.16
N ASP A 1552 35.67 0.64 55.62
CA ASP A 1552 36.99 0.57 55.03
C ASP A 1552 37.33 -0.88 54.72
N VAL A 1553 38.18 -1.07 53.71
CA VAL A 1553 38.54 -2.38 53.21
C VAL A 1553 40.05 -2.58 53.35
N ARG A 1554 40.44 -3.79 53.72
CA ARG A 1554 41.85 -4.16 53.82
C ARG A 1554 42.40 -4.77 52.53
N MET A 1555 41.59 -4.81 51.47
CA MET A 1555 42.01 -5.37 50.20
C MET A 1555 42.74 -4.37 49.32
N GLU A 1556 42.94 -3.15 49.79
CA GLU A 1556 43.63 -2.12 49.02
C GLU A 1556 45.11 -2.46 48.96
N GLY A 1557 45.56 -3.01 47.83
CA GLY A 1557 46.93 -3.41 47.63
C GLY A 1557 47.79 -2.45 46.83
N LEU A 1558 47.25 -1.32 46.40
CA LEU A 1558 48.01 -0.34 45.65
C LEU A 1558 48.55 0.75 46.57
N ASP A 1559 49.48 1.55 46.03
CA ASP A 1559 50.08 2.61 46.82
C ASP A 1559 49.05 3.65 47.23
N SER A 1560 48.17 4.04 46.31
CA SER A 1560 47.09 4.99 46.58
C SER A 1560 45.77 4.28 46.32
N GLU A 1561 44.97 4.13 47.37
CA GLU A 1561 43.69 3.43 47.29
C GLU A 1561 42.53 4.36 46.98
N SER A 1562 42.81 5.56 46.45
CA SER A 1562 41.73 6.48 46.09
C SER A 1562 40.88 5.98 44.94
N ILE A 1563 41.32 4.97 44.20
CA ILE A 1563 40.58 4.49 43.04
C ILE A 1563 39.26 3.87 43.47
N ILE A 1564 39.29 2.98 44.46
CA ILE A 1564 38.07 2.32 44.91
C ILE A 1564 37.13 3.34 45.55
N TYR A 1565 37.67 4.31 46.26
CA TYR A 1565 36.85 5.35 46.87
C TYR A 1565 36.16 6.20 45.80
N ASP A 1566 36.90 6.56 44.74
CA ASP A 1566 36.30 7.32 43.65
C ASP A 1566 35.20 6.51 42.96
N LEU A 1567 35.46 5.23 42.72
CA LEU A 1567 34.45 4.38 42.09
C LEU A 1567 33.21 4.27 42.95
N ALA A 1568 33.38 4.11 44.26
CA ALA A 1568 32.25 4.05 45.17
C ALA A 1568 31.48 5.36 45.17
N TYR A 1569 32.20 6.48 45.15
CA TYR A 1569 31.55 7.79 45.11
C TYR A 1569 30.67 7.93 43.88
N THR A 1570 31.24 7.64 42.70
CA THR A 1570 30.47 7.77 41.46
C THR A 1570 29.27 6.83 41.46
N PHE A 1571 29.49 5.58 41.89
CA PHE A 1571 28.40 4.61 41.87
C PHE A 1571 27.28 5.02 42.83
N LEU A 1572 27.62 5.48 44.03
CA LEU A 1572 26.57 5.87 44.98
C LEU A 1572 25.82 7.08 44.46
N LEU A 1573 26.53 8.06 43.89
CA LEU A 1573 25.85 9.24 43.37
C LEU A 1573 24.88 8.86 42.26
N LYS A 1574 25.33 8.03 41.31
CA LYS A 1574 24.48 7.66 40.19
C LYS A 1574 23.30 6.80 40.65
N SER A 1575 23.53 5.90 41.60
CA SER A 1575 22.44 5.08 42.11
C SER A 1575 21.40 5.93 42.84
N LEU A 1576 21.86 6.93 43.59
CA LEU A 1576 20.96 7.75 44.38
C LEU A 1576 20.21 8.77 43.54
N LEU A 1577 20.79 9.22 42.43
CA LEU A 1577 20.19 10.29 41.63
C LEU A 1577 18.73 10.05 41.27
N PRO A 1578 18.29 8.86 40.83
CA PRO A 1578 16.85 8.67 40.57
C PRO A 1578 15.99 8.93 41.79
N THR A 1579 16.43 8.51 42.97
CA THR A 1579 15.67 8.78 44.18
C THR A 1579 15.58 10.27 44.46
N ILE A 1580 16.69 10.99 44.28
CA ILE A 1580 16.68 12.43 44.49
C ILE A 1580 15.69 13.11 43.54
N ARG A 1581 15.74 12.73 42.27
CA ARG A 1581 14.86 13.36 41.29
C ARG A 1581 13.40 13.03 41.57
N ARG A 1582 13.11 11.80 42.00
CA ARG A 1582 11.74 11.46 42.37
C ARG A 1582 11.29 12.25 43.59
N CYS A 1583 12.20 12.51 44.53
CA CYS A 1583 11.86 13.36 45.67
C CYS A 1583 11.55 14.78 45.22
N LEU A 1584 12.31 15.31 44.26
CA LEU A 1584 11.99 16.62 43.71
C LEU A 1584 10.63 16.62 43.03
N VAL A 1585 10.29 15.53 42.34
CA VAL A 1585 8.97 15.43 41.72
C VAL A 1585 7.89 15.42 42.79
N PHE A 1586 8.14 14.74 43.91
CA PHE A 1586 7.20 14.75 45.03
C PHE A 1586 7.01 16.17 45.56
N ILE A 1587 8.11 16.90 45.73
CA ILE A 1587 8.02 18.30 46.18
C ILE A 1587 7.23 19.12 45.17
N LYS A 1588 7.43 18.86 43.87
CA LYS A 1588 6.74 19.60 42.84
C LYS A 1588 5.24 19.39 42.90
N VAL A 1589 4.81 18.12 43.04
CA VAL A 1589 3.38 17.87 43.13
C VAL A 1589 2.82 18.44 44.43
N LEU A 1590 3.63 18.46 45.49
CA LEU A 1590 3.18 19.07 46.74
C LEU A 1590 2.93 20.57 46.56
N HIS A 1591 3.85 21.27 45.87
CA HIS A 1591 3.64 22.69 45.59
C HIS A 1591 2.41 22.90 44.70
N GLU A 1592 2.27 22.08 43.66
CA GLU A 1592 1.12 22.23 42.77
C GLU A 1592 -0.18 22.04 43.53
N LEU A 1593 -0.17 21.17 44.54
CA LEU A 1593 -1.34 21.00 45.38
C LEU A 1593 -1.58 22.20 46.28
N VAL A 1594 -0.55 22.99 46.58
CA VAL A 1594 -0.64 24.10 47.52
C VAL A 1594 -0.35 25.44 46.84
N LYS A 1595 -0.42 25.49 45.52
CA LYS A 1595 -0.09 26.70 44.78
C LYS A 1595 -1.11 27.80 45.05
N ASP A 1596 -0.62 29.03 45.21
CA ASP A 1596 -1.50 30.17 45.42
C ASP A 1596 -2.18 30.60 44.13
N SER A 1597 -1.45 30.63 43.01
CA SER A 1597 -1.95 31.12 41.75
C SER A 1597 -1.58 30.15 40.63
N GLU A 1598 -2.29 30.27 39.51
CA GLU A 1598 -2.03 29.38 38.38
C GLU A 1598 -0.60 29.53 37.87
N ASN A 1599 -0.12 30.77 37.76
CA ASN A 1599 1.25 31.03 37.36
C ASN A 1599 2.04 31.43 38.60
N GLU A 1600 2.54 30.42 39.30
CA GLU A 1600 3.36 30.61 40.49
C GLU A 1600 4.54 29.66 40.41
N THR A 1601 5.72 30.22 40.15
CA THR A 1601 6.92 29.40 40.03
C THR A 1601 7.27 28.76 41.37
N LEU A 1602 7.68 27.50 41.32
CA LEU A 1602 8.04 26.77 42.53
C LEU A 1602 9.32 27.36 43.13
N VAL A 1603 9.27 27.69 44.41
CA VAL A 1603 10.40 28.27 45.12
C VAL A 1603 10.68 27.47 46.38
N ILE A 1604 11.95 27.21 46.65
CA ILE A 1604 12.39 26.52 47.86
C ILE A 1604 13.44 27.40 48.53
N ASN A 1605 13.30 27.59 49.85
CA ASN A 1605 14.18 28.40 50.68
C ASN A 1605 14.58 29.71 50.01
N GLY A 1606 13.63 30.33 49.32
CA GLY A 1606 13.89 31.60 48.65
C GLY A 1606 14.62 31.49 47.33
N HIS A 1607 14.72 30.29 46.76
CA HIS A 1607 15.41 30.09 45.48
C HIS A 1607 14.51 29.33 44.53
N GLU A 1608 14.55 29.70 43.26
CA GLU A 1608 13.78 29.02 42.23
C GLU A 1608 14.48 27.74 41.81
N VAL A 1609 13.73 26.64 41.77
CA VAL A 1609 14.32 25.33 41.49
C VAL A 1609 14.89 25.30 40.07
N GLU A 1610 14.14 25.80 39.10
CA GLU A 1610 14.61 25.77 37.72
C GLU A 1610 15.85 26.63 37.54
N GLU A 1611 15.87 27.82 38.15
CA GLU A 1611 17.04 28.68 38.06
C GLU A 1611 18.24 28.07 38.75
N GLU A 1612 18.03 27.44 39.91
CA GLU A 1612 19.11 26.90 40.72
C GLU A 1612 19.51 25.48 40.32
N LEU A 1613 18.85 24.89 39.33
CA LEU A 1613 19.19 23.53 38.92
C LEU A 1613 19.38 23.35 37.42
N GLU A 1614 19.22 24.42 36.63
CA GLU A 1614 19.35 24.29 35.18
C GLU A 1614 20.76 23.91 34.77
N PHE A 1615 21.77 24.53 35.37
CA PHE A 1615 23.17 24.33 34.99
C PHE A 1615 23.96 23.64 36.10
N GLU A 1616 23.34 22.70 36.79
CA GLU A 1616 23.98 21.95 37.87
C GLU A 1616 24.18 20.51 37.42
N ASP A 1617 25.41 20.00 37.57
CA ASP A 1617 25.77 18.69 37.09
C ASP A 1617 26.43 17.88 38.19
N THR A 1618 26.13 16.58 38.20
CA THR A 1618 26.81 15.60 39.05
C THR A 1618 26.82 15.97 40.52
N ALA A 1619 28.01 16.06 41.10
CA ALA A 1619 28.13 16.26 42.54
C ALA A 1619 27.53 17.59 42.98
N GLU A 1620 27.73 18.65 42.19
CA GLU A 1620 27.13 19.93 42.52
C GLU A 1620 25.61 19.84 42.53
N PHE A 1621 25.04 19.15 41.54
CA PHE A 1621 23.59 18.96 41.51
C PHE A 1621 23.12 18.16 42.72
N VAL A 1622 23.86 17.12 43.10
CA VAL A 1622 23.47 16.30 44.24
C VAL A 1622 23.50 17.13 45.53
N ASN A 1623 24.55 17.92 45.71
CA ASN A 1623 24.65 18.74 46.92
C ASN A 1623 23.57 19.81 46.96
N LYS A 1624 23.29 20.46 45.82
CA LYS A 1624 22.22 21.44 45.79
C LYS A 1624 20.87 20.80 46.09
N ALA A 1625 20.62 19.61 45.55
CA ALA A 1625 19.38 18.90 45.83
C ALA A 1625 19.28 18.53 47.30
N LEU A 1626 20.39 18.12 47.90
CA LEU A 1626 20.39 17.80 49.33
C LEU A 1626 20.07 19.04 50.16
N LYS A 1627 20.64 20.18 49.80
CA LYS A 1627 20.28 21.42 50.46
C LYS A 1627 18.81 21.75 50.27
N MET A 1628 18.26 21.41 49.10
CA MET A 1628 16.89 21.79 48.78
C MET A 1628 15.88 20.92 49.51
N ILE A 1629 16.14 19.62 49.63
CA ILE A 1629 15.13 18.67 50.08
C ILE A 1629 15.44 18.02 51.42
N THR A 1630 16.70 18.01 51.86
CA THR A 1630 17.09 17.35 53.09
C THR A 1630 17.34 18.38 54.18
N GLU A 1631 17.13 17.95 55.43
CA GLU A 1631 17.44 18.82 56.57
C GLU A 1631 18.93 19.02 56.75
N LYS A 1632 19.77 18.25 56.05
CA LYS A 1632 21.21 18.40 56.13
C LYS A 1632 21.67 19.49 55.15
N GLU A 1633 22.99 19.66 55.05
CA GLU A 1633 23.56 20.72 54.23
C GLU A 1633 24.44 20.22 53.09
N SER A 1634 24.99 19.02 53.18
CA SER A 1634 25.84 18.50 52.12
C SER A 1634 25.94 16.99 52.26
N LEU A 1635 26.54 16.36 51.25
CA LEU A 1635 26.75 14.92 51.30
C LEU A 1635 27.67 14.54 52.45
N VAL A 1636 28.73 15.33 52.66
CA VAL A 1636 29.64 15.08 53.78
C VAL A 1636 28.91 15.24 55.11
N ASP A 1637 28.12 16.31 55.24
CA ASP A 1637 27.36 16.52 56.46
C ASP A 1637 26.36 15.40 56.69
N LEU A 1638 25.72 14.93 55.62
CA LEU A 1638 24.80 13.80 55.74
C LEU A 1638 25.51 12.53 56.17
N LEU A 1639 26.69 12.27 55.62
CA LEU A 1639 27.46 11.09 56.02
C LEU A 1639 27.91 11.18 57.46
N THR A 1640 28.18 12.40 57.95
CA THR A 1640 28.59 12.59 59.33
C THR A 1640 27.51 12.19 60.33
N THR A 1641 26.25 12.13 59.89
CA THR A 1641 25.16 11.79 60.78
C THR A 1641 25.33 10.38 61.33
N GLN A 1642 24.95 10.20 62.60
CA GLN A 1642 25.10 8.93 63.27
C GLN A 1642 24.22 7.86 62.62
N GLU A 1643 24.51 6.60 62.95
CA GLU A 1643 23.81 5.46 62.36
C GLU A 1643 22.50 5.23 63.10
N SER A 1644 21.54 6.11 62.84
CA SER A 1644 20.20 5.93 63.38
C SER A 1644 19.52 4.76 62.68
N ILE A 1645 18.97 3.83 63.47
CA ILE A 1645 18.39 2.61 62.95
C ILE A 1645 16.90 2.60 63.27
N VAL A 1646 16.07 2.43 62.25
CA VAL A 1646 14.63 2.30 62.40
C VAL A 1646 14.18 1.05 61.66
N SER A 1647 13.27 0.30 62.25
CA SER A 1647 12.85 -1.00 61.71
C SER A 1647 11.65 -0.87 60.78
N HIS A 1648 11.77 0.00 59.76
CA HIS A 1648 10.72 0.04 58.76
C HIS A 1648 10.83 -1.17 57.84
N PRO A 1649 9.71 -1.74 57.40
CA PRO A 1649 9.78 -2.94 56.56
C PRO A 1649 10.53 -2.73 55.26
N TYR A 1650 10.52 -1.52 54.70
CA TYR A 1650 11.07 -1.28 53.38
C TYR A 1650 12.50 -0.79 53.39
N LEU A 1651 13.14 -0.70 54.56
CA LEU A 1651 14.52 -0.25 54.66
C LEU A 1651 15.51 -1.39 54.82
N GLU A 1652 15.05 -2.63 54.84
CA GLU A 1652 15.92 -3.78 55.04
C GLU A 1652 16.26 -4.39 53.69
N ASN A 1653 17.57 -4.45 53.38
CA ASN A 1653 18.06 -5.01 52.13
C ASN A 1653 17.41 -4.31 50.93
N ILE A 1654 17.69 -3.02 50.80
CA ILE A 1654 17.09 -2.17 49.77
C ILE A 1654 17.51 -2.69 48.39
N PRO A 1655 16.56 -3.01 47.52
CA PRO A 1655 16.92 -3.45 46.17
C PRO A 1655 17.52 -2.32 45.36
N TYR A 1656 18.33 -2.70 44.38
CA TYR A 1656 18.96 -1.74 43.48
C TYR A 1656 18.30 -1.81 42.11
N GLU A 1657 17.89 -0.66 41.59
CA GLU A 1657 17.19 -0.57 40.33
C GLU A 1657 18.12 -0.17 39.20
N TYR A 1658 17.57 -0.17 37.99
CA TYR A 1658 18.32 0.24 36.81
C TYR A 1658 18.73 1.70 36.95
N CYS A 1659 19.98 1.99 36.59
CA CYS A 1659 20.49 3.36 36.68
C CYS A 1659 20.51 4.08 35.34
N GLY A 1660 20.95 3.42 34.28
CA GLY A 1660 21.07 4.06 32.99
C GLY A 1660 19.72 4.33 32.35
N ILE A 1661 19.78 4.79 31.11
CA ILE A 1661 18.57 5.17 30.39
C ILE A 1661 17.76 3.92 30.08
N ILE A 1662 16.47 3.96 30.41
CA ILE A 1662 15.55 2.87 30.13
C ILE A 1662 14.79 3.23 28.85
N LYS A 1663 14.90 2.37 27.85
CA LYS A 1663 14.31 2.64 26.54
C LYS A 1663 14.11 1.31 25.83
N LEU A 1664 13.81 1.38 24.52
CA LEU A 1664 13.71 0.19 23.71
C LEU A 1664 15.08 -0.22 23.20
N ILE A 1665 15.12 -1.27 22.37
CA ILE A 1665 16.38 -1.83 21.90
C ILE A 1665 17.08 -0.86 20.97
N ASP A 1666 18.36 -1.15 20.69
CA ASP A 1666 19.17 -0.27 19.84
C ASP A 1666 19.12 -0.81 18.41
N LEU A 1667 18.23 -0.25 17.60
CA LEU A 1667 18.06 -0.70 16.23
C LEU A 1667 19.26 -0.30 15.37
N SER A 1668 19.46 -1.03 14.29
CA SER A 1668 20.57 -0.78 13.39
C SER A 1668 20.37 0.53 12.64
N LYS A 1669 21.47 1.05 12.11
CA LYS A 1669 21.41 2.32 11.39
C LYS A 1669 20.53 2.21 10.15
N TYR A 1670 20.66 1.12 9.41
CA TYR A 1670 19.89 0.91 8.18
C TYR A 1670 19.05 -0.34 8.34
N LEU A 1671 17.77 -0.25 7.97
CA LEU A 1671 16.89 -1.42 8.03
C LEU A 1671 17.32 -2.51 7.06
N ASN A 1672 18.15 -2.17 6.06
CA ASN A 1672 18.62 -3.18 5.13
C ASN A 1672 19.43 -4.26 5.83
N THR A 1673 20.06 -3.93 6.97
CA THR A 1673 20.83 -4.92 7.71
C THR A 1673 19.96 -6.07 8.16
N TYR A 1674 18.74 -5.77 8.63
CA TYR A 1674 17.84 -6.83 9.09
C TYR A 1674 17.30 -7.68 7.95
N VAL A 1675 17.53 -7.29 6.69
CA VAL A 1675 17.04 -8.03 5.55
C VAL A 1675 18.22 -8.55 4.73
N THR A 1676 19.06 -7.64 4.27
CA THR A 1676 20.18 -8.02 3.41
C THR A 1676 21.20 -8.87 4.16
N GLN A 1677 21.53 -8.49 5.40
CA GLN A 1677 22.63 -9.13 6.12
C GLN A 1677 22.15 -9.83 7.37
N SER A 1678 21.04 -10.56 7.29
CA SER A 1678 20.53 -11.26 8.45
C SER A 1678 21.47 -12.37 8.90
N LYS A 1679 22.16 -13.00 7.95
CA LYS A 1679 23.17 -13.99 8.31
C LYS A 1679 24.29 -13.37 9.12
N GLU A 1680 24.72 -12.16 8.75
CA GLU A 1680 25.86 -11.53 9.41
C GLU A 1680 25.48 -11.04 10.81
N ILE A 1681 24.30 -10.45 10.97
CA ILE A 1681 23.93 -9.86 12.24
C ILE A 1681 23.61 -10.95 13.26
N LYS A 1682 24.11 -10.78 14.48
CA LYS A 1682 23.87 -11.72 15.57
C LYS A 1682 22.77 -11.15 16.48
N LEU A 1683 21.72 -11.92 16.68
CA LEU A 1683 20.58 -11.50 17.48
C LEU A 1683 20.08 -12.68 18.30
N ARG A 1684 19.52 -12.37 19.47
CA ARG A 1684 18.94 -13.39 20.32
C ARG A 1684 17.65 -13.91 19.70
N GLU A 1685 17.42 -15.21 19.81
CA GLU A 1685 16.34 -15.88 19.11
C GLU A 1685 15.40 -16.58 20.10
N GLU A 1686 14.16 -16.74 19.69
CA GLU A 1686 13.13 -17.37 20.51
C GLU A 1686 12.97 -18.83 20.07
N ARG A 1687 13.13 -19.75 21.03
CA ARG A 1687 13.13 -21.18 20.71
C ARG A 1687 11.77 -21.71 20.27
N SER A 1688 10.71 -20.92 20.43
CA SER A 1688 9.37 -21.37 20.02
C SER A 1688 9.32 -21.58 18.51
N GLN A 1689 9.14 -22.85 18.09
CA GLN A 1689 9.09 -23.22 16.69
C GLN A 1689 10.37 -22.79 15.96
N HIS A 1690 11.51 -23.02 16.60
CA HIS A 1690 12.80 -22.66 16.04
C HIS A 1690 13.37 -23.79 15.18
N MET A 1691 12.57 -24.25 14.21
CA MET A 1691 12.98 -25.33 13.33
C MET A 1691 12.68 -24.99 11.88
N LYS A 1692 12.87 -25.96 10.98
CA LYS A 1692 12.46 -25.85 9.58
C LYS A 1692 13.10 -24.65 8.89
N ASN A 1693 14.42 -24.70 8.79
CA ASN A 1693 15.21 -23.67 8.12
C ASN A 1693 14.98 -22.29 8.73
N ALA A 1694 14.87 -22.24 10.05
CA ALA A 1694 14.74 -20.97 10.75
C ALA A 1694 16.02 -20.15 10.70
N ASP A 1695 17.14 -20.74 10.28
CA ASP A 1695 18.40 -20.02 10.19
C ASP A 1695 18.55 -19.23 8.91
N ASN A 1696 17.60 -19.33 7.97
CA ASN A 1696 17.69 -18.60 6.72
C ASN A 1696 16.39 -17.91 6.29
N ARG A 1697 15.25 -18.24 6.90
CA ARG A 1697 14.00 -17.58 6.55
C ARG A 1697 14.01 -16.14 7.05
N LEU A 1698 13.35 -15.26 6.30
CA LEU A 1698 13.24 -13.84 6.67
C LEU A 1698 11.79 -13.44 6.89
N ASP A 1699 11.02 -14.30 7.54
CA ASP A 1699 9.64 -13.98 7.90
C ASP A 1699 9.52 -13.38 9.29
N PHE A 1700 10.64 -13.16 9.97
CA PHE A 1700 10.63 -12.83 11.39
C PHE A 1700 10.23 -11.38 11.62
N LYS A 1701 9.80 -11.12 12.85
CA LYS A 1701 9.69 -9.78 13.41
C LYS A 1701 10.84 -9.56 14.39
N ILE A 1702 10.83 -8.41 15.06
CA ILE A 1702 11.79 -8.12 16.12
C ILE A 1702 11.04 -7.47 17.27
N CYS A 1703 11.27 -7.97 18.49
CA CYS A 1703 10.67 -7.37 19.67
C CYS A 1703 11.51 -6.19 20.14
N LEU A 1704 10.92 -5.00 20.10
CA LEU A 1704 11.66 -3.81 20.52
C LEU A 1704 11.79 -3.72 22.03
N THR A 1705 10.94 -4.44 22.78
CA THR A 1705 11.01 -4.38 24.23
C THR A 1705 12.20 -5.17 24.77
N CYS A 1706 12.49 -6.34 24.18
CA CYS A 1706 13.51 -7.23 24.70
C CYS A 1706 14.55 -7.67 23.68
N GLY A 1707 14.36 -7.38 22.39
CA GLY A 1707 15.34 -7.77 21.39
C GLY A 1707 15.25 -9.20 20.92
N VAL A 1708 14.29 -9.98 21.43
CA VAL A 1708 14.16 -11.38 21.05
C VAL A 1708 13.44 -11.46 19.71
N LYS A 1709 14.15 -11.92 18.68
CA LYS A 1709 13.57 -12.05 17.36
C LYS A 1709 12.49 -13.13 17.35
N VAL A 1710 11.33 -12.81 16.81
CA VAL A 1710 10.19 -13.71 16.76
C VAL A 1710 9.99 -14.15 15.32
N HIS A 1711 10.10 -15.45 15.07
CA HIS A 1711 9.89 -15.99 13.74
C HIS A 1711 8.41 -16.19 13.47
N LEU A 1712 7.97 -15.74 12.30
CA LEU A 1712 6.60 -15.93 11.84
C LEU A 1712 6.59 -17.14 10.91
N ARG A 1713 6.01 -18.25 11.38
CA ARG A 1713 5.90 -19.46 10.60
C ARG A 1713 4.54 -19.62 9.94
N ALA A 1714 3.77 -18.52 9.84
CA ALA A 1714 2.45 -18.54 9.23
C ALA A 1714 1.52 -19.53 9.91
N ASP A 1715 1.65 -19.65 11.23
CA ASP A 1715 0.81 -20.56 12.00
C ASP A 1715 0.61 -20.01 13.40
N ARG A 1716 -0.49 -20.42 14.02
CA ARG A 1716 -0.80 -20.07 15.42
C ARG A 1716 -0.88 -18.56 15.61
N HIS A 1717 -1.85 -17.95 14.95
CA HIS A 1717 -2.16 -16.52 15.09
C HIS A 1717 -0.92 -15.66 14.78
N GLU A 1718 -0.16 -16.06 13.77
CA GLU A 1718 1.02 -15.33 13.32
C GLU A 1718 2.04 -15.13 14.43
N MET A 1719 2.11 -16.09 15.35
CA MET A 1719 3.03 -16.06 16.49
C MET A 1719 2.85 -14.79 17.33
N THR A 1720 1.66 -14.66 17.90
CA THR A 1720 1.38 -13.68 18.94
C THR A 1720 1.70 -14.23 20.32
N LYS A 1721 2.20 -15.46 20.41
CA LYS A 1721 2.50 -16.09 21.69
C LYS A 1721 3.60 -15.37 22.45
N HIS A 1722 4.42 -14.56 21.76
CA HIS A 1722 5.53 -13.89 22.44
C HIS A 1722 5.05 -12.95 23.54
N LEU A 1723 3.81 -12.50 23.49
CA LEU A 1723 3.27 -11.70 24.60
C LEU A 1723 2.94 -12.57 25.80
N ASN A 1724 2.36 -13.75 25.56
CA ASN A 1724 1.90 -14.59 26.67
C ASN A 1724 3.05 -15.17 27.48
N LYS A 1725 4.25 -15.24 26.91
CA LYS A 1725 5.40 -15.78 27.64
C LYS A 1725 6.67 -15.23 27.00
N ASN A 1726 7.76 -15.30 27.77
CA ASN A 1726 9.10 -14.89 27.37
C ASN A 1726 9.23 -13.40 27.09
N CYS A 1727 8.26 -12.59 27.50
CA CYS A 1727 8.33 -11.14 27.29
C CYS A 1727 7.24 -10.49 28.14
N PHE A 1728 7.18 -9.16 28.06
CA PHE A 1728 6.18 -8.39 28.79
C PHE A 1728 4.81 -8.63 28.17
N LYS A 1729 3.85 -9.01 29.01
CA LYS A 1729 2.55 -9.47 28.52
C LYS A 1729 1.59 -8.35 28.12
N PRO A 1730 1.37 -7.32 28.95
CA PRO A 1730 0.30 -6.36 28.62
C PRO A 1730 0.41 -5.71 27.25
N PHE A 1731 1.61 -5.35 26.81
CA PHE A 1731 1.76 -4.76 25.48
C PHE A 1731 3.20 -4.87 25.02
N GLY A 1732 3.40 -4.65 23.73
CA GLY A 1732 4.73 -4.69 23.15
C GLY A 1732 4.70 -4.16 21.74
N ALA A 1733 5.88 -3.76 21.27
CA ALA A 1733 6.05 -3.21 19.93
C ALA A 1733 7.00 -4.11 19.15
N PHE A 1734 6.53 -4.61 18.01
CA PHE A 1734 7.32 -5.47 17.15
C PHE A 1734 7.62 -4.78 15.84
N LEU A 1735 8.86 -4.90 15.38
CA LEU A 1735 9.32 -4.28 14.15
C LEU A 1735 9.33 -5.32 13.03
N MET A 1736 8.78 -4.95 11.87
CA MET A 1736 8.85 -5.81 10.68
C MET A 1736 9.77 -5.18 9.66
N PRO A 1737 10.99 -5.68 9.48
CA PRO A 1737 11.91 -5.09 8.50
C PRO A 1737 11.41 -5.16 7.07
N ASN A 1738 10.67 -6.21 6.71
CA ASN A 1738 10.23 -6.36 5.32
C ASN A 1738 9.31 -5.23 4.90
N SER A 1739 8.29 -4.95 5.71
CA SER A 1739 7.34 -3.88 5.40
C SER A 1739 7.76 -2.54 5.98
N SER A 1740 8.85 -2.49 6.74
CA SER A 1740 9.36 -1.25 7.33
C SER A 1740 8.29 -0.55 8.16
N GLU A 1741 7.51 -1.34 8.90
CA GLU A 1741 6.50 -0.79 9.78
C GLU A 1741 6.51 -1.54 11.10
N VAL A 1742 6.37 -0.79 12.19
CA VAL A 1742 6.33 -1.33 13.55
C VAL A 1742 4.88 -1.50 13.98
N CYS A 1743 4.58 -2.62 14.61
CA CYS A 1743 3.23 -2.94 15.05
C CYS A 1743 3.14 -2.90 16.56
N LEU A 1744 2.02 -2.40 17.07
CA LEU A 1744 1.77 -2.28 18.50
C LEU A 1744 0.63 -3.23 18.87
N HIS A 1745 0.84 -4.04 19.90
CA HIS A 1745 -0.13 -5.01 20.36
C HIS A 1745 -0.54 -4.70 21.79
N LEU A 1746 -1.84 -4.66 22.05
CA LEU A 1746 -2.39 -4.57 23.39
C LEU A 1746 -3.15 -5.86 23.67
N THR A 1747 -2.73 -6.59 24.70
CA THR A 1747 -3.19 -7.97 24.86
C THR A 1747 -4.53 -8.08 25.57
N GLN A 1748 -4.99 -7.02 26.26
CA GLN A 1748 -6.27 -7.12 26.95
C GLN A 1748 -7.41 -7.39 25.97
N PRO A 1749 -7.54 -6.68 24.85
CA PRO A 1749 -8.32 -7.19 23.75
C PRO A 1749 -7.41 -7.89 22.74
N PRO A 1750 -7.98 -8.52 21.71
CA PRO A 1750 -7.14 -9.06 20.63
C PRO A 1750 -6.63 -8.02 19.65
N SER A 1751 -6.69 -6.73 19.98
CA SER A 1751 -6.43 -5.68 19.01
C SER A 1751 -4.93 -5.43 18.83
N ASN A 1752 -4.57 -4.95 17.64
CA ASN A 1752 -3.22 -4.48 17.33
C ASN A 1752 -3.31 -3.55 16.14
N ILE A 1753 -2.29 -2.71 15.99
CA ILE A 1753 -2.25 -1.73 14.90
C ILE A 1753 -0.88 -1.76 14.25
N PHE A 1754 -0.81 -1.17 13.06
CA PHE A 1754 0.45 -1.01 12.33
C PHE A 1754 0.71 0.48 12.14
N ILE A 1755 1.93 0.91 12.42
CA ILE A 1755 2.36 2.28 12.17
C ILE A 1755 3.72 2.24 11.50
N SER A 1756 4.06 3.33 10.82
CA SER A 1756 5.33 3.40 10.12
C SER A 1756 6.50 3.29 11.08
N ALA A 1757 7.47 2.44 10.74
CA ALA A 1757 8.64 2.28 11.57
C ALA A 1757 9.48 3.55 11.51
N PRO A 1758 10.21 3.87 12.59
CA PRO A 1758 11.01 5.10 12.61
C PRO A 1758 12.21 5.04 11.69
N TYR A 1759 11.99 4.67 10.44
CA TYR A 1759 13.05 4.52 9.45
C TYR A 1759 12.69 5.38 8.24
N LEU A 1760 13.64 6.18 7.78
CA LEU A 1760 13.39 7.13 6.71
C LEU A 1760 14.17 6.72 5.47
N ASN A 1761 13.45 6.56 4.36
CA ASN A 1761 14.02 6.06 3.12
C ASN A 1761 15.00 7.08 2.54
N SER A 1762 15.84 6.62 1.61
CA SER A 1762 16.80 7.51 0.95
C SER A 1762 16.07 8.62 0.21
N HIS A 1763 15.12 8.26 -0.65
CA HIS A 1763 14.14 9.20 -1.13
C HIS A 1763 13.05 9.30 -0.07
N GLY A 1764 12.68 10.53 0.30
CA GLY A 1764 11.86 10.68 1.49
C GLY A 1764 10.56 9.92 1.42
N GLU A 1765 10.52 8.79 2.11
CA GLU A 1765 9.35 7.90 2.15
C GLU A 1765 9.40 7.14 3.47
N VAL A 1766 8.21 6.78 3.97
CA VAL A 1766 8.08 5.96 5.16
C VAL A 1766 7.03 4.90 4.88
N GLY A 1767 6.84 4.01 5.86
CA GLY A 1767 5.87 2.97 5.66
C GLY A 1767 6.36 1.91 4.68
N ARG A 1768 5.41 1.12 4.18
CA ARG A 1768 5.76 0.02 3.28
C ARG A 1768 6.34 0.52 1.97
N ASN A 1769 6.00 1.74 1.55
CA ASN A 1769 6.55 2.28 0.32
C ASN A 1769 8.06 2.49 0.40
N ALA A 1770 8.61 2.59 1.61
CA ALA A 1770 10.03 2.84 1.76
C ALA A 1770 10.85 1.62 1.36
N MET A 1771 10.47 0.44 1.84
CA MET A 1771 11.26 -0.76 1.58
C MET A 1771 11.08 -1.27 0.15
N ARG A 1772 9.92 -1.05 -0.45
CA ARG A 1772 9.73 -1.43 -1.85
C ARG A 1772 10.71 -0.66 -2.73
N ARG A 1773 11.12 -1.32 -3.81
CA ARG A 1773 12.18 -0.88 -4.72
C ARG A 1773 13.56 -0.95 -4.08
N GLY A 1774 13.66 -1.41 -2.83
CA GLY A 1774 14.96 -1.69 -2.23
C GLY A 1774 15.88 -0.49 -2.07
N ASP A 1775 15.35 0.62 -1.59
CA ASP A 1775 16.16 1.80 -1.34
C ASP A 1775 16.79 1.73 0.05
N LEU A 1776 17.91 2.43 0.20
CA LEU A 1776 18.56 2.53 1.50
C LEU A 1776 17.62 3.21 2.49
N THR A 1777 17.47 2.61 3.66
CA THR A 1777 16.48 3.04 4.64
C THR A 1777 17.19 3.38 5.96
N THR A 1778 17.59 4.64 6.11
CA THR A 1778 18.31 5.07 7.29
C THR A 1778 17.35 5.28 8.46
N LEU A 1779 17.93 5.58 9.61
CA LEU A 1779 17.20 5.74 10.86
C LEU A 1779 17.02 7.21 11.19
N ASN A 1780 15.79 7.58 11.57
CA ASN A 1780 15.47 8.93 12.01
C ASN A 1780 15.37 8.93 13.53
N LEU A 1781 16.27 9.65 14.20
CA LEU A 1781 16.33 9.60 15.65
C LEU A 1781 15.08 10.17 16.30
N LYS A 1782 14.54 11.27 15.76
CA LYS A 1782 13.42 11.93 16.40
C LYS A 1782 12.17 11.04 16.41
N ARG A 1783 11.90 10.35 15.31
CA ARG A 1783 10.74 9.47 15.26
C ARG A 1783 10.89 8.32 16.26
N TYR A 1784 12.10 7.77 16.37
CA TYR A 1784 12.31 6.68 17.31
C TYR A 1784 12.18 7.17 18.75
N GLU A 1785 12.64 8.38 19.02
CA GLU A 1785 12.46 8.96 20.34
C GLU A 1785 10.99 9.19 20.66
N HIS A 1786 10.21 9.62 19.66
CA HIS A 1786 8.78 9.74 19.86
C HIS A 1786 8.14 8.39 20.17
N LEU A 1787 8.57 7.35 19.47
CA LEU A 1787 8.08 6.00 19.78
C LEU A 1787 8.43 5.59 21.20
N ASN A 1788 9.67 5.87 21.62
CA ASN A 1788 10.08 5.53 22.97
C ASN A 1788 9.26 6.28 24.01
N ARG A 1789 9.01 7.57 23.77
CA ARG A 1789 8.21 8.35 24.70
C ARG A 1789 6.76 7.90 24.72
N LEU A 1790 6.27 7.37 23.60
CA LEU A 1790 4.93 6.79 23.60
C LEU A 1790 4.90 5.50 24.42
N TRP A 1791 5.94 4.68 24.30
CA TRP A 1791 5.94 3.40 24.99
C TRP A 1791 6.14 3.56 26.50
N ILE A 1792 7.09 4.42 26.90
CA ILE A 1792 7.46 4.51 28.31
C ILE A 1792 6.29 4.99 29.15
N ASN A 1793 5.59 6.01 28.68
CA ASN A 1793 4.51 6.61 29.45
C ASN A 1793 3.22 5.80 29.41
N ASN A 1794 3.30 4.53 28.99
CA ASN A 1794 2.15 3.63 28.96
C ASN A 1794 1.02 4.16 28.07
N GLU A 1795 1.37 5.01 27.12
CA GLU A 1795 0.38 5.53 26.19
C GLU A 1795 0.09 4.58 25.04
N ILE A 1796 0.83 3.48 24.94
CA ILE A 1796 0.61 2.53 23.84
C ILE A 1796 -0.81 1.97 23.85
N PRO A 1797 -1.35 1.48 24.97
CA PRO A 1797 -2.76 1.07 24.94
C PRO A 1797 -3.71 2.21 24.58
N GLY A 1798 -3.44 3.42 25.09
CA GLY A 1798 -4.25 4.56 24.71
C GLY A 1798 -4.13 4.88 23.22
N TYR A 1799 -2.90 4.83 22.69
CA TYR A 1799 -2.70 5.08 21.27
C TYR A 1799 -3.48 4.06 20.42
N ILE A 1800 -3.38 2.78 20.79
CA ILE A 1800 -4.07 1.73 20.04
C ILE A 1800 -5.58 1.94 20.12
N SER A 1801 -6.09 2.26 21.31
CA SER A 1801 -7.52 2.49 21.44
C SER A 1801 -7.98 3.69 20.62
N ARG A 1802 -7.15 4.74 20.55
CA ARG A 1802 -7.54 5.94 19.82
C ARG A 1802 -7.48 5.72 18.31
N VAL A 1803 -6.57 4.86 17.83
CA VAL A 1803 -6.43 4.68 16.39
C VAL A 1803 -7.69 4.09 15.78
N MET A 1804 -8.22 3.00 16.36
CA MET A 1804 -9.41 2.37 15.79
C MET A 1804 -10.62 3.28 15.88
N GLY A 1805 -10.82 3.93 17.03
CA GLY A 1805 -12.02 4.72 17.24
C GLY A 1805 -13.26 3.84 17.34
N ASP A 1806 -14.10 3.87 16.31
CA ASP A 1806 -15.33 3.08 16.34
C ASP A 1806 -15.08 1.59 16.20
N GLU A 1807 -13.90 1.19 15.71
CA GLU A 1807 -13.63 -0.23 15.54
C GLU A 1807 -13.37 -0.93 16.87
N PHE A 1808 -12.81 -0.21 17.85
CA PHE A 1808 -12.50 -0.80 19.15
C PHE A 1808 -13.73 -1.24 19.92
N ARG A 1809 -14.93 -0.80 19.51
CA ARG A 1809 -16.15 -1.18 20.22
C ARG A 1809 -16.44 -2.66 20.11
N VAL A 1810 -16.08 -3.28 18.98
CA VAL A 1810 -16.40 -4.69 18.77
C VAL A 1810 -15.64 -5.57 19.75
N THR A 1811 -14.51 -5.08 20.29
CA THR A 1811 -13.77 -5.85 21.29
C THR A 1811 -14.59 -6.03 22.56
N ILE A 1812 -15.31 -4.98 22.96
CA ILE A 1812 -16.11 -5.05 24.18
C ILE A 1812 -17.59 -4.95 23.84
N MET B 1 -36.50 14.86 -17.43
CA MET B 1 -35.41 14.97 -16.46
C MET B 1 -35.03 13.59 -15.94
N GLN B 2 -33.90 13.06 -16.44
CA GLN B 2 -33.49 11.70 -16.17
C GLN B 2 -32.32 11.69 -15.18
N ILE B 3 -32.48 10.92 -14.11
CA ILE B 3 -31.42 10.67 -13.15
C ILE B 3 -31.30 9.16 -12.97
N PHE B 4 -30.06 8.67 -12.92
CA PHE B 4 -29.79 7.24 -12.83
C PHE B 4 -29.54 6.86 -11.37
N VAL B 5 -30.21 5.82 -10.92
CA VAL B 5 -30.09 5.34 -9.55
C VAL B 5 -29.47 3.94 -9.59
N LYS B 6 -28.35 3.77 -8.90
CA LYS B 6 -27.62 2.51 -8.87
C LYS B 6 -27.99 1.74 -7.61
N THR B 7 -28.48 0.53 -7.79
CA THR B 7 -28.89 -0.31 -6.66
C THR B 7 -27.69 -1.02 -6.06
N LEU B 8 -27.96 -1.87 -5.07
CA LEU B 8 -26.88 -2.60 -4.40
C LEU B 8 -26.21 -3.60 -5.34
N THR B 9 -27.00 -4.32 -6.14
CA THR B 9 -26.44 -5.35 -7.01
C THR B 9 -25.52 -4.74 -8.06
N GLY B 10 -25.92 -3.61 -8.64
CA GLY B 10 -25.15 -2.99 -9.70
C GLY B 10 -26.05 -2.48 -10.81
N LYS B 11 -27.28 -2.98 -10.85
CA LYS B 11 -28.24 -2.53 -11.84
C LYS B 11 -28.63 -1.08 -11.60
N THR B 12 -28.87 -0.36 -12.69
CA THR B 12 -29.16 1.07 -12.65
C THR B 12 -30.52 1.34 -13.24
N ILE B 13 -31.26 2.25 -12.61
CA ILE B 13 -32.62 2.60 -13.02
C ILE B 13 -32.66 4.08 -13.35
N THR B 14 -33.22 4.42 -14.50
CA THR B 14 -33.40 5.80 -14.92
C THR B 14 -34.81 6.25 -14.57
N LEU B 15 -34.93 7.46 -14.04
CA LEU B 15 -36.20 8.01 -13.61
C LEU B 15 -36.45 9.35 -14.29
N GLU B 16 -37.62 9.49 -14.92
CA GLU B 16 -38.03 10.76 -15.51
C GLU B 16 -38.81 11.56 -14.44
N VAL B 17 -38.05 12.05 -13.47
CA VAL B 17 -38.61 12.73 -12.31
C VAL B 17 -38.30 14.22 -12.40
N GLU B 18 -39.32 15.05 -12.20
CA GLU B 18 -39.16 16.49 -12.23
C GLU B 18 -38.43 17.00 -10.99
N PRO B 19 -37.67 18.08 -11.11
CA PRO B 19 -36.95 18.60 -9.94
C PRO B 19 -37.86 19.00 -8.79
N SER B 20 -39.09 19.42 -9.09
CA SER B 20 -40.02 19.85 -8.06
C SER B 20 -40.50 18.70 -7.17
N ASP B 21 -40.25 17.46 -7.56
CA ASP B 21 -40.69 16.33 -6.77
C ASP B 21 -39.81 16.15 -5.53
N THR B 22 -40.28 15.32 -4.61
CA THR B 22 -39.62 15.07 -3.35
C THR B 22 -38.82 13.78 -3.40
N ILE B 23 -37.90 13.64 -2.43
CA ILE B 23 -37.11 12.41 -2.34
C ILE B 23 -38.01 11.22 -2.04
N GLU B 24 -39.00 11.42 -1.16
CA GLU B 24 -39.98 10.35 -0.92
C GLU B 24 -40.73 10.01 -2.19
N ASN B 25 -40.98 10.99 -3.07
CA ASN B 25 -41.63 10.69 -4.34
C ASN B 25 -40.70 9.88 -5.24
N VAL B 26 -39.40 10.16 -5.19
CA VAL B 26 -38.43 9.35 -5.94
C VAL B 26 -38.44 7.92 -5.43
N LYS B 27 -38.48 7.74 -4.10
CA LYS B 27 -38.57 6.40 -3.55
C LYS B 27 -39.86 5.70 -3.96
N ALA B 28 -40.96 6.45 -4.00
CA ALA B 28 -42.23 5.88 -4.45
C ALA B 28 -42.16 5.44 -5.90
N LYS B 29 -41.52 6.26 -6.76
CA LYS B 29 -41.35 5.88 -8.16
C LYS B 29 -40.49 4.62 -8.29
N ILE B 30 -39.40 4.56 -7.51
CA ILE B 30 -38.53 3.38 -7.54
C ILE B 30 -39.32 2.14 -7.12
N GLN B 31 -40.10 2.25 -6.06
CA GLN B 31 -40.93 1.12 -5.63
C GLN B 31 -41.93 0.73 -6.70
N ASP B 32 -42.58 1.72 -7.32
CA ASP B 32 -43.58 1.42 -8.34
C ASP B 32 -42.96 0.70 -9.53
N LYS B 33 -41.73 1.06 -9.88
CA LYS B 33 -41.07 0.45 -11.02
C LYS B 33 -40.45 -0.90 -10.70
N GLU B 34 -40.01 -1.13 -9.47
CA GLU B 34 -39.30 -2.36 -9.12
C GLU B 34 -39.90 -3.15 -7.96
N GLY B 35 -40.89 -2.61 -7.26
CA GLY B 35 -41.44 -3.31 -6.11
C GLY B 35 -40.47 -3.47 -4.96
N ILE B 36 -39.62 -2.46 -4.73
CA ILE B 36 -38.65 -2.49 -3.65
C ILE B 36 -39.24 -1.71 -2.47
N PRO B 37 -39.05 -2.15 -1.24
CA PRO B 37 -39.58 -1.41 -0.09
C PRO B 37 -38.82 -0.12 0.13
N PRO B 38 -39.48 1.04 -0.02
CA PRO B 38 -38.79 2.32 0.20
C PRO B 38 -38.28 2.50 1.62
N ASP B 39 -38.92 1.87 2.60
CA ASP B 39 -38.50 2.04 3.99
C ASP B 39 -37.10 1.50 4.21
N GLN B 40 -36.78 0.35 3.62
CA GLN B 40 -35.46 -0.24 3.81
C GLN B 40 -34.38 0.57 3.10
N GLN B 41 -34.66 1.06 1.89
CA GLN B 41 -33.66 1.77 1.11
C GLN B 41 -33.41 3.16 1.69
N ARG B 42 -32.20 3.68 1.43
CA ARG B 42 -31.81 5.00 1.87
C ARG B 42 -31.00 5.64 0.74
N LEU B 43 -31.68 6.43 -0.08
CA LEU B 43 -31.02 7.07 -1.22
C LEU B 43 -29.98 8.06 -0.71
N ILE B 44 -28.73 7.89 -1.14
CA ILE B 44 -27.63 8.74 -0.71
C ILE B 44 -26.94 9.30 -1.94
N PHE B 45 -26.76 10.61 -1.96
CA PHE B 45 -26.20 11.33 -3.11
C PHE B 45 -24.76 11.72 -2.81
N ALA B 46 -23.81 10.95 -3.35
CA ALA B 46 -22.39 11.25 -3.24
C ALA B 46 -21.94 11.41 -1.80
N GLY B 47 -22.45 10.53 -0.93
CA GLY B 47 -22.05 10.53 0.46
C GLY B 47 -22.93 11.32 1.39
N CYS B 48 -24.04 11.88 0.92
CA CYS B 48 -24.97 12.64 1.75
C CYS B 48 -26.34 11.98 1.70
N GLN B 49 -26.90 11.74 2.88
CA GLN B 49 -28.25 11.20 2.96
C GLN B 49 -29.26 12.23 2.46
N LEU B 50 -30.33 11.74 1.84
CA LEU B 50 -31.37 12.59 1.28
C LEU B 50 -32.60 12.52 2.17
N GLU B 51 -33.14 13.68 2.53
CA GLU B 51 -34.31 13.76 3.39
C GLU B 51 -35.58 13.74 2.56
N ASP B 52 -36.52 12.88 2.96
CA ASP B 52 -37.77 12.74 2.23
C ASP B 52 -38.58 14.03 2.21
N GLY B 53 -38.41 14.88 3.23
CA GLY B 53 -39.13 16.14 3.25
C GLY B 53 -38.67 17.09 2.17
N ARG B 54 -37.36 17.16 1.93
CA ARG B 54 -36.83 18.10 0.95
C ARG B 54 -37.10 17.62 -0.47
N THR B 55 -36.95 18.54 -1.42
CA THR B 55 -37.16 18.25 -2.83
C THR B 55 -35.83 18.08 -3.54
N LEU B 56 -35.91 17.63 -4.79
CA LEU B 56 -34.70 17.49 -5.61
C LEU B 56 -34.05 18.84 -5.84
N SER B 57 -34.85 19.87 -6.11
CA SER B 57 -34.30 21.21 -6.30
C SER B 57 -33.64 21.72 -5.04
N ASP B 58 -34.11 21.28 -3.86
CA ASP B 58 -33.47 21.69 -2.61
C ASP B 58 -32.03 21.20 -2.56
N TYR B 59 -31.78 19.97 -2.97
CA TYR B 59 -30.42 19.48 -3.12
C TYR B 59 -29.78 19.92 -4.42
N ASN B 60 -30.56 20.53 -5.32
CA ASN B 60 -30.07 21.07 -6.59
C ASN B 60 -29.51 19.95 -7.47
N ILE B 61 -30.29 18.87 -7.58
CA ILE B 61 -29.97 17.74 -8.43
C ILE B 61 -30.61 17.95 -9.79
N GLN B 62 -29.82 17.84 -10.85
CA GLN B 62 -30.34 18.12 -12.19
C GLN B 62 -29.56 17.32 -13.21
N LYS B 63 -30.19 17.13 -14.37
CA LYS B 63 -29.60 16.55 -15.59
C LYS B 63 -29.13 15.13 -15.19
N GLU B 64 -28.09 14.57 -15.81
CA GLU B 64 -27.68 13.23 -15.39
C GLU B 64 -27.03 13.31 -14.00
N SER B 65 -27.35 12.31 -13.18
CA SER B 65 -26.79 12.23 -11.83
C SER B 65 -26.91 10.81 -11.34
N THR B 66 -25.86 10.31 -10.69
CA THR B 66 -25.82 8.95 -10.17
C THR B 66 -26.14 8.97 -8.69
N LEU B 67 -27.21 8.27 -8.30
CA LEU B 67 -27.68 8.24 -6.92
C LEU B 67 -27.63 6.79 -6.43
N HIS B 68 -26.59 6.46 -5.67
CA HIS B 68 -26.48 5.10 -5.14
C HIS B 68 -27.61 4.83 -4.16
N LEU B 69 -28.24 3.67 -4.31
CA LEU B 69 -29.36 3.26 -3.48
C LEU B 69 -28.95 2.07 -2.63
N VAL B 70 -28.88 2.26 -1.32
CA VAL B 70 -28.48 1.23 -0.38
C VAL B 70 -29.68 0.84 0.47
N LEU B 71 -30.00 -0.44 0.49
CA LEU B 71 -31.12 -0.94 1.29
C LEU B 71 -30.79 -0.92 2.77
N THR C 3 -34.88 30.58 32.74
CA THR C 3 -34.60 29.63 31.66
C THR C 3 -33.09 29.56 31.40
N PRO C 4 -32.52 28.35 31.49
CA PRO C 4 -31.08 28.22 31.26
C PRO C 4 -30.64 28.64 29.87
N ALA C 5 -31.47 28.42 28.85
CA ALA C 5 -31.12 28.83 27.50
C ALA C 5 -30.98 30.34 27.40
N ARG C 6 -31.86 31.09 28.06
CA ARG C 6 -31.78 32.54 28.01
C ARG C 6 -30.46 33.03 28.59
N ARG C 7 -30.04 32.48 29.74
CA ARG C 7 -28.75 32.87 30.31
C ARG C 7 -27.60 32.43 29.42
N ARG C 8 -27.75 31.28 28.75
CA ARG C 8 -26.74 30.82 27.81
C ARG C 8 -26.54 31.85 26.69
N LEU C 9 -27.64 32.28 26.06
CA LEU C 9 -27.53 33.32 25.04
C LEU C 9 -27.02 34.63 25.62
N MET C 10 -27.36 34.94 26.87
CA MET C 10 -26.89 36.20 27.46
C MET C 10 -25.38 36.21 27.60
N ARG C 11 -24.78 35.14 28.11
CA ARG C 11 -23.32 35.21 28.24
C ARG C 11 -22.64 34.94 26.89
N ASP C 12 -23.33 34.33 25.94
CA ASP C 12 -22.83 34.32 24.56
C ASP C 12 -22.74 35.74 24.02
N PHE C 13 -23.78 36.55 24.26
CA PHE C 13 -23.77 37.94 23.82
C PHE C 13 -22.69 38.73 24.55
N LYS C 14 -22.48 38.44 25.84
CA LYS C 14 -21.40 39.09 26.56
C LYS C 14 -20.05 38.77 25.93
N ARG C 15 -19.84 37.49 25.58
CA ARG C 15 -18.60 37.09 24.93
C ARG C 15 -18.43 37.82 23.60
N MET C 16 -19.50 37.92 22.82
CA MET C 16 -19.42 38.62 21.54
C MET C 16 -19.11 40.10 21.72
N LYS C 17 -19.77 40.76 22.67
CA LYS C 17 -19.56 42.18 22.88
C LYS C 17 -18.14 42.46 23.36
N GLU C 18 -17.61 41.57 24.21
CA GLU C 18 -16.24 41.75 24.66
C GLU C 18 -15.24 41.48 23.53
N ASP C 19 -15.24 40.26 23.01
CA ASP C 19 -14.30 39.85 21.98
C ASP C 19 -15.04 39.12 20.87
N ALA C 20 -14.93 39.63 19.65
CA ALA C 20 -15.54 39.01 18.49
C ALA C 20 -14.45 38.48 17.56
N PRO C 21 -14.56 37.25 17.08
CA PRO C 21 -13.53 36.74 16.17
C PRO C 21 -13.49 37.56 14.90
N PRO C 22 -12.31 37.72 14.30
CA PRO C 22 -12.19 38.57 13.11
C PRO C 22 -13.09 38.10 11.98
N GLY C 23 -13.73 39.05 11.33
CA GLY C 23 -14.62 38.74 10.23
C GLY C 23 -15.97 38.18 10.61
N VAL C 24 -16.30 38.15 11.90
CA VAL C 24 -17.55 37.57 12.38
C VAL C 24 -18.21 38.55 13.33
N SER C 25 -19.52 38.72 13.19
CA SER C 25 -20.28 39.57 14.10
C SER C 25 -21.72 39.07 14.14
N ALA C 26 -22.36 39.25 15.30
CA ALA C 26 -23.72 38.77 15.49
C ALA C 26 -24.42 39.62 16.54
N SER C 27 -25.75 39.54 16.53
CA SER C 27 -26.59 40.27 17.48
C SER C 27 -28.00 39.70 17.48
N PRO C 28 -28.61 39.50 18.64
CA PRO C 28 -29.99 39.01 18.67
C PRO C 28 -31.01 40.13 18.49
N LEU C 29 -32.29 39.80 18.61
CA LEU C 29 -33.35 40.78 18.43
C LEU C 29 -34.04 41.07 19.76
N PRO C 30 -34.52 42.30 19.96
CA PRO C 30 -35.09 42.67 21.26
C PRO C 30 -36.36 41.90 21.60
N ASP C 31 -37.32 41.86 20.66
CA ASP C 31 -38.58 41.17 20.92
C ASP C 31 -38.35 39.69 21.18
N ASN C 32 -37.49 39.06 20.39
CA ASN C 32 -37.13 37.66 20.56
C ASN C 32 -35.61 37.55 20.51
N VAL C 33 -35.00 37.34 21.68
CA VAL C 33 -33.55 37.13 21.74
C VAL C 33 -33.19 35.79 21.10
N MET C 34 -34.17 34.90 20.92
CA MET C 34 -33.90 33.57 20.38
C MET C 34 -33.37 33.67 18.95
N VAL C 35 -33.97 34.54 18.13
CA VAL C 35 -33.51 34.73 16.77
C VAL C 35 -32.27 35.63 16.78
N TRP C 36 -31.45 35.51 15.74
CA TRP C 36 -30.20 36.25 15.66
C TRP C 36 -29.97 36.72 14.23
N ASN C 37 -29.09 37.70 14.09
CA ASN C 37 -28.59 38.14 12.80
C ASN C 37 -27.07 38.11 12.86
N ALA C 38 -26.45 37.39 11.93
CA ALA C 38 -25.03 37.12 11.98
C ALA C 38 -24.36 37.55 10.67
N MET C 39 -23.09 37.93 10.79
CA MET C 39 -22.29 38.39 9.67
C MET C 39 -21.05 37.51 9.53
N ILE C 40 -20.64 37.28 8.28
CA ILE C 40 -19.43 36.53 7.98
C ILE C 40 -18.71 37.21 6.83
N ILE C 41 -17.42 37.46 7.00
CA ILE C 41 -16.56 37.99 5.94
C ILE C 41 -15.70 36.86 5.42
N GLY C 42 -15.70 36.67 4.10
CA GLY C 42 -14.83 35.72 3.47
C GLY C 42 -13.37 36.04 3.74
N PRO C 43 -12.57 35.02 3.99
CA PRO C 43 -11.16 35.24 4.33
C PRO C 43 -10.40 35.87 3.18
N ALA C 44 -9.15 36.23 3.46
CA ALA C 44 -8.38 37.06 2.53
C ALA C 44 -8.01 36.31 1.26
N ASP C 45 -7.50 35.09 1.40
CA ASP C 45 -6.99 34.35 0.26
C ASP C 45 -8.05 33.50 -0.43
N THR C 46 -9.24 33.39 0.15
CA THR C 46 -10.30 32.57 -0.41
C THR C 46 -10.92 33.23 -1.63
N PRO C 47 -11.64 32.45 -2.46
CA PRO C 47 -12.41 33.07 -3.55
C PRO C 47 -13.49 34.01 -3.05
N TYR C 48 -13.90 33.92 -1.79
CA TYR C 48 -14.93 34.77 -1.21
C TYR C 48 -14.36 36.05 -0.60
N GLU C 49 -13.22 36.52 -1.12
CA GLU C 49 -12.53 37.65 -0.52
C GLU C 49 -13.45 38.87 -0.44
N ASP C 50 -13.46 39.50 0.74
CA ASP C 50 -14.26 40.69 1.02
C ASP C 50 -15.75 40.46 0.84
N GLY C 51 -16.18 39.21 0.79
CA GLY C 51 -17.60 38.90 0.66
C GLY C 51 -18.29 38.84 2.01
N THR C 52 -19.30 39.68 2.20
CA THR C 52 -20.07 39.72 3.44
C THR C 52 -21.41 39.05 3.22
N PHE C 53 -21.71 38.06 4.05
CA PHE C 53 -22.92 37.26 3.89
C PHE C 53 -23.70 37.22 5.20
N ARG C 54 -24.97 37.53 5.12
CA ARG C 54 -25.84 37.54 6.29
C ARG C 54 -26.24 36.11 6.67
N LEU C 55 -26.52 35.91 7.96
CA LEU C 55 -27.00 34.64 8.46
C LEU C 55 -28.20 34.88 9.37
N LEU C 56 -29.06 33.87 9.46
CA LEU C 56 -30.24 33.93 10.31
C LEU C 56 -30.26 32.64 11.14
N LEU C 57 -30.40 32.78 12.45
CA LEU C 57 -30.33 31.66 13.38
C LEU C 57 -31.59 31.64 14.25
N GLU C 58 -32.54 30.77 13.90
CA GLU C 58 -33.70 30.53 14.74
C GLU C 58 -33.36 29.48 15.78
N PHE C 59 -33.39 29.86 17.04
CA PHE C 59 -32.95 28.99 18.13
C PHE C 59 -34.12 28.20 18.69
N ASP C 60 -33.93 26.89 18.80
CA ASP C 60 -34.89 26.05 19.51
C ASP C 60 -34.84 26.35 21.00
N GLU C 61 -35.93 26.04 21.69
CA GLU C 61 -36.02 26.36 23.12
C GLU C 61 -34.93 25.65 23.92
N GLU C 62 -34.68 24.38 23.60
CA GLU C 62 -33.64 23.61 24.29
C GLU C 62 -32.34 23.75 23.50
N TYR C 63 -31.75 24.93 23.58
CA TYR C 63 -30.47 25.18 22.93
C TYR C 63 -29.36 24.26 23.43
N PRO C 64 -29.22 23.98 24.74
CA PRO C 64 -28.18 23.01 25.15
C PRO C 64 -28.36 21.64 24.53
N ASN C 65 -29.61 21.19 24.35
CA ASN C 65 -29.84 19.87 23.78
C ASN C 65 -29.84 19.90 22.26
N LYS C 66 -30.49 20.90 21.66
CA LYS C 66 -30.64 20.98 20.22
C LYS C 66 -29.88 22.18 19.67
N PRO C 67 -29.05 21.99 18.65
CA PRO C 67 -28.38 23.13 18.04
C PRO C 67 -29.37 24.04 17.34
N PRO C 68 -29.06 25.32 17.19
CA PRO C 68 -30.01 26.24 16.55
C PRO C 68 -30.21 25.92 15.07
N HIS C 69 -31.41 26.20 14.59
CA HIS C 69 -31.71 26.06 13.17
C HIS C 69 -31.17 27.27 12.44
N VAL C 70 -30.27 27.04 11.48
CA VAL C 70 -29.51 28.09 10.83
C VAL C 70 -29.90 28.15 9.36
N LYS C 71 -30.09 29.37 8.85
CA LYS C 71 -30.40 29.59 7.45
C LYS C 71 -29.70 30.85 6.98
N PHE C 72 -29.12 30.79 5.79
CA PHE C 72 -28.50 31.98 5.21
C PHE C 72 -29.57 32.95 4.73
N LEU C 73 -29.27 34.24 4.84
CA LEU C 73 -30.17 35.29 4.37
C LEU C 73 -29.71 35.92 3.06
N SER C 74 -28.67 35.38 2.44
CA SER C 74 -28.19 35.85 1.16
C SER C 74 -27.90 34.67 0.26
N GLU C 75 -27.77 34.94 -1.04
CA GLU C 75 -27.53 33.88 -2.01
C GLU C 75 -26.15 33.27 -1.78
N MET C 76 -26.10 31.94 -1.70
CA MET C 76 -24.87 31.22 -1.42
C MET C 76 -24.66 30.12 -2.44
N PHE C 77 -23.43 29.99 -2.92
CA PHE C 77 -23.02 28.90 -3.80
C PHE C 77 -21.84 28.20 -3.13
N HIS C 78 -22.14 27.24 -2.25
CA HIS C 78 -21.13 26.48 -1.55
C HIS C 78 -21.54 25.02 -1.54
N PRO C 79 -20.60 24.10 -1.69
CA PRO C 79 -20.96 22.67 -1.69
C PRO C 79 -21.63 22.22 -0.41
N ASN C 80 -21.27 22.79 0.73
CA ASN C 80 -21.83 22.38 2.01
C ASN C 80 -23.07 23.16 2.40
N VAL C 81 -23.49 24.14 1.60
CA VAL C 81 -24.65 24.96 1.89
C VAL C 81 -25.79 24.56 0.96
N TYR C 82 -26.96 24.28 1.54
CA TYR C 82 -28.11 23.88 0.75
C TYR C 82 -28.53 25.00 -0.20
N ALA C 83 -29.36 24.64 -1.17
CA ALA C 83 -29.89 25.63 -2.10
C ALA C 83 -30.85 26.59 -1.43
N ASN C 84 -31.40 26.23 -0.28
CA ASN C 84 -32.24 27.12 0.50
C ASN C 84 -31.43 28.03 1.43
N GLY C 85 -30.11 27.89 1.44
CA GLY C 85 -29.28 28.61 2.37
C GLY C 85 -29.19 28.01 3.76
N GLU C 86 -29.83 26.85 3.98
CA GLU C 86 -29.88 26.22 5.29
C GLU C 86 -28.64 25.34 5.46
N ILE C 87 -27.58 25.92 6.01
CA ILE C 87 -26.43 25.10 6.39
C ILE C 87 -26.86 24.12 7.46
N CYS C 88 -26.53 22.85 7.27
CA CYS C 88 -27.01 21.78 8.13
C CYS C 88 -25.95 21.42 9.15
N LEU C 89 -26.37 21.27 10.41
CA LEU C 89 -25.52 20.80 11.49
C LEU C 89 -26.16 19.56 12.08
N ASP C 90 -25.39 18.47 12.18
CA ASP C 90 -25.92 17.22 12.70
C ASP C 90 -25.03 16.55 13.73
N ILE C 91 -23.77 16.98 13.89
CA ILE C 91 -22.94 16.45 14.95
C ILE C 91 -22.98 17.31 16.21
N LEU C 92 -23.54 18.52 16.13
CA LEU C 92 -23.73 19.36 17.30
C LEU C 92 -24.83 18.84 18.21
N GLN C 93 -25.67 17.91 17.74
CA GLN C 93 -26.74 17.32 18.52
C GLN C 93 -26.39 15.93 19.03
N ASN C 94 -25.12 15.55 18.98
CA ASN C 94 -24.72 14.21 19.37
C ASN C 94 -24.86 14.01 20.89
N ARG C 95 -24.51 12.81 21.35
CA ARG C 95 -24.66 12.49 22.76
C ARG C 95 -23.74 13.35 23.63
N TRP C 96 -22.50 13.54 23.19
CA TRP C 96 -21.51 14.32 23.93
C TRP C 96 -21.05 15.47 23.03
N THR C 97 -21.69 16.63 23.17
CA THR C 97 -21.19 17.69 22.31
C THR C 97 -20.11 18.49 23.02
N PRO C 98 -19.10 18.95 22.30
CA PRO C 98 -18.10 19.83 22.90
C PRO C 98 -18.71 21.16 23.28
N THR C 99 -18.06 21.83 24.24
CA THR C 99 -18.48 23.17 24.63
C THR C 99 -18.48 24.10 23.42
N TYR C 100 -19.66 24.63 23.10
CA TYR C 100 -19.83 25.47 21.91
C TYR C 100 -20.72 26.66 22.23
N ASP C 101 -20.46 27.77 21.53
CA ASP C 101 -21.32 28.93 21.56
C ASP C 101 -21.57 29.37 20.13
N VAL C 102 -22.35 30.43 19.96
CA VAL C 102 -22.70 30.88 18.61
C VAL C 102 -21.46 31.37 17.88
N ALA C 103 -20.54 32.02 18.60
CA ALA C 103 -19.30 32.45 17.97
C ALA C 103 -18.50 31.27 17.45
N SER C 104 -18.50 30.15 18.17
CA SER C 104 -17.77 28.97 17.73
C SER C 104 -18.33 28.43 16.41
N ILE C 105 -19.66 28.33 16.31
CA ILE C 105 -20.24 27.78 15.08
C ILE C 105 -20.07 28.78 13.94
N LEU C 106 -20.14 30.07 14.22
CA LEU C 106 -19.90 31.05 13.17
C LEU C 106 -18.47 30.97 12.64
N THR C 107 -17.49 30.80 13.54
CA THR C 107 -16.12 30.60 13.10
C THR C 107 -15.96 29.29 12.34
N SER C 108 -16.71 28.26 12.72
CA SER C 108 -16.67 27.01 11.97
C SER C 108 -17.17 27.22 10.55
N ILE C 109 -18.25 27.97 10.38
CA ILE C 109 -18.77 28.27 9.04
C ILE C 109 -17.74 29.08 8.26
N GLN C 110 -17.12 30.07 8.90
CA GLN C 110 -16.12 30.87 8.22
C GLN C 110 -14.94 30.02 7.77
N SER C 111 -14.51 29.07 8.60
CA SER C 111 -13.45 28.15 8.21
C SER C 111 -13.89 27.29 7.04
N LEU C 112 -15.13 26.79 7.09
CA LEU C 112 -15.67 25.98 6.00
C LEU C 112 -15.68 26.76 4.69
N PHE C 113 -15.80 28.09 4.77
CA PHE C 113 -15.85 28.90 3.56
C PHE C 113 -14.58 28.81 2.73
N ASN C 114 -13.44 28.45 3.34
CA ASN C 114 -12.20 28.34 2.57
C ASN C 114 -12.17 27.00 1.85
N ASP C 115 -12.17 25.90 2.60
CA ASP C 115 -12.17 24.57 2.02
C ASP C 115 -13.51 23.87 2.26
N PRO C 116 -14.18 23.43 1.21
CA PRO C 116 -15.46 22.73 1.38
C PRO C 116 -15.22 21.30 1.87
N ASN C 117 -16.32 20.62 2.17
CA ASN C 117 -16.26 19.21 2.54
C ASN C 117 -16.91 18.40 1.43
N PRO C 118 -16.12 17.85 0.49
CA PRO C 118 -16.73 17.12 -0.64
C PRO C 118 -17.58 15.94 -0.20
N ALA C 119 -17.17 15.24 0.85
CA ALA C 119 -18.00 14.17 1.39
C ALA C 119 -19.24 14.77 2.04
N SER C 120 -20.38 14.12 1.80
CA SER C 120 -21.69 14.58 2.26
C SER C 120 -21.93 16.03 1.86
N PRO C 121 -22.15 16.31 0.58
CA PRO C 121 -22.38 17.68 0.14
C PRO C 121 -23.86 18.05 0.15
N ALA C 122 -24.11 19.36 0.12
CA ALA C 122 -25.46 19.90 0.11
C ALA C 122 -25.91 20.34 -1.28
N ASN C 123 -25.06 21.08 -1.99
CA ASN C 123 -25.32 21.49 -3.36
C ASN C 123 -24.50 20.59 -4.26
N VAL C 124 -25.16 19.56 -4.83
CA VAL C 124 -24.44 18.52 -5.55
C VAL C 124 -23.73 19.10 -6.77
N GLU C 125 -24.40 20.00 -7.50
CA GLU C 125 -23.74 20.63 -8.64
C GLU C 125 -22.54 21.46 -8.21
N ALA C 126 -22.62 22.11 -7.05
CA ALA C 126 -21.48 22.85 -6.53
C ALA C 126 -20.32 21.92 -6.21
N ALA C 127 -20.61 20.76 -5.62
CA ALA C 127 -19.56 19.80 -5.31
C ALA C 127 -18.89 19.29 -6.58
N THR C 128 -19.70 18.91 -7.57
CA THR C 128 -19.14 18.42 -8.83
C THR C 128 -18.36 19.52 -9.55
N LEU C 129 -18.79 20.77 -9.39
CA LEU C 129 -18.10 21.89 -10.02
C LEU C 129 -16.79 22.19 -9.31
N PHE C 130 -16.72 21.95 -8.01
CA PHE C 130 -15.49 22.16 -7.27
C PHE C 130 -14.48 21.04 -7.56
N LYS C 131 -14.95 19.79 -7.66
CA LYS C 131 -14.04 18.68 -7.89
C LYS C 131 -13.32 18.83 -9.23
N ASP C 132 -14.04 19.21 -10.27
CA ASP C 132 -13.42 19.46 -11.57
C ASP C 132 -14.25 20.52 -12.30
N HIS C 133 -13.64 21.14 -13.31
CA HIS C 133 -14.24 22.25 -14.04
C HIS C 133 -14.53 23.41 -13.08
N LYS C 134 -13.46 23.98 -12.53
CA LYS C 134 -13.54 25.03 -11.54
C LYS C 134 -14.02 26.36 -12.10
N SER C 135 -14.14 26.50 -13.43
CA SER C 135 -14.46 27.80 -14.02
C SER C 135 -15.79 28.31 -13.52
N GLN C 136 -16.84 27.51 -13.67
CA GLN C 136 -18.16 27.96 -13.25
C GLN C 136 -18.22 28.12 -11.75
N TYR C 137 -17.47 27.31 -10.99
CA TYR C 137 -17.46 27.44 -9.54
C TYR C 137 -16.91 28.79 -9.12
N VAL C 138 -15.72 29.15 -9.63
CA VAL C 138 -15.11 30.41 -9.23
C VAL C 138 -15.94 31.58 -9.72
N LYS C 139 -16.48 31.49 -10.95
CA LYS C 139 -17.31 32.59 -11.46
C LYS C 139 -18.58 32.76 -10.63
N ARG C 140 -19.20 31.65 -10.23
CA ARG C 140 -20.40 31.73 -9.41
C ARG C 140 -20.09 32.25 -8.01
N VAL C 141 -18.94 31.90 -7.45
CA VAL C 141 -18.53 32.47 -6.17
C VAL C 141 -18.36 33.97 -6.30
N LYS C 142 -17.71 34.43 -7.37
CA LYS C 142 -17.50 35.86 -7.56
C LYS C 142 -18.83 36.59 -7.72
N GLU C 143 -19.76 36.02 -8.49
CA GLU C 143 -21.04 36.71 -8.69
C GLU C 143 -21.89 36.67 -7.42
N THR C 144 -21.76 35.61 -6.61
CA THR C 144 -22.45 35.61 -5.32
C THR C 144 -21.88 36.67 -4.38
N VAL C 145 -20.56 36.87 -4.43
CA VAL C 145 -19.96 37.97 -3.68
C VAL C 145 -20.53 39.31 -4.14
N GLU C 146 -20.65 39.49 -5.45
CA GLU C 146 -21.21 40.73 -5.97
C GLU C 146 -22.66 40.92 -5.51
N LYS C 147 -23.46 39.86 -5.56
CA LYS C 147 -24.85 39.96 -5.11
C LYS C 147 -24.93 40.30 -3.62
N SER C 148 -24.09 39.65 -2.80
CA SER C 148 -24.11 39.92 -1.37
C SER C 148 -23.70 41.35 -1.09
N TRP C 149 -22.73 41.88 -1.83
CA TRP C 149 -22.35 43.28 -1.70
C TRP C 149 -23.52 44.19 -2.07
N GLU C 150 -24.20 43.88 -3.18
CA GLU C 150 -25.26 44.74 -3.68
C GLU C 150 -26.48 44.72 -2.77
N ASP C 151 -26.71 43.62 -2.06
CA ASP C 151 -27.94 43.45 -1.28
C ASP C 151 -27.87 44.34 -0.04
N ASP C 152 -28.19 45.61 -0.24
CA ASP C 152 -28.29 46.54 0.89
C ASP C 152 -29.55 46.24 1.69
N MET C 153 -29.38 46.04 2.99
CA MET C 153 -30.48 45.66 3.87
C MET C 153 -30.87 46.84 4.76
N ASP C 154 -32.17 46.94 5.06
CA ASP C 154 -32.66 48.09 5.81
C ASP C 154 -33.59 47.68 6.95
N ASP C 155 -33.44 46.48 7.50
CA ASP C 155 -34.26 46.05 8.62
C ASP C 155 -33.85 46.76 9.91
N MET D 1 9.08 32.05 20.72
CA MET D 1 8.11 32.92 20.06
C MET D 1 6.72 32.61 20.61
N GLN D 2 5.98 33.66 20.97
CA GLN D 2 4.75 33.53 21.75
C GLN D 2 3.54 33.77 20.86
N ILE D 3 2.53 32.91 21.01
CA ILE D 3 1.23 33.08 20.37
C ILE D 3 0.15 32.84 21.42
N PHE D 4 -1.04 33.37 21.13
CA PHE D 4 -2.23 33.09 21.92
C PHE D 4 -3.18 32.18 21.14
N VAL D 5 -3.92 31.36 21.86
CA VAL D 5 -4.90 30.46 21.26
C VAL D 5 -6.17 30.52 22.10
N LYS D 6 -7.30 30.72 21.44
CA LYS D 6 -8.59 30.78 22.11
C LYS D 6 -9.35 29.48 21.83
N THR D 7 -9.86 28.86 22.89
CA THR D 7 -10.56 27.59 22.78
C THR D 7 -11.98 27.84 22.27
N LEU D 8 -12.79 26.79 22.27
CA LEU D 8 -14.15 26.90 21.74
C LEU D 8 -15.01 27.83 22.59
N THR D 9 -14.93 27.71 23.91
CA THR D 9 -15.69 28.61 24.78
C THR D 9 -15.17 30.04 24.69
N GLY D 10 -13.86 30.22 24.69
CA GLY D 10 -13.29 31.55 24.64
C GLY D 10 -12.12 31.73 25.57
N LYS D 11 -11.80 30.70 26.35
CA LYS D 11 -10.67 30.75 27.25
C LYS D 11 -9.37 30.89 26.45
N THR D 12 -8.53 31.84 26.85
CA THR D 12 -7.27 32.08 26.16
C THR D 12 -6.21 31.11 26.65
N ILE D 13 -5.51 30.49 25.71
CA ILE D 13 -4.45 29.54 26.02
C ILE D 13 -3.12 30.20 25.67
N THR D 14 -2.23 30.29 26.64
CA THR D 14 -0.92 30.90 26.44
C THR D 14 0.08 29.83 26.02
N LEU D 15 0.74 30.05 24.90
CA LEU D 15 1.70 29.10 24.37
C LEU D 15 2.97 29.84 23.95
N GLU D 16 4.09 29.11 23.98
CA GLU D 16 5.37 29.60 23.48
C GLU D 16 5.85 28.58 22.46
N VAL D 17 5.65 28.86 21.18
CA VAL D 17 5.84 27.90 20.10
C VAL D 17 6.93 28.41 19.17
N GLU D 18 7.89 27.56 18.85
CA GLU D 18 8.97 27.94 17.95
C GLU D 18 8.41 28.26 16.57
N PRO D 19 9.02 29.22 15.86
CA PRO D 19 8.51 29.57 14.51
C PRO D 19 8.53 28.40 13.54
N SER D 20 9.51 27.51 13.63
CA SER D 20 9.60 26.38 12.73
C SER D 20 8.77 25.19 13.17
N ASP D 21 8.06 25.30 14.30
CA ASP D 21 7.29 24.19 14.81
C ASP D 21 6.10 23.87 13.90
N THR D 22 5.66 22.63 13.94
CA THR D 22 4.56 22.16 13.10
C THR D 22 3.23 22.30 13.82
N ILE D 23 2.15 22.28 13.02
CA ILE D 23 0.82 22.42 13.56
C ILE D 23 0.44 21.22 14.42
N GLU D 24 0.91 20.03 14.06
CA GLU D 24 0.66 18.85 14.88
C GLU D 24 1.25 19.01 16.27
N ASN D 25 2.48 19.53 16.34
CA ASN D 25 3.09 19.80 17.64
C ASN D 25 2.33 20.90 18.38
N VAL D 26 1.77 21.87 17.64
CA VAL D 26 0.97 22.91 18.28
C VAL D 26 -0.26 22.30 18.93
N LYS D 27 -0.94 21.40 18.22
CA LYS D 27 -2.10 20.72 18.80
C LYS D 27 -1.70 19.83 19.96
N ALA D 28 -0.49 19.26 19.90
CA ALA D 28 0.03 18.52 21.04
C ALA D 28 0.19 19.43 22.26
N LYS D 29 0.70 20.64 22.05
CA LYS D 29 0.80 21.60 23.15
C LYS D 29 -0.58 21.99 23.66
N ILE D 30 -1.56 22.10 22.75
CA ILE D 30 -2.93 22.42 23.16
C ILE D 30 -3.48 21.33 24.08
N GLN D 31 -3.31 20.06 23.69
CA GLN D 31 -3.82 18.99 24.52
C GLN D 31 -3.02 18.86 25.81
N ASP D 32 -1.74 19.20 25.78
CA ASP D 32 -0.95 19.23 27.01
C ASP D 32 -1.49 20.27 27.98
N LYS D 33 -1.84 21.47 27.47
CA LYS D 33 -2.34 22.51 28.34
C LYS D 33 -3.75 22.20 28.84
N GLU D 34 -4.60 21.61 27.99
CA GLU D 34 -5.98 21.39 28.33
C GLU D 34 -6.36 19.92 28.41
N GLY D 35 -6.16 19.16 27.34
CA GLY D 35 -6.59 17.76 27.29
C GLY D 35 -7.50 17.40 26.15
N ILE D 36 -7.81 18.32 25.25
CA ILE D 36 -8.62 18.00 24.07
C ILE D 36 -7.74 17.29 23.05
N PRO D 37 -8.11 16.10 22.57
CA PRO D 37 -7.20 15.30 21.73
C PRO D 37 -6.80 16.05 20.47
N PRO D 38 -5.56 15.88 20.02
CA PRO D 38 -5.10 16.63 18.84
C PRO D 38 -5.91 16.34 17.58
N ASP D 39 -6.39 15.11 17.41
CA ASP D 39 -7.17 14.79 16.22
C ASP D 39 -8.57 15.39 16.27
N GLN D 40 -8.97 15.96 17.40
CA GLN D 40 -10.27 16.59 17.55
C GLN D 40 -10.19 18.12 17.42
N GLN D 41 -9.05 18.65 17.00
CA GLN D 41 -8.82 20.09 16.96
C GLN D 41 -8.49 20.55 15.55
N ARG D 42 -9.13 21.63 15.12
CA ARG D 42 -8.72 22.32 13.90
C ARG D 42 -8.41 23.77 14.23
N LEU D 43 -7.24 24.22 13.76
CA LEU D 43 -6.80 25.60 13.95
C LEU D 43 -7.13 26.41 12.72
N ILE D 44 -7.60 27.64 12.93
CA ILE D 44 -7.88 28.57 11.85
C ILE D 44 -7.17 29.89 12.14
N PHE D 45 -6.50 30.42 11.12
CA PHE D 45 -5.83 31.71 11.21
C PHE D 45 -6.34 32.60 10.09
N ALA D 46 -6.88 33.76 10.45
CA ALA D 46 -7.47 34.69 9.49
C ALA D 46 -8.57 34.00 8.67
N GLY D 47 -9.32 33.12 9.31
CA GLY D 47 -10.44 32.46 8.68
C GLY D 47 -10.09 31.27 7.80
N LYS D 48 -8.81 30.93 7.69
CA LYS D 48 -8.37 29.82 6.86
C LYS D 48 -7.81 28.71 7.73
N GLN D 49 -8.10 27.47 7.36
CA GLN D 49 -7.65 26.33 8.14
C GLN D 49 -6.14 26.14 8.04
N LEU D 50 -5.61 25.34 8.95
CA LEU D 50 -4.18 25.03 9.02
C LEU D 50 -4.00 23.53 8.89
N GLU D 51 -3.01 23.13 8.10
CA GLU D 51 -2.70 21.73 7.90
C GLU D 51 -1.44 21.33 8.65
N ASP D 52 -1.33 20.04 8.96
CA ASP D 52 -0.32 19.57 9.89
C ASP D 52 1.10 19.70 9.33
N GLY D 53 1.26 19.55 8.02
CA GLY D 53 2.58 19.44 7.45
C GLY D 53 3.34 20.73 7.21
N ARG D 54 2.77 21.88 7.53
CA ARG D 54 3.45 23.16 7.30
C ARG D 54 3.69 23.87 8.63
N THR D 55 4.80 24.61 8.68
CA THR D 55 5.24 25.27 9.89
C THR D 55 4.42 26.53 10.16
N LEU D 56 4.74 27.20 11.26
CA LEU D 56 4.06 28.44 11.61
C LEU D 56 4.54 29.60 10.76
N SER D 57 5.83 29.63 10.43
CA SER D 57 6.36 30.71 9.60
C SER D 57 5.73 30.69 8.21
N ASP D 58 5.46 29.50 7.67
CA ASP D 58 4.87 29.38 6.35
C ASP D 58 3.43 29.87 6.31
N TYR D 59 2.80 30.09 7.46
CA TYR D 59 1.44 30.60 7.55
C TYR D 59 1.39 32.07 7.95
N ASN D 60 2.53 32.75 7.97
CA ASN D 60 2.61 34.16 8.34
C ASN D 60 2.04 34.39 9.74
N ILE D 61 2.71 33.78 10.73
CA ILE D 61 2.35 33.95 12.13
C ILE D 61 3.41 34.85 12.77
N GLN D 62 2.96 35.95 13.36
CA GLN D 62 3.85 36.89 14.01
C GLN D 62 3.74 36.75 15.53
N LYS D 63 4.47 37.62 16.24
CA LYS D 63 4.46 37.57 17.70
C LYS D 63 3.08 37.86 18.25
N GLU D 64 2.68 37.09 19.26
CA GLU D 64 1.42 37.27 19.97
C GLU D 64 0.22 37.19 19.02
N SER D 65 0.30 36.29 18.05
CA SER D 65 -0.82 36.06 17.15
C SER D 65 -1.92 35.29 17.87
N THR D 66 -3.11 35.29 17.27
CA THR D 66 -4.28 34.62 17.84
C THR D 66 -4.75 33.55 16.88
N LEU D 67 -4.75 32.30 17.33
CA LEU D 67 -5.21 31.16 16.55
C LEU D 67 -6.45 30.58 17.22
N HIS D 68 -7.48 30.32 16.43
CA HIS D 68 -8.77 29.88 16.95
C HIS D 68 -8.96 28.38 16.77
N LEU D 69 -9.91 27.84 17.54
CA LEU D 69 -10.35 26.47 17.41
C LEU D 69 -11.79 26.45 16.92
N VAL D 70 -12.11 25.48 16.07
CA VAL D 70 -13.41 25.42 15.40
C VAL D 70 -13.99 24.02 15.57
N LEU D 71 -15.24 23.87 15.15
CA LEU D 71 -15.93 22.60 15.18
C LEU D 71 -15.52 21.73 14.00
N ARG D 72 -16.22 20.63 13.78
CA ARG D 72 -15.92 19.67 12.73
C ARG D 72 -16.83 19.83 11.52
N LEU D 73 -18.14 19.79 11.72
CA LEU D 73 -19.14 19.87 10.64
C LEU D 73 -18.90 18.78 9.58
N ARG D 74 -18.86 17.53 10.03
CA ARG D 74 -18.66 16.42 9.11
C ARG D 74 -19.95 16.05 8.39
N GLY D 75 -21.07 16.62 8.81
CA GLY D 75 -22.36 16.28 8.23
C GLY D 75 -22.59 16.86 6.84
N ARG E 1 14.71 -16.70 -11.27
CA ARG E 1 13.83 -16.93 -12.41
C ARG E 1 12.40 -17.04 -11.94
N HIS E 2 11.72 -15.90 -11.84
CA HIS E 2 10.33 -15.85 -11.40
C HIS E 2 9.52 -14.98 -12.33
N GLY E 3 8.21 -15.16 -12.29
CA GLY E 3 7.30 -14.37 -13.11
C GLY E 3 7.21 -12.93 -12.66
ZN ZN F . 23.32 -4.77 -8.05
ZN ZN G . 22.62 -19.59 -5.40
ZN ZN H . 26.80 -18.74 -6.03
ZN ZN I . 9.72 -9.51 23.61
ZN ZN J . -10.59 11.20 28.38
ZN ZN K . -23.92 15.49 34.95
ZN ZN L . 16.05 5.57 -5.45
C1 Z3V M . -25.24 18.35 7.78
C2 Z3V M . -25.04 16.92 7.32
C3 Z3V M . -24.19 17.20 5.02
C4 Z3V M . -25.32 16.34 4.47
N1 Z3V M . -23.89 16.80 6.40
S1 Z3V M . -25.69 16.73 2.73
#